data_2K02
#
_entry.id   2K02
#
_cell.length_a   1.000
_cell.length_b   1.000
_cell.length_c   1.000
_cell.angle_alpha   90.00
_cell.angle_beta   90.00
_cell.angle_gamma   90.00
#
_symmetry.space_group_name_H-M   'P 1'
#
_entity_poly.entity_id   1
_entity_poly.type   'polypeptide(L)'
_entity_poly.pdbx_seq_one_letter_code
;MASLMEVRDMLALQGRMEAKQLSARLQTPQPLIDAMLERMEAMGKVVRISETSEGCLSGSCKSCPEGKAACRQEWWALRL
EHHHHHH
;
_entity_poly.pdbx_strand_id   A
#
# COMPACT_ATOMS: atom_id res chain seq x y z
N MET A 1 1.28 12.87 -13.36
CA MET A 1 -0.14 12.43 -13.41
C MET A 1 -0.74 12.37 -12.02
N ALA A 2 -0.16 11.53 -11.16
CA ALA A 2 -0.65 11.37 -9.80
C ALA A 2 0.50 11.10 -8.83
N SER A 3 0.79 12.07 -7.98
CA SER A 3 1.87 11.95 -7.01
C SER A 3 1.34 11.43 -5.67
N LEU A 4 2.25 11.08 -4.77
CA LEU A 4 1.86 10.57 -3.45
C LEU A 4 1.15 11.64 -2.63
N MET A 5 1.27 12.90 -3.05
CA MET A 5 0.63 14.00 -2.35
C MET A 5 -0.87 13.78 -2.24
N GLU A 6 -1.42 13.04 -3.19
CA GLU A 6 -2.85 12.74 -3.20
C GLU A 6 -3.25 11.96 -1.96
N VAL A 7 -2.72 10.76 -1.83
CA VAL A 7 -3.02 9.91 -0.67
C VAL A 7 -2.63 10.62 0.61
N ARG A 8 -1.61 11.46 0.53
CA ARG A 8 -1.13 12.21 1.69
C ARG A 8 -2.26 13.03 2.30
N ASP A 9 -2.91 13.86 1.48
CA ASP A 9 -4.02 14.68 1.95
C ASP A 9 -5.19 13.82 2.40
N MET A 10 -5.56 12.86 1.56
CA MET A 10 -6.67 11.96 1.88
C MET A 10 -6.49 11.36 3.27
N LEU A 11 -5.30 10.85 3.54
CA LEU A 11 -5.00 10.25 4.83
C LEU A 11 -4.83 11.33 5.90
N ALA A 12 -4.45 12.52 5.47
CA ALA A 12 -4.24 13.64 6.38
C ALA A 12 -5.56 14.09 7.00
N LEU A 13 -6.66 13.84 6.30
CA LEU A 13 -7.97 14.21 6.77
C LEU A 13 -8.76 13.00 7.27
N GLN A 14 -8.45 11.83 6.72
CA GLN A 14 -9.11 10.60 7.10
C GLN A 14 -8.41 9.94 8.30
N GLY A 15 -7.20 9.44 8.06
CA GLY A 15 -6.44 8.80 9.12
C GLY A 15 -6.09 7.37 8.80
N ARG A 16 -6.61 6.43 9.59
CA ARG A 16 -6.33 5.02 9.37
C ARG A 16 -7.06 4.51 8.13
N MET A 17 -6.33 4.36 7.04
CA MET A 17 -6.90 3.88 5.79
C MET A 17 -5.85 3.20 4.93
N GLU A 18 -6.30 2.54 3.86
CA GLU A 18 -5.39 1.83 2.96
C GLU A 18 -5.40 2.48 1.59
N ALA A 19 -4.23 2.49 0.94
CA ALA A 19 -4.11 3.09 -0.38
C ALA A 19 -4.63 2.16 -1.47
N LYS A 20 -4.52 0.85 -1.23
CA LYS A 20 -4.99 -0.14 -2.19
C LYS A 20 -6.45 0.09 -2.55
N GLN A 21 -7.21 0.59 -1.57
CA GLN A 21 -8.63 0.87 -1.78
C GLN A 21 -8.82 1.90 -2.88
N LEU A 22 -8.09 3.01 -2.79
CA LEU A 22 -8.18 4.07 -3.78
C LEU A 22 -7.71 3.58 -5.14
N SER A 23 -6.50 3.03 -5.18
CA SER A 23 -5.92 2.52 -6.42
C SER A 23 -6.87 1.54 -7.10
N ALA A 24 -7.50 0.69 -6.31
CA ALA A 24 -8.43 -0.30 -6.84
C ALA A 24 -9.61 0.38 -7.53
N ARG A 25 -10.19 1.37 -6.87
CA ARG A 25 -11.32 2.10 -7.42
C ARG A 25 -10.97 2.76 -8.75
N LEU A 26 -9.67 2.90 -9.02
CA LEU A 26 -9.21 3.50 -10.27
C LEU A 26 -8.43 2.50 -11.12
N GLN A 27 -8.44 1.23 -10.73
CA GLN A 27 -7.74 0.19 -11.47
C GLN A 27 -6.24 0.48 -11.55
N THR A 28 -5.76 1.32 -10.63
CA THR A 28 -4.34 1.67 -10.61
C THR A 28 -3.50 0.51 -10.07
N PRO A 29 -2.34 0.24 -10.70
CA PRO A 29 -1.46 -0.84 -10.27
C PRO A 29 -1.26 -0.88 -8.76
N GLN A 30 -1.46 -2.05 -8.17
CA GLN A 30 -1.32 -2.21 -6.73
C GLN A 30 0.16 -2.30 -6.32
N PRO A 31 0.97 -3.09 -7.05
CA PRO A 31 2.40 -3.23 -6.74
C PRO A 31 3.09 -1.89 -6.57
N LEU A 32 2.60 -0.88 -7.29
CA LEU A 32 3.18 0.46 -7.21
C LEU A 32 2.82 1.12 -5.89
N ILE A 33 1.56 0.98 -5.48
CA ILE A 33 1.09 1.57 -4.23
C ILE A 33 2.04 1.24 -3.08
N ASP A 34 2.50 0.00 -3.03
CA ASP A 34 3.42 -0.44 -1.99
C ASP A 34 4.58 0.54 -1.86
N ALA A 35 5.09 1.00 -2.99
CA ALA A 35 6.20 1.95 -3.01
C ALA A 35 5.69 3.36 -2.75
N MET A 36 4.43 3.59 -3.10
CA MET A 36 3.82 4.91 -2.90
C MET A 36 3.86 5.29 -1.43
N LEU A 37 3.30 4.44 -0.58
CA LEU A 37 3.29 4.69 0.86
C LEU A 37 4.68 4.47 1.44
N GLU A 38 5.32 3.37 1.06
CA GLU A 38 6.66 3.05 1.53
C GLU A 38 7.59 4.24 1.31
N ARG A 39 7.51 4.81 0.10
CA ARG A 39 8.35 5.96 -0.24
C ARG A 39 7.93 7.19 0.57
N MET A 40 6.62 7.32 0.79
CA MET A 40 6.10 8.44 1.56
C MET A 40 6.61 8.40 2.99
N GLU A 41 6.48 7.23 3.63
CA GLU A 41 6.93 7.05 5.01
C GLU A 41 8.45 6.90 5.06
N ALA A 42 9.06 6.59 3.92
CA ALA A 42 10.51 6.41 3.85
C ALA A 42 11.25 7.57 4.50
N MET A 43 10.61 8.74 4.53
CA MET A 43 11.22 9.92 5.13
C MET A 43 10.95 9.97 6.63
N GLY A 44 9.85 9.35 7.04
CA GLY A 44 9.49 9.32 8.44
C GLY A 44 8.17 10.01 8.73
N LYS A 45 7.09 9.50 8.13
CA LYS A 45 5.77 10.08 8.33
C LYS A 45 5.18 9.64 9.66
N VAL A 46 4.63 8.43 9.70
CA VAL A 46 4.03 7.92 10.93
C VAL A 46 4.06 6.39 10.97
N VAL A 47 3.10 5.74 10.30
CA VAL A 47 3.04 4.29 10.27
C VAL A 47 2.51 3.76 8.94
N ARG A 48 2.93 2.56 8.57
CA ARG A 48 2.50 1.94 7.33
C ARG A 48 2.41 0.42 7.50
N ILE A 49 1.34 -0.17 6.95
CA ILE A 49 1.13 -1.61 7.04
C ILE A 49 1.20 -2.26 5.67
N SER A 50 2.29 -3.00 5.42
CA SER A 50 2.47 -3.67 4.14
C SER A 50 1.90 -5.09 4.18
N GLU A 51 1.16 -5.44 3.14
CA GLU A 51 0.56 -6.77 3.04
C GLU A 51 0.71 -7.33 1.63
N THR A 52 0.88 -8.65 1.53
CA THR A 52 1.04 -9.30 0.25
C THR A 52 0.01 -10.41 0.06
N SER A 53 -0.36 -10.66 -1.20
CA SER A 53 -1.34 -11.70 -1.51
C SER A 53 -0.90 -12.51 -2.72
N GLU A 54 -0.84 -13.83 -2.55
CA GLU A 54 -0.44 -14.72 -3.63
C GLU A 54 -1.13 -16.08 -3.51
N GLY A 55 -0.79 -16.99 -4.42
CA GLY A 55 -1.39 -18.31 -4.39
C GLY A 55 -0.65 -19.30 -5.27
N CYS A 56 0.67 -19.32 -5.13
CA CYS A 56 1.50 -20.24 -5.92
C CYS A 56 2.51 -20.96 -5.04
N LEU A 57 3.46 -20.20 -4.50
CA LEU A 57 4.49 -20.77 -3.62
C LEU A 57 3.91 -21.11 -2.26
N SER A 58 4.02 -22.39 -1.89
CA SER A 58 3.52 -22.85 -0.60
C SER A 58 4.52 -22.60 0.51
N GLY A 59 5.81 -22.69 0.18
CA GLY A 59 6.85 -22.46 1.16
C GLY A 59 6.89 -21.03 1.63
N SER A 60 7.02 -20.09 0.69
CA SER A 60 7.07 -18.68 1.00
C SER A 60 5.69 -18.05 0.87
N CYS A 61 5.01 -17.85 1.98
CA CYS A 61 3.68 -17.26 1.99
C CYS A 61 3.49 -16.33 3.19
N LYS A 62 3.81 -16.83 4.37
CA LYS A 62 3.69 -16.04 5.59
C LYS A 62 5.04 -15.50 6.03
N SER A 63 6.02 -16.39 6.16
CA SER A 63 7.37 -16.01 6.57
C SER A 63 8.13 -15.38 5.42
N CYS A 64 8.91 -14.35 5.72
CA CYS A 64 9.69 -13.66 4.70
C CYS A 64 11.18 -13.95 4.89
N PRO A 65 11.71 -14.94 4.16
CA PRO A 65 13.13 -15.33 4.23
C PRO A 65 14.04 -14.29 3.58
N GLU A 66 13.56 -13.70 2.49
CA GLU A 66 14.34 -12.70 1.76
C GLU A 66 13.75 -11.31 1.97
N GLY A 67 12.44 -11.19 1.77
CA GLY A 67 11.77 -9.92 1.93
C GLY A 67 11.06 -9.47 0.66
N LYS A 68 11.74 -9.61 -0.47
CA LYS A 68 11.17 -9.22 -1.76
C LYS A 68 9.92 -10.05 -2.07
N ALA A 69 8.95 -9.42 -2.71
CA ALA A 69 7.71 -10.08 -3.07
C ALA A 69 7.12 -9.51 -4.35
N ALA A 70 6.56 -10.38 -5.18
CA ALA A 70 5.96 -9.96 -6.45
C ALA A 70 4.52 -9.47 -6.24
N CYS A 71 4.27 -8.21 -6.60
CA CYS A 71 2.95 -7.62 -6.46
C CYS A 71 2.56 -7.51 -5.00
N ARG A 72 2.68 -6.32 -4.43
CA ARG A 72 2.34 -6.08 -3.04
C ARG A 72 1.72 -4.70 -2.85
N GLN A 73 1.05 -4.51 -1.73
CA GLN A 73 0.40 -3.24 -1.41
C GLN A 73 0.35 -3.02 0.09
N GLU A 74 0.61 -1.79 0.52
CA GLU A 74 0.58 -1.46 1.95
C GLU A 74 -0.52 -0.45 2.27
N TRP A 75 -0.72 -0.20 3.56
CA TRP A 75 -1.72 0.75 4.01
C TRP A 75 -1.07 1.91 4.75
N TRP A 76 -1.75 3.04 4.79
CA TRP A 76 -1.22 4.23 5.46
C TRP A 76 -1.99 4.50 6.75
N ALA A 77 -1.26 4.80 7.81
CA ALA A 77 -1.87 5.08 9.11
C ALA A 77 -1.06 6.09 9.92
N LEU A 78 -1.77 6.91 10.67
CA LEU A 78 -1.13 7.94 11.50
C LEU A 78 -1.25 7.58 12.98
N ARG A 79 -0.81 8.50 13.84
CA ARG A 79 -0.87 8.28 15.28
C ARG A 79 -2.17 8.85 15.86
N MET A 1 -1.34 10.66 -14.42
CA MET A 1 -0.31 10.58 -13.36
C MET A 1 -0.94 10.56 -11.97
N ALA A 2 -0.48 9.64 -11.13
CA ALA A 2 -1.01 9.52 -9.77
C ALA A 2 0.12 9.38 -8.76
N SER A 3 0.43 10.49 -8.08
CA SER A 3 1.50 10.49 -7.08
C SER A 3 0.95 10.21 -5.69
N LEU A 4 1.82 10.21 -4.69
CA LEU A 4 1.41 9.96 -3.31
C LEU A 4 0.75 11.19 -2.69
N MET A 5 0.98 12.35 -3.30
CA MET A 5 0.40 13.59 -2.80
C MET A 5 -1.11 13.45 -2.63
N GLU A 6 -1.74 12.72 -3.54
CA GLU A 6 -3.18 12.50 -3.50
C GLU A 6 -3.56 11.74 -2.24
N VAL A 7 -3.08 10.51 -2.12
CA VAL A 7 -3.37 9.69 -0.95
C VAL A 7 -2.97 10.43 0.32
N ARG A 8 -1.91 11.23 0.22
CA ARG A 8 -1.42 12.00 1.35
C ARG A 8 -2.51 12.93 1.89
N ASP A 9 -3.16 13.67 0.99
CA ASP A 9 -4.22 14.60 1.37
C ASP A 9 -5.41 13.83 1.95
N MET A 10 -5.80 12.76 1.28
CA MET A 10 -6.93 11.95 1.73
C MET A 10 -6.76 11.55 3.20
N LEU A 11 -5.68 10.82 3.48
CA LEU A 11 -5.41 10.39 4.85
C LEU A 11 -5.19 11.59 5.76
N ALA A 12 -4.38 12.53 5.31
CA ALA A 12 -4.09 13.73 6.09
C ALA A 12 -5.37 14.41 6.56
N LEU A 13 -6.45 14.16 5.83
CA LEU A 13 -7.75 14.75 6.17
C LEU A 13 -8.68 13.70 6.77
N GLN A 14 -8.46 12.45 6.41
CA GLN A 14 -9.29 11.35 6.92
C GLN A 14 -8.71 10.77 8.20
N GLY A 15 -7.65 9.99 8.07
CA GLY A 15 -7.02 9.38 9.24
C GLY A 15 -6.16 8.19 8.87
N ARG A 16 -6.59 7.00 9.29
CA ARG A 16 -5.85 5.77 9.00
C ARG A 16 -6.60 4.91 8.01
N MET A 17 -5.97 4.62 6.88
CA MET A 17 -6.59 3.79 5.84
C MET A 17 -5.54 3.19 4.91
N GLU A 18 -5.99 2.35 4.00
CA GLU A 18 -5.10 1.69 3.04
C GLU A 18 -5.27 2.29 1.65
N ALA A 19 -4.19 2.34 0.89
CA ALA A 19 -4.21 2.88 -0.47
C ALA A 19 -4.68 1.84 -1.48
N LYS A 20 -4.56 0.56 -1.13
CA LYS A 20 -4.97 -0.52 -2.03
C LYS A 20 -6.38 -0.28 -2.54
N GLN A 21 -7.26 0.18 -1.66
CA GLN A 21 -8.64 0.45 -2.04
C GLN A 21 -8.72 1.61 -3.03
N LEU A 22 -8.08 2.71 -2.69
CA LEU A 22 -8.06 3.89 -3.55
C LEU A 22 -7.51 3.54 -4.93
N SER A 23 -6.42 2.80 -4.94
CA SER A 23 -5.79 2.38 -6.20
C SER A 23 -6.76 1.56 -7.04
N ALA A 24 -7.54 0.72 -6.38
CA ALA A 24 -8.52 -0.13 -7.06
C ALA A 24 -9.73 0.69 -7.49
N ARG A 25 -10.18 1.58 -6.61
CA ARG A 25 -11.34 2.42 -6.91
C ARG A 25 -11.15 3.17 -8.21
N LEU A 26 -9.90 3.49 -8.53
CA LEU A 26 -9.58 4.21 -9.76
C LEU A 26 -8.61 3.41 -10.63
N GLN A 27 -8.43 2.13 -10.32
CA GLN A 27 -7.53 1.28 -11.08
C GLN A 27 -6.12 1.86 -11.12
N THR A 28 -5.21 1.21 -10.41
CA THR A 28 -3.82 1.66 -10.37
C THR A 28 -2.88 0.52 -10.00
N PRO A 29 -1.72 0.42 -10.66
CA PRO A 29 -0.75 -0.65 -10.39
C PRO A 29 -0.45 -0.79 -8.90
N GLN A 30 -0.94 -1.88 -8.32
CA GLN A 30 -0.72 -2.14 -6.90
C GLN A 30 0.76 -2.10 -6.54
N PRO A 31 1.63 -2.73 -7.35
CA PRO A 31 3.07 -2.74 -7.10
C PRO A 31 3.60 -1.37 -6.70
N LEU A 32 3.11 -0.35 -7.38
CA LEU A 32 3.53 1.02 -7.09
C LEU A 32 2.93 1.52 -5.78
N ILE A 33 1.67 1.15 -5.53
CA ILE A 33 0.98 1.55 -4.31
C ILE A 33 1.85 1.30 -3.08
N ASP A 34 2.26 0.05 -2.91
CA ASP A 34 3.10 -0.32 -1.76
C ASP A 34 4.32 0.59 -1.67
N ALA A 35 4.98 0.79 -2.80
CA ALA A 35 6.17 1.64 -2.84
C ALA A 35 5.79 3.11 -2.65
N MET A 36 4.56 3.44 -3.03
CA MET A 36 4.07 4.81 -2.90
C MET A 36 4.02 5.20 -1.43
N LEU A 37 3.32 4.39 -0.65
CA LEU A 37 3.18 4.64 0.78
C LEU A 37 4.53 4.48 1.46
N GLU A 38 5.19 3.36 1.21
CA GLU A 38 6.51 3.09 1.80
C GLU A 38 7.45 4.27 1.60
N ARG A 39 7.43 4.83 0.39
CA ARG A 39 8.29 5.97 0.06
C ARG A 39 7.92 7.18 0.92
N MET A 40 6.62 7.43 1.03
CA MET A 40 6.14 8.56 1.82
C MET A 40 6.61 8.45 3.27
N GLU A 41 6.56 7.25 3.82
CA GLU A 41 6.99 7.01 5.19
C GLU A 41 8.50 6.77 5.25
N ALA A 42 9.08 6.36 4.13
CA ALA A 42 10.51 6.11 4.06
C ALA A 42 11.30 7.29 4.60
N MET A 43 10.69 8.48 4.55
CA MET A 43 11.33 9.69 5.05
C MET A 43 11.13 9.83 6.56
N GLY A 44 10.05 9.20 7.06
CA GLY A 44 9.76 9.26 8.47
C GLY A 44 8.45 9.95 8.76
N LYS A 45 7.36 9.40 8.23
CA LYS A 45 6.04 9.99 8.45
C LYS A 45 5.43 9.50 9.76
N VAL A 46 5.02 8.23 9.78
CA VAL A 46 4.42 7.65 10.99
C VAL A 46 4.59 6.13 11.02
N VAL A 47 3.58 5.40 10.51
CA VAL A 47 3.65 3.94 10.49
C VAL A 47 2.85 3.38 9.31
N ARG A 48 3.24 2.19 8.87
CA ARG A 48 2.57 1.54 7.75
C ARG A 48 2.60 0.01 7.88
N ILE A 49 1.73 -0.66 7.13
CA ILE A 49 1.66 -2.11 7.15
C ILE A 49 1.60 -2.67 5.74
N SER A 50 2.66 -3.36 5.33
CA SER A 50 2.71 -3.93 3.98
C SER A 50 2.07 -5.32 3.94
N GLU A 51 1.15 -5.49 2.99
CA GLU A 51 0.45 -6.76 2.81
C GLU A 51 0.32 -7.08 1.33
N THR A 52 0.22 -8.38 1.01
CA THR A 52 0.09 -8.82 -0.37
C THR A 52 -1.33 -9.30 -0.67
N SER A 53 -1.64 -9.47 -1.94
CA SER A 53 -2.96 -9.93 -2.36
C SER A 53 -3.20 -11.36 -1.92
N GLU A 54 -4.34 -11.60 -1.26
CA GLU A 54 -4.70 -12.93 -0.78
C GLU A 54 -6.22 -13.10 -0.74
N GLY A 55 -6.73 -13.98 -1.58
CA GLY A 55 -8.16 -14.23 -1.60
C GLY A 55 -8.72 -14.24 -3.02
N CYS A 56 -8.11 -13.45 -3.90
CA CYS A 56 -8.55 -13.38 -5.29
C CYS A 56 -7.89 -14.46 -6.13
N LEU A 57 -6.56 -14.42 -6.21
CA LEU A 57 -5.81 -15.40 -6.99
C LEU A 57 -5.64 -16.70 -6.21
N SER A 58 -5.73 -17.81 -6.92
CA SER A 58 -5.58 -19.13 -6.28
C SER A 58 -4.19 -19.69 -6.51
N GLY A 59 -3.56 -19.29 -7.61
CA GLY A 59 -2.22 -19.76 -7.92
C GLY A 59 -1.18 -19.24 -6.94
N SER A 60 -0.69 -18.03 -7.20
CA SER A 60 0.31 -17.41 -6.34
C SER A 60 -0.36 -16.66 -5.19
N CYS A 61 0.03 -17.00 -3.96
CA CYS A 61 -0.53 -16.34 -2.78
C CYS A 61 0.58 -15.80 -1.88
N LYS A 62 1.27 -16.70 -1.21
CA LYS A 62 2.36 -16.32 -0.31
C LYS A 62 3.71 -16.51 -0.99
N SER A 63 3.90 -17.66 -1.63
CA SER A 63 5.15 -17.96 -2.32
C SER A 63 4.92 -18.99 -3.43
N CYS A 64 5.29 -18.62 -4.65
CA CYS A 64 5.13 -19.51 -5.80
C CYS A 64 6.38 -19.51 -6.67
N PRO A 65 6.81 -20.69 -7.15
CA PRO A 65 8.00 -20.81 -8.00
C PRO A 65 7.93 -19.92 -9.23
N GLU A 66 6.88 -20.10 -10.03
CA GLU A 66 6.69 -19.32 -11.24
C GLU A 66 6.36 -17.86 -10.91
N GLY A 67 5.52 -17.68 -9.90
CA GLY A 67 5.13 -16.33 -9.49
C GLY A 67 4.24 -15.66 -10.52
N LYS A 68 2.93 -15.90 -10.40
CA LYS A 68 1.97 -15.31 -11.33
C LYS A 68 1.78 -13.82 -11.04
N ALA A 69 2.25 -12.99 -11.96
CA ALA A 69 2.13 -11.54 -11.81
C ALA A 69 2.71 -11.08 -10.48
N ALA A 70 2.51 -9.80 -10.16
CA ALA A 70 3.01 -9.23 -8.92
C ALA A 70 2.20 -8.01 -8.50
N CYS A 71 1.68 -8.04 -7.27
CA CYS A 71 0.89 -6.93 -6.75
C CYS A 71 1.06 -6.81 -5.23
N ARG A 72 1.48 -5.65 -4.78
CA ARG A 72 1.69 -5.42 -3.35
C ARG A 72 1.17 -4.03 -2.94
N GLN A 73 0.57 -3.98 -1.75
CA GLN A 73 0.04 -2.72 -1.22
C GLN A 73 0.14 -2.70 0.29
N GLU A 74 0.48 -1.53 0.85
CA GLU A 74 0.60 -1.40 2.30
C GLU A 74 -0.43 -0.44 2.87
N TRP A 75 -0.50 -0.38 4.19
CA TRP A 75 -1.45 0.50 4.87
C TRP A 75 -0.75 1.74 5.41
N TRP A 76 -1.40 2.89 5.29
CA TRP A 76 -0.83 4.14 5.78
C TRP A 76 -1.63 4.68 6.96
N ALA A 77 -0.97 4.85 8.10
CA ALA A 77 -1.63 5.35 9.29
C ALA A 77 -0.66 6.10 10.19
N LEU A 78 -1.21 6.85 11.15
CA LEU A 78 -0.40 7.62 12.08
C LEU A 78 -0.26 6.90 13.41
N ARG A 79 0.53 7.46 14.30
CA ARG A 79 0.76 6.86 15.62
C ARG A 79 -0.55 6.75 16.39
N MET A 1 -1.42 10.83 -13.84
CA MET A 1 -0.35 10.12 -13.11
C MET A 1 -0.66 10.05 -11.62
N ALA A 2 -0.48 8.87 -11.03
CA ALA A 2 -0.75 8.66 -9.62
C ALA A 2 0.43 9.11 -8.76
N SER A 3 0.13 9.81 -7.68
CA SER A 3 1.18 10.30 -6.77
C SER A 3 0.75 10.14 -5.32
N LEU A 4 1.74 10.02 -4.43
CA LEU A 4 1.46 9.85 -3.00
C LEU A 4 0.75 11.08 -2.44
N MET A 5 0.93 12.22 -3.10
CA MET A 5 0.30 13.46 -2.66
C MET A 5 -1.21 13.31 -2.55
N GLU A 6 -1.79 12.58 -3.50
CA GLU A 6 -3.24 12.36 -3.51
C GLU A 6 -3.69 11.67 -2.23
N VAL A 7 -3.21 10.45 -2.02
CA VAL A 7 -3.58 9.68 -0.83
C VAL A 7 -3.10 10.40 0.43
N ARG A 8 -2.02 11.16 0.29
CA ARG A 8 -1.45 11.90 1.41
C ARG A 8 -2.51 12.78 2.07
N ASP A 9 -3.08 13.70 1.30
CA ASP A 9 -4.10 14.61 1.81
C ASP A 9 -5.39 13.86 2.13
N MET A 10 -5.84 13.04 1.17
CA MET A 10 -7.07 12.26 1.33
C MET A 10 -7.13 11.59 2.71
N LEU A 11 -6.05 10.91 3.08
CA LEU A 11 -5.98 10.23 4.37
C LEU A 11 -5.62 11.20 5.49
N ALA A 12 -4.80 12.19 5.16
CA ALA A 12 -4.37 13.18 6.14
C ALA A 12 -5.57 13.81 6.84
N LEU A 13 -6.70 13.84 6.13
CA LEU A 13 -7.93 14.41 6.67
C LEU A 13 -8.59 13.45 7.64
N GLN A 14 -8.31 12.16 7.50
CA GLN A 14 -8.89 11.14 8.36
C GLN A 14 -7.80 10.42 9.16
N GLY A 15 -7.01 9.60 8.47
CA GLY A 15 -5.96 8.85 9.14
C GLY A 15 -6.28 7.39 9.27
N ARG A 16 -5.24 6.55 9.33
CA ARG A 16 -5.42 5.12 9.45
C ARG A 16 -6.29 4.57 8.32
N MET A 17 -5.66 4.26 7.19
CA MET A 17 -6.38 3.74 6.04
C MET A 17 -5.42 2.97 5.11
N GLU A 18 -5.97 2.36 4.08
CA GLU A 18 -5.17 1.60 3.12
C GLU A 18 -5.33 2.17 1.72
N ALA A 19 -4.20 2.35 1.03
CA ALA A 19 -4.20 2.89 -0.32
C ALA A 19 -4.77 1.89 -1.32
N LYS A 20 -4.85 0.62 -0.93
CA LYS A 20 -5.38 -0.41 -1.81
C LYS A 20 -6.75 -0.01 -2.35
N GLN A 21 -7.59 0.54 -1.49
CA GLN A 21 -8.92 0.97 -1.88
C GLN A 21 -8.85 2.14 -2.86
N LEU A 22 -8.12 3.18 -2.48
CA LEU A 22 -7.96 4.36 -3.32
C LEU A 22 -7.30 4.00 -4.65
N SER A 23 -6.28 3.16 -4.58
CA SER A 23 -5.57 2.73 -5.78
C SER A 23 -6.47 1.90 -6.68
N ALA A 24 -7.38 1.16 -6.05
CA ALA A 24 -8.31 0.31 -6.80
C ALA A 24 -9.51 1.13 -7.30
N ARG A 25 -9.89 2.13 -6.52
CA ARG A 25 -11.02 2.99 -6.88
C ARG A 25 -10.78 3.65 -8.23
N LEU A 26 -9.52 3.82 -8.58
CA LEU A 26 -9.14 4.44 -9.85
C LEU A 26 -8.26 3.52 -10.69
N GLN A 27 -8.19 2.24 -10.29
CA GLN A 27 -7.37 1.27 -11.01
C GLN A 27 -5.91 1.71 -11.07
N THR A 28 -5.06 0.98 -10.35
CA THR A 28 -3.63 1.29 -10.31
C THR A 28 -2.82 0.06 -9.87
N PRO A 29 -1.66 -0.16 -10.51
CA PRO A 29 -0.79 -1.29 -10.19
C PRO A 29 -0.53 -1.41 -8.69
N GLN A 30 -0.63 -2.63 -8.17
CA GLN A 30 -0.41 -2.89 -6.76
C GLN A 30 1.06 -2.76 -6.36
N PRO A 31 1.98 -3.32 -7.18
CA PRO A 31 3.42 -3.26 -6.89
C PRO A 31 3.92 -1.82 -6.78
N LEU A 32 3.14 -0.87 -7.29
CA LEU A 32 3.51 0.53 -7.24
C LEU A 32 3.05 1.19 -5.94
N ILE A 33 1.78 0.99 -5.60
CA ILE A 33 1.21 1.56 -4.38
C ILE A 33 2.11 1.32 -3.18
N ASP A 34 2.58 0.08 -3.02
CA ASP A 34 3.44 -0.27 -1.90
C ASP A 34 4.60 0.71 -1.80
N ALA A 35 5.10 1.15 -2.94
CA ALA A 35 6.21 2.11 -2.98
C ALA A 35 5.71 3.52 -2.70
N MET A 36 4.44 3.75 -3.02
CA MET A 36 3.84 5.07 -2.80
C MET A 36 3.86 5.41 -1.32
N LEU A 37 3.27 4.55 -0.52
CA LEU A 37 3.23 4.75 0.93
C LEU A 37 4.62 4.56 1.51
N GLU A 38 5.28 3.46 1.12
CA GLU A 38 6.62 3.18 1.60
C GLU A 38 7.53 4.39 1.35
N ARG A 39 7.39 4.98 0.17
CA ARG A 39 8.18 6.15 -0.18
C ARG A 39 7.92 7.29 0.79
N MET A 40 6.63 7.54 1.04
CA MET A 40 6.22 8.59 1.96
C MET A 40 6.77 8.29 3.36
N GLU A 41 6.95 7.01 3.65
CA GLU A 41 7.46 6.57 4.94
C GLU A 41 9.00 6.56 4.94
N ALA A 42 9.57 6.48 3.74
CA ALA A 42 11.02 6.46 3.59
C ALA A 42 11.66 7.61 4.36
N MET A 43 10.89 8.67 4.59
CA MET A 43 11.37 9.82 5.33
C MET A 43 11.01 9.70 6.80
N GLY A 44 9.97 8.94 7.09
CA GLY A 44 9.54 8.76 8.46
C GLY A 44 8.32 9.59 8.82
N LYS A 45 7.23 9.38 8.09
CA LYS A 45 6.00 10.13 8.33
C LYS A 45 5.30 9.62 9.57
N VAL A 46 4.90 8.34 9.56
CA VAL A 46 4.21 7.75 10.71
C VAL A 46 4.40 6.23 10.74
N VAL A 47 3.44 5.48 10.15
CA VAL A 47 3.53 4.03 10.12
C VAL A 47 2.81 3.46 8.91
N ARG A 48 3.29 2.32 8.42
CA ARG A 48 2.68 1.68 7.26
C ARG A 48 2.50 0.18 7.49
N ILE A 49 1.61 -0.44 6.71
CA ILE A 49 1.35 -1.86 6.83
C ILE A 49 1.31 -2.53 5.45
N SER A 50 2.43 -3.13 5.07
CA SER A 50 2.54 -3.80 3.78
C SER A 50 1.94 -5.21 3.84
N GLU A 51 0.90 -5.42 3.04
CA GLU A 51 0.24 -6.71 2.99
C GLU A 51 0.08 -7.20 1.55
N THR A 52 0.02 -8.52 1.38
CA THR A 52 -0.12 -9.11 0.05
C THR A 52 -1.31 -10.06 0.00
N SER A 53 -1.93 -10.17 -1.17
CA SER A 53 -3.07 -11.05 -1.35
C SER A 53 -2.63 -12.45 -1.77
N GLU A 54 -2.94 -13.43 -0.93
CA GLU A 54 -2.57 -14.82 -1.22
C GLU A 54 -3.78 -15.61 -1.73
N GLY A 55 -4.94 -15.36 -1.13
CA GLY A 55 -6.14 -16.06 -1.53
C GLY A 55 -7.02 -16.45 -0.34
N CYS A 56 -6.83 -17.67 0.14
CA CYS A 56 -7.60 -18.16 1.28
C CYS A 56 -7.34 -17.29 2.51
N LEU A 57 -6.08 -17.20 2.91
CA LEU A 57 -5.69 -16.40 4.07
C LEU A 57 -6.40 -16.89 5.32
N SER A 58 -5.63 -17.50 6.22
CA SER A 58 -6.17 -18.02 7.47
C SER A 58 -5.96 -17.03 8.62
N GLY A 59 -5.78 -15.76 8.27
CA GLY A 59 -5.57 -14.74 9.28
C GLY A 59 -4.12 -14.63 9.69
N SER A 60 -3.22 -15.06 8.83
CA SER A 60 -1.79 -15.00 9.11
C SER A 60 -1.33 -13.55 9.28
N CYS A 61 -1.92 -12.66 8.49
CA CYS A 61 -1.57 -11.24 8.54
C CYS A 61 -0.12 -11.02 8.12
N LYS A 62 0.80 -11.33 9.02
CA LYS A 62 2.23 -11.17 8.74
C LYS A 62 2.80 -12.43 8.10
N SER A 63 3.50 -12.24 6.99
CA SER A 63 4.11 -13.35 6.27
C SER A 63 5.62 -13.15 6.11
N CYS A 64 6.31 -14.18 5.65
CA CYS A 64 7.75 -14.11 5.45
C CYS A 64 8.10 -13.18 4.29
N PRO A 65 9.35 -12.67 4.28
CA PRO A 65 9.81 -11.75 3.22
C PRO A 65 9.72 -12.39 1.84
N GLU A 66 9.78 -13.71 1.80
CA GLU A 66 9.72 -14.45 0.54
C GLU A 66 10.96 -14.21 -0.29
N GLY A 67 11.18 -12.96 -0.69
CA GLY A 67 12.35 -12.62 -1.48
C GLY A 67 11.99 -11.88 -2.76
N LYS A 68 10.82 -12.18 -3.30
CA LYS A 68 10.36 -11.54 -4.53
C LYS A 68 9.32 -10.47 -4.22
N ALA A 69 9.40 -9.36 -4.96
CA ALA A 69 8.47 -8.25 -4.77
C ALA A 69 7.02 -8.72 -4.88
N ALA A 70 6.61 -9.08 -6.09
CA ALA A 70 5.26 -9.55 -6.33
C ALA A 70 4.23 -8.47 -5.99
N CYS A 71 3.03 -8.61 -6.54
CA CYS A 71 1.96 -7.66 -6.27
C CYS A 71 1.79 -7.44 -4.77
N ARG A 72 2.16 -6.24 -4.30
CA ARG A 72 2.04 -5.92 -2.89
C ARG A 72 1.55 -4.49 -2.69
N GLN A 73 0.72 -4.28 -1.67
CA GLN A 73 0.18 -2.96 -1.36
C GLN A 73 0.09 -2.77 0.15
N GLU A 74 0.61 -1.65 0.63
CA GLU A 74 0.59 -1.36 2.06
C GLU A 74 -0.48 -0.34 2.42
N TRP A 75 -0.68 -0.12 3.72
CA TRP A 75 -1.67 0.83 4.20
C TRP A 75 -0.99 1.99 4.92
N TRP A 76 -1.56 3.18 4.80
CA TRP A 76 -0.99 4.36 5.44
C TRP A 76 -1.76 4.69 6.72
N ALA A 77 -1.02 4.88 7.81
CA ALA A 77 -1.64 5.20 9.10
C ALA A 77 -0.77 6.17 9.90
N LEU A 78 -1.42 7.05 10.66
CA LEU A 78 -0.72 8.02 11.47
C LEU A 78 -0.74 7.63 12.94
N ARG A 79 -0.19 8.49 13.79
CA ARG A 79 -0.15 8.23 15.23
C ARG A 79 -1.56 8.27 15.82
N MET A 1 -2.17 7.50 -13.73
CA MET A 1 -1.08 8.17 -12.97
C MET A 1 -1.59 8.66 -11.62
N ALA A 2 -0.81 8.41 -10.57
CA ALA A 2 -1.18 8.84 -9.23
C ALA A 2 0.03 8.83 -8.30
N SER A 3 0.31 9.98 -7.70
CA SER A 3 1.44 10.10 -6.79
C SER A 3 0.98 10.00 -5.33
N LEU A 4 1.94 10.03 -4.41
CA LEU A 4 1.62 9.93 -2.98
C LEU A 4 0.96 11.21 -2.47
N MET A 5 1.06 12.29 -3.25
CA MET A 5 0.47 13.56 -2.87
C MET A 5 -1.03 13.42 -2.61
N GLU A 6 -1.71 12.69 -3.49
CA GLU A 6 -3.14 12.50 -3.35
C GLU A 6 -3.49 11.75 -2.07
N VAL A 7 -3.02 10.50 -1.99
CA VAL A 7 -3.28 9.68 -0.81
C VAL A 7 -2.73 10.34 0.45
N ARG A 8 -1.70 11.17 0.27
CA ARG A 8 -1.09 11.88 1.38
C ARG A 8 -2.10 12.79 2.07
N ASP A 9 -2.66 13.72 1.31
CA ASP A 9 -3.64 14.65 1.85
C ASP A 9 -4.97 13.96 2.16
N MET A 10 -5.50 13.25 1.18
CA MET A 10 -6.77 12.55 1.35
C MET A 10 -6.84 11.80 2.67
N LEU A 11 -5.79 11.04 2.98
CA LEU A 11 -5.75 10.28 4.23
C LEU A 11 -5.31 11.15 5.41
N ALA A 12 -4.41 12.10 5.13
CA ALA A 12 -3.92 13.00 6.17
C ALA A 12 -5.07 13.73 6.86
N LEU A 13 -6.19 13.84 6.16
CA LEU A 13 -7.37 14.52 6.70
C LEU A 13 -8.10 13.64 7.70
N GLN A 14 -7.91 12.33 7.58
CA GLN A 14 -8.56 11.38 8.48
C GLN A 14 -7.54 10.69 9.38
N GLY A 15 -6.68 9.87 8.77
CA GLY A 15 -5.66 9.16 9.53
C GLY A 15 -5.54 7.71 9.11
N ARG A 16 -5.87 6.80 10.03
CA ARG A 16 -5.79 5.38 9.75
C ARG A 16 -6.56 5.03 8.48
N MET A 17 -5.83 4.70 7.41
CA MET A 17 -6.45 4.35 6.14
C MET A 17 -5.49 3.53 5.28
N GLU A 18 -5.98 3.06 4.14
CA GLU A 18 -5.17 2.28 3.22
C GLU A 18 -5.42 2.68 1.77
N ALA A 19 -4.38 2.64 0.96
CA ALA A 19 -4.49 3.00 -0.46
C ALA A 19 -5.07 1.86 -1.29
N LYS A 20 -5.04 0.64 -0.74
CA LYS A 20 -5.56 -0.53 -1.43
C LYS A 20 -6.95 -0.26 -2.02
N GLN A 21 -7.79 0.42 -1.24
CA GLN A 21 -9.14 0.73 -1.68
C GLN A 21 -9.13 1.69 -2.87
N LEU A 22 -8.52 2.85 -2.67
CA LEU A 22 -8.44 3.86 -3.73
C LEU A 22 -7.55 3.39 -4.88
N SER A 23 -6.70 2.41 -4.62
CA SER A 23 -5.81 1.89 -5.66
C SER A 23 -6.59 1.09 -6.70
N ALA A 24 -7.25 0.03 -6.26
CA ALA A 24 -8.04 -0.81 -7.16
C ALA A 24 -9.26 -0.05 -7.68
N ARG A 25 -9.69 0.96 -6.94
CA ARG A 25 -10.85 1.76 -7.34
C ARG A 25 -10.65 2.37 -8.72
N LEU A 26 -9.39 2.62 -9.07
CA LEU A 26 -9.06 3.21 -10.37
C LEU A 26 -8.18 2.29 -11.20
N GLN A 27 -8.04 1.04 -10.77
CA GLN A 27 -7.21 0.08 -11.48
C GLN A 27 -5.74 0.50 -11.49
N THR A 28 -5.38 1.41 -10.59
CA THR A 28 -4.01 1.90 -10.51
C THR A 28 -3.06 0.78 -10.08
N PRO A 29 -1.87 0.71 -10.70
CA PRO A 29 -0.88 -0.32 -10.38
C PRO A 29 -0.69 -0.49 -8.87
N GLN A 30 -0.93 -1.70 -8.40
CA GLN A 30 -0.78 -2.01 -6.97
C GLN A 30 0.69 -2.04 -6.55
N PRO A 31 1.57 -2.68 -7.35
CA PRO A 31 2.99 -2.77 -7.02
C PRO A 31 3.59 -1.40 -6.70
N LEU A 32 2.99 -0.35 -7.23
CA LEU A 32 3.46 1.01 -7.00
C LEU A 32 2.92 1.55 -5.68
N ILE A 33 1.65 1.25 -5.41
CA ILE A 33 1.00 1.71 -4.18
C ILE A 33 1.87 1.43 -2.97
N ASP A 34 2.35 0.19 -2.87
CA ASP A 34 3.20 -0.20 -1.74
C ASP A 34 4.42 0.70 -1.64
N ALA A 35 5.03 0.99 -2.78
CA ALA A 35 6.20 1.85 -2.81
C ALA A 35 5.81 3.31 -2.59
N MET A 36 4.58 3.64 -2.98
CA MET A 36 4.08 5.00 -2.81
C MET A 36 3.96 5.34 -1.33
N LEU A 37 3.26 4.49 -0.61
CA LEU A 37 3.06 4.68 0.82
C LEU A 37 4.41 4.64 1.54
N GLU A 38 5.15 3.55 1.34
CA GLU A 38 6.46 3.39 1.96
C GLU A 38 7.34 4.58 1.63
N ARG A 39 7.24 5.07 0.39
CA ARG A 39 8.02 6.21 -0.06
C ARG A 39 7.80 7.40 0.88
N MET A 40 6.55 7.76 1.10
CA MET A 40 6.21 8.88 1.97
C MET A 40 6.80 8.66 3.37
N GLU A 41 6.64 7.44 3.89
CA GLU A 41 7.16 7.11 5.21
C GLU A 41 8.69 6.98 5.17
N ALA A 42 9.23 6.73 3.98
CA ALA A 42 10.67 6.60 3.82
C ALA A 42 11.41 7.77 4.46
N MET A 43 10.71 8.90 4.58
CA MET A 43 11.30 10.10 5.18
C MET A 43 11.14 10.06 6.70
N GLY A 44 10.11 9.36 7.16
CA GLY A 44 9.86 9.25 8.59
C GLY A 44 8.56 9.90 9.01
N LYS A 45 7.44 9.36 8.52
CA LYS A 45 6.13 9.89 8.86
C LYS A 45 5.59 9.25 10.13
N VAL A 46 4.95 8.08 9.99
CA VAL A 46 4.40 7.37 11.13
C VAL A 46 4.56 5.86 10.98
N VAL A 47 3.57 5.20 10.38
CA VAL A 47 3.63 3.76 10.19
C VAL A 47 2.78 3.31 9.01
N ARG A 48 3.02 2.08 8.55
CA ARG A 48 2.28 1.52 7.42
C ARG A 48 2.18 0.00 7.55
N ILE A 49 1.24 -0.59 6.82
CA ILE A 49 1.04 -2.04 6.86
C ILE A 49 1.10 -2.63 5.46
N SER A 50 2.20 -3.32 5.15
CA SER A 50 2.39 -3.93 3.84
C SER A 50 1.83 -5.34 3.81
N GLU A 51 0.92 -5.59 2.87
CA GLU A 51 0.30 -6.90 2.72
C GLU A 51 0.27 -7.32 1.24
N THR A 52 0.23 -8.63 1.01
CA THR A 52 0.20 -9.16 -0.34
C THR A 52 -1.23 -9.40 -0.81
N SER A 53 -1.56 -8.86 -1.97
CA SER A 53 -2.90 -9.01 -2.52
C SER A 53 -3.00 -10.27 -3.38
N GLU A 54 -3.61 -11.32 -2.82
CA GLU A 54 -3.76 -12.59 -3.53
C GLU A 54 -5.15 -12.70 -4.14
N GLY A 55 -5.20 -12.74 -5.47
CA GLY A 55 -6.47 -12.85 -6.16
C GLY A 55 -6.89 -14.29 -6.40
N CYS A 56 -6.72 -15.13 -5.38
CA CYS A 56 -7.08 -16.53 -5.48
C CYS A 56 -7.19 -17.17 -4.10
N LEU A 57 -6.06 -17.23 -3.39
CA LEU A 57 -6.04 -17.81 -2.04
C LEU A 57 -6.62 -16.84 -1.02
N SER A 58 -7.72 -17.25 -0.39
CA SER A 58 -8.37 -16.42 0.61
C SER A 58 -7.74 -16.62 1.99
N GLY A 59 -7.14 -17.80 2.19
CA GLY A 59 -6.51 -18.09 3.46
C GLY A 59 -5.15 -17.43 3.61
N SER A 60 -4.44 -17.29 2.49
CA SER A 60 -3.13 -16.67 2.48
C SER A 60 -2.18 -17.41 3.41
N CYS A 61 -0.91 -17.00 3.41
CA CYS A 61 0.10 -17.62 4.24
C CYS A 61 1.20 -16.63 4.59
N LYS A 62 2.15 -17.06 5.42
CA LYS A 62 3.27 -16.22 5.82
C LYS A 62 4.54 -16.61 5.10
N SER A 63 4.99 -17.83 5.32
CA SER A 63 6.21 -18.34 4.68
C SER A 63 5.94 -18.75 3.24
N CYS A 64 6.85 -18.38 2.34
CA CYS A 64 6.71 -18.69 0.93
C CYS A 64 7.91 -19.50 0.43
N PRO A 65 7.67 -20.45 -0.49
CA PRO A 65 8.74 -21.29 -1.04
C PRO A 65 9.60 -20.52 -2.06
N GLU A 66 8.95 -19.77 -2.93
CA GLU A 66 9.65 -19.00 -3.94
C GLU A 66 9.91 -17.57 -3.46
N GLY A 67 8.85 -16.90 -3.01
CA GLY A 67 8.98 -15.54 -2.54
C GLY A 67 8.99 -14.54 -3.68
N LYS A 68 8.48 -14.95 -4.84
CA LYS A 68 8.44 -14.09 -6.01
C LYS A 68 7.76 -12.76 -5.68
N ALA A 69 8.46 -11.67 -5.95
CA ALA A 69 7.92 -10.34 -5.68
C ALA A 69 6.73 -10.04 -6.58
N ALA A 70 5.53 -10.26 -6.05
CA ALA A 70 4.30 -10.01 -6.80
C ALA A 70 3.68 -8.67 -6.42
N CYS A 71 2.53 -8.36 -7.00
CA CYS A 71 1.84 -7.11 -6.71
C CYS A 71 1.63 -6.96 -5.20
N ARG A 72 2.27 -5.94 -4.62
CA ARG A 72 2.16 -5.70 -3.19
C ARG A 72 1.60 -4.30 -2.91
N GLN A 73 0.81 -4.20 -1.84
CA GLN A 73 0.20 -2.93 -1.45
C GLN A 73 0.16 -2.82 0.07
N GLU A 74 0.50 -1.65 0.59
CA GLU A 74 0.49 -1.45 2.04
C GLU A 74 -0.56 -0.43 2.47
N TRP A 75 -0.59 -0.14 3.77
CA TRP A 75 -1.55 0.81 4.32
C TRP A 75 -0.82 2.00 4.94
N TRP A 76 -1.50 3.15 4.96
CA TRP A 76 -0.93 4.36 5.52
C TRP A 76 -1.63 4.76 6.81
N ALA A 77 -0.89 4.79 7.91
CA ALA A 77 -1.45 5.15 9.20
C ALA A 77 -0.64 6.26 9.88
N LEU A 78 -1.34 7.27 10.39
CA LEU A 78 -0.69 8.39 11.06
C LEU A 78 -0.86 8.30 12.57
N ARG A 79 -0.38 9.32 13.27
CA ARG A 79 -0.48 9.36 14.73
C ARG A 79 -1.28 10.57 15.19
N MET A 1 -1.20 11.90 -14.88
CA MET A 1 -0.14 11.58 -13.90
C MET A 1 -0.73 11.30 -12.53
N ALA A 2 -0.08 10.43 -11.76
CA ALA A 2 -0.54 10.07 -10.43
C ALA A 2 0.61 10.10 -9.43
N SER A 3 0.39 10.76 -8.30
CA SER A 3 1.42 10.86 -7.26
C SER A 3 0.83 10.61 -5.88
N LEU A 4 1.70 10.45 -4.89
CA LEU A 4 1.26 10.20 -3.52
C LEU A 4 0.44 11.38 -2.97
N MET A 5 0.52 12.53 -3.64
CA MET A 5 -0.21 13.71 -3.21
C MET A 5 -1.67 13.38 -2.94
N GLU A 6 -2.23 12.47 -3.73
CA GLU A 6 -3.62 12.06 -3.56
C GLU A 6 -3.83 11.41 -2.20
N VAL A 7 -3.17 10.27 -1.98
CA VAL A 7 -3.28 9.56 -0.72
C VAL A 7 -2.91 10.46 0.44
N ARG A 8 -2.02 11.41 0.18
CA ARG A 8 -1.57 12.34 1.20
C ARG A 8 -2.76 13.11 1.78
N ASP A 9 -3.51 13.77 0.91
CA ASP A 9 -4.67 14.55 1.36
C ASP A 9 -5.70 13.64 2.03
N MET A 10 -5.97 12.50 1.42
CA MET A 10 -6.94 11.55 1.98
C MET A 10 -6.63 11.26 3.44
N LEU A 11 -5.44 10.74 3.70
CA LEU A 11 -5.03 10.41 5.06
C LEU A 11 -4.94 11.66 5.93
N ALA A 12 -4.29 12.70 5.40
CA ALA A 12 -4.13 13.95 6.12
C ALA A 12 -5.47 14.46 6.65
N LEU A 13 -6.55 14.04 6.00
CA LEU A 13 -7.89 14.46 6.41
C LEU A 13 -8.70 13.28 6.97
N GLN A 14 -8.01 12.20 7.32
CA GLN A 14 -8.68 11.02 7.85
C GLN A 14 -7.89 10.43 9.03
N GLY A 15 -6.85 9.67 8.72
CA GLY A 15 -6.03 9.07 9.75
C GLY A 15 -5.57 7.67 9.40
N ARG A 16 -6.43 6.69 9.62
CA ARG A 16 -6.09 5.30 9.32
C ARG A 16 -6.72 4.85 8.01
N MET A 17 -5.89 4.72 6.97
CA MET A 17 -6.36 4.29 5.66
C MET A 17 -5.22 3.78 4.80
N GLU A 18 -5.55 3.24 3.64
CA GLU A 18 -4.55 2.72 2.72
C GLU A 18 -4.89 3.09 1.28
N ALA A 19 -3.88 3.06 0.41
CA ALA A 19 -4.09 3.39 -1.00
C ALA A 19 -4.67 2.21 -1.78
N LYS A 20 -4.64 1.02 -1.18
CA LYS A 20 -5.16 -0.18 -1.82
C LYS A 20 -6.54 0.07 -2.43
N GLN A 21 -7.51 0.39 -1.59
CA GLN A 21 -8.86 0.65 -2.04
C GLN A 21 -8.89 1.77 -3.09
N LEU A 22 -8.38 2.93 -2.71
CA LEU A 22 -8.33 4.08 -3.62
C LEU A 22 -7.67 3.69 -4.93
N SER A 23 -6.67 2.81 -4.85
CA SER A 23 -5.95 2.36 -6.03
C SER A 23 -6.89 1.64 -7.00
N ALA A 24 -7.63 0.67 -6.48
CA ALA A 24 -8.56 -0.09 -7.31
C ALA A 24 -9.55 0.83 -8.01
N ARG A 25 -9.97 1.88 -7.30
CA ARG A 25 -10.92 2.84 -7.85
C ARG A 25 -10.29 3.65 -8.97
N LEU A 26 -8.96 3.73 -8.96
CA LEU A 26 -8.24 4.50 -9.97
C LEU A 26 -7.60 3.57 -11.02
N GLN A 27 -7.65 2.26 -10.78
CA GLN A 27 -7.07 1.30 -11.70
C GLN A 27 -5.54 1.44 -11.77
N THR A 28 -4.97 2.07 -10.76
CA THR A 28 -3.52 2.27 -10.72
C THR A 28 -2.81 1.00 -10.23
N PRO A 29 -1.67 0.65 -10.85
CA PRO A 29 -0.91 -0.54 -10.48
C PRO A 29 -0.72 -0.65 -8.97
N GLN A 30 -1.01 -1.83 -8.43
CA GLN A 30 -0.87 -2.07 -7.00
C GLN A 30 0.60 -2.08 -6.58
N PRO A 31 1.47 -2.78 -7.32
CA PRO A 31 2.90 -2.83 -7.00
C PRO A 31 3.47 -1.46 -6.65
N LEU A 32 2.92 -0.42 -7.25
CA LEU A 32 3.37 0.94 -7.00
C LEU A 32 2.92 1.40 -5.62
N ILE A 33 1.75 0.92 -5.21
CA ILE A 33 1.20 1.29 -3.90
C ILE A 33 2.22 1.06 -2.80
N ASP A 34 2.78 -0.15 -2.74
CA ASP A 34 3.78 -0.49 -1.73
C ASP A 34 4.86 0.58 -1.67
N ALA A 35 5.22 1.10 -2.83
CA ALA A 35 6.22 2.15 -2.93
C ALA A 35 5.62 3.52 -2.63
N MET A 36 4.32 3.65 -2.87
CA MET A 36 3.62 4.90 -2.62
C MET A 36 3.71 5.28 -1.15
N LEU A 37 3.33 4.34 -0.29
CA LEU A 37 3.36 4.56 1.16
C LEU A 37 4.80 4.44 1.66
N GLU A 38 5.44 3.33 1.30
CA GLU A 38 6.83 3.09 1.70
C GLU A 38 7.69 4.32 1.42
N ARG A 39 7.51 4.90 0.24
CA ARG A 39 8.26 6.09 -0.14
C ARG A 39 7.88 7.27 0.75
N MET A 40 6.58 7.55 0.80
CA MET A 40 6.08 8.64 1.62
C MET A 40 6.55 8.50 3.06
N GLU A 41 6.59 7.25 3.54
CA GLU A 41 7.02 6.95 4.90
C GLU A 41 8.55 6.84 4.96
N ALA A 42 9.18 6.63 3.80
CA ALA A 42 10.62 6.50 3.74
C ALA A 42 11.32 7.64 4.48
N MET A 43 10.63 8.77 4.60
CA MET A 43 11.17 9.92 5.30
C MET A 43 10.93 9.80 6.81
N GLY A 44 9.87 9.08 7.17
CA GLY A 44 9.55 8.89 8.57
C GLY A 44 8.26 9.59 8.97
N LYS A 45 7.18 9.29 8.25
CA LYS A 45 5.89 9.90 8.55
C LYS A 45 5.34 9.38 9.87
N VAL A 46 4.89 8.13 9.87
CA VAL A 46 4.32 7.51 11.07
C VAL A 46 4.52 5.99 11.07
N VAL A 47 3.54 5.25 10.53
CA VAL A 47 3.63 3.81 10.47
C VAL A 47 2.93 3.26 9.23
N ARG A 48 3.30 2.03 8.85
CA ARG A 48 2.72 1.39 7.67
C ARG A 48 2.69 -0.13 7.84
N ILE A 49 1.87 -0.78 7.02
CA ILE A 49 1.74 -2.24 7.07
C ILE A 49 1.63 -2.83 5.66
N SER A 50 2.70 -3.45 5.20
CA SER A 50 2.72 -4.06 3.88
C SER A 50 2.09 -5.45 3.90
N GLU A 51 1.03 -5.62 3.11
CA GLU A 51 0.33 -6.88 3.03
C GLU A 51 0.22 -7.36 1.59
N THR A 52 0.18 -8.67 1.40
CA THR A 52 0.06 -9.26 0.07
C THR A 52 -1.17 -10.14 -0.04
N SER A 53 -1.57 -10.45 -1.27
CA SER A 53 -2.73 -11.29 -1.51
C SER A 53 -2.37 -12.49 -2.38
N GLU A 54 -2.60 -13.68 -1.83
CA GLU A 54 -2.30 -14.91 -2.55
C GLU A 54 -3.53 -15.81 -2.57
N GLY A 55 -3.98 -16.24 -1.40
CA GLY A 55 -5.14 -17.11 -1.31
C GLY A 55 -4.97 -18.22 -0.30
N CYS A 56 -3.74 -18.71 -0.16
CA CYS A 56 -3.45 -19.78 0.78
C CYS A 56 -2.27 -19.40 1.67
N LEU A 57 -2.00 -20.24 2.67
CA LEU A 57 -0.90 -19.99 3.59
C LEU A 57 0.14 -21.11 3.51
N SER A 58 0.12 -21.86 2.41
CA SER A 58 1.07 -22.95 2.22
C SER A 58 2.37 -22.45 1.59
N GLY A 59 2.27 -21.39 0.80
CA GLY A 59 3.44 -20.83 0.15
C GLY A 59 4.35 -20.11 1.11
N SER A 60 3.78 -19.62 2.21
CA SER A 60 4.55 -18.91 3.23
C SER A 60 5.08 -17.58 2.67
N CYS A 61 6.05 -17.67 1.75
CA CYS A 61 6.65 -16.49 1.15
C CYS A 61 7.40 -15.68 2.20
N LYS A 62 8.16 -14.68 1.74
CA LYS A 62 8.93 -13.84 2.64
C LYS A 62 9.63 -12.71 1.87
N SER A 63 10.22 -11.79 2.62
CA SER A 63 10.92 -10.66 2.02
C SER A 63 12.20 -11.11 1.31
N CYS A 64 12.19 -11.06 -0.01
CA CYS A 64 13.33 -11.46 -0.81
C CYS A 64 14.34 -10.32 -0.93
N PRO A 65 15.64 -10.64 -0.97
CA PRO A 65 16.70 -9.64 -1.07
C PRO A 65 16.78 -9.03 -2.47
N GLU A 66 16.43 -9.83 -3.48
CA GLU A 66 16.45 -9.37 -4.86
C GLU A 66 15.57 -8.13 -5.05
N GLY A 67 14.27 -8.31 -4.88
CA GLY A 67 13.34 -7.21 -5.03
C GLY A 67 12.32 -7.46 -6.12
N LYS A 68 11.72 -8.64 -6.10
CA LYS A 68 10.72 -9.00 -7.09
C LYS A 68 9.50 -9.64 -6.42
N ALA A 69 8.33 -9.10 -6.73
CA ALA A 69 7.08 -9.61 -6.15
C ALA A 69 5.88 -9.24 -7.01
N ALA A 70 4.71 -9.75 -6.64
CA ALA A 70 3.49 -9.48 -7.38
C ALA A 70 2.74 -8.29 -6.78
N CYS A 71 1.47 -8.14 -7.16
CA CYS A 71 0.66 -7.05 -6.66
C CYS A 71 0.72 -6.97 -5.14
N ARG A 72 1.43 -5.97 -4.63
CA ARG A 72 1.57 -5.79 -3.19
C ARG A 72 1.09 -4.40 -2.78
N GLN A 73 0.46 -4.31 -1.62
CA GLN A 73 -0.03 -3.02 -1.11
C GLN A 73 0.14 -2.93 0.40
N GLU A 74 0.52 -1.74 0.86
CA GLU A 74 0.71 -1.53 2.29
C GLU A 74 -0.24 -0.47 2.84
N TRP A 75 -0.55 -0.57 4.13
CA TRP A 75 -1.45 0.36 4.78
C TRP A 75 -0.67 1.53 5.39
N TRP A 76 -1.33 2.67 5.52
CA TRP A 76 -0.69 3.86 6.08
C TRP A 76 -1.54 4.46 7.19
N ALA A 77 -0.94 4.62 8.37
CA ALA A 77 -1.65 5.18 9.51
C ALA A 77 -0.71 5.96 10.43
N LEU A 78 -1.29 6.69 11.37
CA LEU A 78 -0.50 7.48 12.31
C LEU A 78 -0.47 6.80 13.68
N ARG A 79 0.27 7.42 14.62
CA ARG A 79 0.38 6.87 15.96
C ARG A 79 -0.80 7.31 16.82
N MET A 1 -1.10 10.03 -14.23
CA MET A 1 0.06 10.12 -13.31
C MET A 1 -0.41 10.18 -11.86
N ALA A 2 -0.23 9.09 -11.14
CA ALA A 2 -0.64 9.01 -9.74
C ALA A 2 0.52 9.36 -8.81
N SER A 3 0.30 10.31 -7.91
CA SER A 3 1.33 10.72 -6.96
C SER A 3 0.90 10.45 -5.53
N LEU A 4 1.87 10.29 -4.64
CA LEU A 4 1.60 10.02 -3.24
C LEU A 4 0.89 11.19 -2.57
N MET A 5 0.89 12.35 -3.25
CA MET A 5 0.23 13.54 -2.71
C MET A 5 -1.27 13.33 -2.61
N GLU A 6 -1.83 12.57 -3.55
CA GLU A 6 -3.26 12.29 -3.55
C GLU A 6 -3.67 11.58 -2.26
N VAL A 7 -3.14 10.38 -2.06
CA VAL A 7 -3.43 9.60 -0.87
C VAL A 7 -3.00 10.36 0.37
N ARG A 8 -1.95 11.17 0.22
CA ARG A 8 -1.43 11.98 1.32
C ARG A 8 -2.52 12.86 1.91
N ASP A 9 -3.29 13.50 1.02
CA ASP A 9 -4.37 14.38 1.44
C ASP A 9 -5.51 13.57 2.03
N MET A 10 -5.80 12.43 1.41
CA MET A 10 -6.87 11.55 1.86
C MET A 10 -6.71 11.26 3.36
N LEU A 11 -5.53 10.78 3.74
CA LEU A 11 -5.26 10.47 5.14
C LEU A 11 -5.14 11.74 5.97
N ALA A 12 -4.70 12.82 5.33
CA ALA A 12 -4.55 14.10 6.00
C ALA A 12 -5.86 14.57 6.61
N LEU A 13 -6.95 14.26 5.93
CA LEU A 13 -8.28 14.65 6.39
C LEU A 13 -8.93 13.56 7.24
N GLN A 14 -8.85 12.33 6.75
CA GLN A 14 -9.43 11.19 7.46
C GLN A 14 -8.38 10.51 8.35
N GLY A 15 -7.50 9.74 7.73
CA GLY A 15 -6.47 9.05 8.48
C GLY A 15 -6.76 7.58 8.64
N ARG A 16 -5.71 6.79 8.83
CA ARG A 16 -5.86 5.34 9.00
C ARG A 16 -6.60 4.72 7.82
N MET A 17 -5.85 4.32 6.80
CA MET A 17 -6.42 3.71 5.61
C MET A 17 -5.36 2.96 4.81
N GLU A 18 -5.80 2.29 3.75
CA GLU A 18 -4.90 1.53 2.90
C GLU A 18 -4.86 2.12 1.48
N ALA A 19 -3.74 1.94 0.80
CA ALA A 19 -3.59 2.45 -0.55
C ALA A 19 -4.24 1.53 -1.58
N LYS A 20 -4.57 0.31 -1.17
CA LYS A 20 -5.20 -0.66 -2.06
C LYS A 20 -6.60 -0.21 -2.44
N GLN A 21 -7.38 0.23 -1.45
CA GLN A 21 -8.75 0.67 -1.69
C GLN A 21 -8.77 1.89 -2.62
N LEU A 22 -8.03 2.93 -2.25
CA LEU A 22 -7.95 4.14 -3.05
C LEU A 22 -7.36 3.86 -4.43
N SER A 23 -6.35 3.00 -4.46
CA SER A 23 -5.69 2.65 -5.71
C SER A 23 -6.62 1.83 -6.60
N ALA A 24 -7.39 0.94 -5.98
CA ALA A 24 -8.32 0.10 -6.72
C ALA A 24 -9.61 0.85 -7.03
N ARG A 25 -9.94 1.82 -6.19
CA ARG A 25 -11.15 2.61 -6.38
C ARG A 25 -11.10 3.38 -7.70
N LEU A 26 -9.88 3.68 -8.14
CA LEU A 26 -9.68 4.41 -9.39
C LEU A 26 -8.76 3.66 -10.34
N GLN A 27 -8.53 2.38 -10.06
CA GLN A 27 -7.66 1.56 -10.91
C GLN A 27 -6.28 2.19 -11.05
N THR A 28 -5.30 1.61 -10.36
CA THR A 28 -3.93 2.11 -10.40
C THR A 28 -2.93 0.97 -10.18
N PRO A 29 -1.83 0.97 -10.95
CA PRO A 29 -0.80 -0.07 -10.83
C PRO A 29 -0.46 -0.39 -9.39
N GLN A 30 -0.89 -1.57 -8.92
CA GLN A 30 -0.63 -1.99 -7.56
C GLN A 30 0.86 -2.04 -7.25
N PRO A 31 1.69 -2.58 -8.16
CA PRO A 31 3.14 -2.66 -7.96
C PRO A 31 3.74 -1.33 -7.54
N LEU A 32 3.09 -0.24 -7.93
CA LEU A 32 3.55 1.10 -7.60
C LEU A 32 3.06 1.51 -6.21
N ILE A 33 1.81 1.19 -5.92
CA ILE A 33 1.20 1.53 -4.64
C ILE A 33 2.13 1.16 -3.48
N ASP A 34 2.57 -0.10 -3.45
CA ASP A 34 3.47 -0.58 -2.40
C ASP A 34 4.62 0.39 -2.19
N ALA A 35 5.10 0.97 -3.29
CA ALA A 35 6.20 1.92 -3.24
C ALA A 35 5.72 3.29 -2.79
N MET A 36 4.44 3.57 -3.02
CA MET A 36 3.85 4.85 -2.64
C MET A 36 3.88 5.03 -1.13
N LEU A 37 3.35 4.05 -0.40
CA LEU A 37 3.32 4.11 1.06
C LEU A 37 4.71 3.82 1.63
N GLU A 38 5.38 2.81 1.11
CA GLU A 38 6.71 2.44 1.58
C GLU A 38 7.68 3.61 1.42
N ARG A 39 7.60 4.29 0.28
CA ARG A 39 8.48 5.42 0.02
C ARG A 39 8.12 6.62 0.91
N MET A 40 6.83 6.85 1.06
CA MET A 40 6.35 7.96 1.89
C MET A 40 7.00 7.93 3.26
N GLU A 41 6.86 6.80 3.95
CA GLU A 41 7.44 6.63 5.28
C GLU A 41 8.95 6.43 5.20
N ALA A 42 9.43 5.99 4.04
CA ALA A 42 10.86 5.76 3.84
C ALA A 42 11.68 6.97 4.27
N MET A 43 11.06 8.14 4.25
CA MET A 43 11.73 9.37 4.65
C MET A 43 11.38 9.73 6.09
N GLY A 44 10.24 9.23 6.57
CA GLY A 44 9.82 9.52 7.93
C GLY A 44 8.44 10.14 7.99
N LYS A 45 7.41 9.30 7.91
CA LYS A 45 6.04 9.78 7.97
C LYS A 45 5.42 9.52 9.34
N VAL A 46 4.83 8.34 9.52
CA VAL A 46 4.20 7.98 10.79
C VAL A 46 4.10 6.46 10.95
N VAL A 47 3.06 5.86 10.38
CA VAL A 47 2.87 4.42 10.47
C VAL A 47 2.26 3.86 9.19
N ARG A 48 2.60 2.63 8.88
CA ARG A 48 2.08 1.96 7.68
C ARG A 48 2.05 0.44 7.87
N ILE A 49 1.29 -0.25 7.04
CA ILE A 49 1.19 -1.71 7.13
C ILE A 49 1.33 -2.35 5.76
N SER A 50 2.47 -3.00 5.53
CA SER A 50 2.73 -3.67 4.26
C SER A 50 1.98 -4.99 4.17
N GLU A 51 0.97 -5.04 3.30
CA GLU A 51 0.17 -6.25 3.13
C GLU A 51 0.28 -6.77 1.70
N THR A 52 0.39 -8.08 1.57
CA THR A 52 0.51 -8.71 0.25
C THR A 52 -0.68 -9.63 -0.02
N SER A 53 -0.83 -10.05 -1.27
CA SER A 53 -1.93 -10.93 -1.65
C SER A 53 -1.65 -11.59 -3.00
N GLU A 54 -1.81 -12.91 -3.05
CA GLU A 54 -1.58 -13.66 -4.29
C GLU A 54 -2.31 -14.99 -4.26
N GLY A 55 -3.39 -15.06 -3.48
CA GLY A 55 -4.16 -16.28 -3.37
C GLY A 55 -4.52 -16.62 -1.94
N CYS A 56 -3.66 -16.24 -1.01
CA CYS A 56 -3.88 -16.51 0.41
C CYS A 56 -5.14 -15.80 0.90
N LEU A 57 -5.43 -15.96 2.19
CA LEU A 57 -6.60 -15.33 2.79
C LEU A 57 -6.21 -14.07 3.56
N SER A 58 -7.21 -13.29 3.97
CA SER A 58 -6.97 -12.06 4.71
C SER A 58 -6.88 -12.33 6.20
N GLY A 59 -7.52 -13.41 6.64
CA GLY A 59 -7.51 -13.76 8.05
C GLY A 59 -6.10 -13.91 8.59
N SER A 60 -5.20 -14.45 7.77
CA SER A 60 -3.82 -14.65 8.17
C SER A 60 -3.00 -13.38 7.91
N CYS A 61 -1.81 -13.32 8.50
CA CYS A 61 -0.94 -12.17 8.34
C CYS A 61 0.30 -12.54 7.52
N LYS A 62 0.99 -13.59 7.95
CA LYS A 62 2.19 -14.04 7.26
C LYS A 62 1.98 -15.44 6.69
N SER A 63 3.04 -16.01 6.11
CA SER A 63 2.97 -17.33 5.53
C SER A 63 4.31 -17.73 4.92
N CYS A 64 4.77 -16.94 3.97
CA CYS A 64 6.04 -17.20 3.30
C CYS A 64 7.22 -16.78 4.16
N PRO A 65 8.41 -17.37 3.95
CA PRO A 65 9.61 -17.03 4.71
C PRO A 65 9.98 -15.55 4.59
N GLU A 66 10.03 -15.06 3.36
CA GLU A 66 10.37 -13.66 3.11
C GLU A 66 9.12 -12.87 2.73
N GLY A 67 8.42 -13.33 1.70
CA GLY A 67 7.22 -12.65 1.25
C GLY A 67 7.36 -12.08 -0.15
N LYS A 68 7.47 -12.98 -1.14
CA LYS A 68 7.61 -12.55 -2.52
C LYS A 68 6.25 -12.31 -3.16
N ALA A 69 6.16 -11.26 -3.97
CA ALA A 69 4.92 -10.91 -4.65
C ALA A 69 5.15 -9.87 -5.74
N ALA A 70 4.11 -9.58 -6.51
CA ALA A 70 4.19 -8.60 -7.58
C ALA A 70 3.34 -7.38 -7.26
N CYS A 71 2.05 -7.61 -7.00
CA CYS A 71 1.13 -6.52 -6.69
C CYS A 71 1.02 -6.33 -5.17
N ARG A 72 1.94 -5.57 -4.60
CA ARG A 72 1.93 -5.31 -3.18
C ARG A 72 1.10 -4.09 -2.84
N GLN A 73 0.61 -4.04 -1.60
CA GLN A 73 -0.21 -2.92 -1.15
C GLN A 73 -0.06 -2.73 0.36
N GLU A 74 0.49 -1.59 0.77
CA GLU A 74 0.69 -1.30 2.19
C GLU A 74 -0.48 -0.51 2.75
N TRP A 75 -0.32 -0.03 3.97
CA TRP A 75 -1.34 0.76 4.62
C TRP A 75 -0.80 2.10 5.09
N TRP A 76 -1.64 3.13 5.06
CA TRP A 76 -1.24 4.46 5.49
C TRP A 76 -1.99 4.87 6.75
N ALA A 77 -1.27 4.97 7.85
CA ALA A 77 -1.88 5.34 9.12
C ALA A 77 -1.04 6.40 9.85
N LEU A 78 -1.73 7.37 10.43
CA LEU A 78 -1.06 8.45 11.17
C LEU A 78 -1.22 8.25 12.68
N ARG A 79 -0.72 9.21 13.46
CA ARG A 79 -0.82 9.13 14.90
C ARG A 79 -2.25 9.36 15.37
N MET A 1 2.08 12.48 -14.26
CA MET A 1 1.43 11.45 -13.40
C MET A 1 1.09 12.03 -12.02
N ALA A 2 0.35 11.27 -11.23
CA ALA A 2 -0.05 11.70 -9.90
C ALA A 2 1.02 11.38 -8.88
N SER A 3 1.19 12.28 -7.91
CA SER A 3 2.19 12.09 -6.86
C SER A 3 1.53 11.63 -5.56
N LEU A 4 2.35 11.17 -4.63
CA LEU A 4 1.84 10.70 -3.34
C LEU A 4 1.09 11.80 -2.60
N MET A 5 1.37 13.05 -2.97
CA MET A 5 0.71 14.19 -2.34
C MET A 5 -0.80 14.03 -2.35
N GLU A 6 -1.34 13.64 -3.50
CA GLU A 6 -2.78 13.44 -3.63
C GLU A 6 -3.29 12.42 -2.62
N VAL A 7 -2.83 11.18 -2.77
CA VAL A 7 -3.24 10.11 -1.87
C VAL A 7 -2.94 10.48 -0.43
N ARG A 8 -1.85 11.22 -0.24
CA ARG A 8 -1.44 11.66 1.10
C ARG A 8 -2.55 12.44 1.77
N ASP A 9 -2.96 13.54 1.15
CA ASP A 9 -4.01 14.38 1.70
C ASP A 9 -5.28 13.57 1.99
N MET A 10 -5.64 12.70 1.03
CA MET A 10 -6.82 11.87 1.18
C MET A 10 -6.86 11.16 2.53
N LEU A 11 -5.80 10.41 2.83
CA LEU A 11 -5.71 9.68 4.09
C LEU A 11 -5.28 10.60 5.22
N ALA A 12 -4.41 11.55 4.91
CA ALA A 12 -3.91 12.49 5.90
C ALA A 12 -5.05 13.25 6.57
N LEU A 13 -6.19 13.31 5.91
CA LEU A 13 -7.36 14.02 6.45
C LEU A 13 -8.37 13.05 7.05
N GLN A 14 -7.88 11.91 7.52
CA GLN A 14 -8.74 10.90 8.12
C GLN A 14 -8.00 10.12 9.21
N GLY A 15 -6.89 9.50 8.83
CA GLY A 15 -6.10 8.73 9.79
C GLY A 15 -5.77 7.35 9.28
N ARG A 16 -6.28 6.32 9.97
CA ARG A 16 -6.04 4.94 9.58
C ARG A 16 -6.78 4.60 8.29
N MET A 17 -6.04 4.43 7.21
CA MET A 17 -6.64 4.09 5.92
C MET A 17 -5.64 3.37 5.04
N GLU A 18 -6.17 2.59 4.09
CA GLU A 18 -5.32 1.84 3.17
C GLU A 18 -5.30 2.48 1.79
N ALA A 19 -4.17 2.34 1.09
CA ALA A 19 -4.02 2.91 -0.24
C ALA A 19 -4.69 2.01 -1.29
N LYS A 20 -4.88 0.74 -0.95
CA LYS A 20 -5.50 -0.21 -1.86
C LYS A 20 -6.95 0.17 -2.16
N GLN A 21 -7.56 0.87 -1.21
CA GLN A 21 -8.95 1.29 -1.37
C GLN A 21 -9.12 2.18 -2.61
N LEU A 22 -8.39 3.29 -2.63
CA LEU A 22 -8.45 4.22 -3.75
C LEU A 22 -7.84 3.62 -5.01
N SER A 23 -6.83 2.77 -4.84
CA SER A 23 -6.16 2.13 -5.97
C SER A 23 -7.15 1.28 -6.75
N ALA A 24 -8.03 0.60 -6.04
CA ALA A 24 -9.03 -0.26 -6.67
C ALA A 24 -10.12 0.57 -7.34
N ARG A 25 -10.66 1.54 -6.59
CA ARG A 25 -11.71 2.40 -7.11
C ARG A 25 -11.22 3.19 -8.32
N LEU A 26 -9.91 3.45 -8.36
CA LEU A 26 -9.32 4.19 -9.45
C LEU A 26 -8.62 3.25 -10.44
N GLN A 27 -8.38 2.01 -10.03
CA GLN A 27 -7.72 1.03 -10.89
C GLN A 27 -6.29 1.44 -11.21
N THR A 28 -5.38 1.15 -10.30
CA THR A 28 -3.98 1.49 -10.49
C THR A 28 -3.07 0.36 -9.97
N PRO A 29 -1.93 0.14 -10.64
CA PRO A 29 -0.98 -0.91 -10.24
C PRO A 29 -0.80 -0.99 -8.73
N GLN A 30 -1.19 -2.12 -8.15
CA GLN A 30 -1.06 -2.33 -6.71
C GLN A 30 0.40 -2.27 -6.26
N PRO A 31 1.33 -2.92 -7.00
CA PRO A 31 2.75 -2.91 -6.64
C PRO A 31 3.29 -1.50 -6.45
N LEU A 32 2.95 -0.60 -7.37
CA LEU A 32 3.41 0.77 -7.30
C LEU A 32 3.00 1.41 -5.97
N ILE A 33 1.73 1.23 -5.61
CA ILE A 33 1.20 1.77 -4.36
C ILE A 33 2.14 1.46 -3.19
N ASP A 34 2.60 0.22 -3.13
CA ASP A 34 3.49 -0.21 -2.06
C ASP A 34 4.66 0.75 -1.91
N ALA A 35 5.16 1.25 -3.03
CA ALA A 35 6.27 2.19 -3.03
C ALA A 35 5.80 3.59 -2.67
N MET A 36 4.54 3.87 -2.94
CA MET A 36 3.97 5.18 -2.65
C MET A 36 4.01 5.45 -1.15
N LEU A 37 3.38 4.56 -0.38
CA LEU A 37 3.36 4.69 1.06
C LEU A 37 4.74 4.41 1.64
N GLU A 38 5.41 3.40 1.10
CA GLU A 38 6.74 3.04 1.55
C GLU A 38 7.65 4.27 1.50
N ARG A 39 7.54 5.03 0.41
CA ARG A 39 8.34 6.23 0.24
C ARG A 39 7.94 7.30 1.24
N MET A 40 6.64 7.49 1.40
CA MET A 40 6.13 8.47 2.35
C MET A 40 6.65 8.20 3.75
N GLU A 41 6.61 6.93 4.15
CA GLU A 41 7.08 6.52 5.46
C GLU A 41 8.61 6.45 5.46
N ALA A 42 9.19 6.17 4.30
CA ALA A 42 10.63 6.08 4.17
C ALA A 42 11.31 7.33 4.72
N MET A 43 10.57 8.44 4.73
CA MET A 43 11.09 9.70 5.24
C MET A 43 10.84 9.82 6.74
N GLY A 44 9.81 9.12 7.22
CA GLY A 44 9.48 9.16 8.63
C GLY A 44 8.16 9.87 8.89
N LYS A 45 7.07 9.24 8.50
CA LYS A 45 5.73 9.82 8.71
C LYS A 45 5.14 9.34 10.02
N VAL A 46 4.64 8.12 10.04
CA VAL A 46 4.04 7.55 11.24
C VAL A 46 4.14 6.03 11.24
N VAL A 47 3.16 5.36 10.63
CA VAL A 47 3.16 3.90 10.57
C VAL A 47 2.63 3.38 9.24
N ARG A 48 3.17 2.26 8.79
CA ARG A 48 2.74 1.65 7.53
C ARG A 48 2.55 0.15 7.68
N ILE A 49 1.64 -0.41 6.88
CA ILE A 49 1.35 -1.83 6.93
C ILE A 49 1.42 -2.44 5.53
N SER A 50 2.52 -3.13 5.24
CA SER A 50 2.70 -3.75 3.92
C SER A 50 2.18 -5.18 3.92
N GLU A 51 1.16 -5.42 3.09
CA GLU A 51 0.57 -6.75 2.98
C GLU A 51 0.58 -7.23 1.53
N THR A 52 0.51 -8.54 1.33
CA THR A 52 0.52 -9.12 -0.01
C THR A 52 -0.73 -9.95 -0.25
N SER A 53 -1.11 -10.05 -1.52
CA SER A 53 -2.29 -10.82 -1.90
C SER A 53 -2.15 -12.28 -1.47
N GLU A 54 -3.28 -12.99 -1.43
CA GLU A 54 -3.26 -14.39 -1.04
C GLU A 54 -2.81 -14.54 0.41
N GLY A 55 -3.74 -14.92 1.28
CA GLY A 55 -3.42 -15.09 2.68
C GLY A 55 -4.14 -16.28 3.30
N CYS A 56 -4.40 -17.29 2.49
CA CYS A 56 -5.09 -18.49 2.96
C CYS A 56 -4.17 -19.34 3.83
N LEU A 57 -3.04 -19.75 3.26
CA LEU A 57 -2.07 -20.57 3.98
C LEU A 57 -0.90 -19.72 4.45
N SER A 58 -0.16 -20.25 5.43
CA SER A 58 1.00 -19.54 5.97
C SER A 58 2.31 -20.09 5.39
N GLY A 59 2.20 -20.75 4.24
CA GLY A 59 3.38 -21.31 3.60
C GLY A 59 4.47 -20.27 3.37
N SER A 60 4.09 -19.19 2.71
CA SER A 60 5.03 -18.11 2.41
C SER A 60 4.58 -16.81 3.07
N CYS A 61 5.54 -16.04 3.57
CA CYS A 61 5.24 -14.77 4.23
C CYS A 61 6.38 -13.77 4.05
N LYS A 62 7.57 -14.15 4.51
CA LYS A 62 8.74 -13.29 4.40
C LYS A 62 9.79 -13.91 3.47
N SER A 63 10.87 -13.17 3.25
CA SER A 63 11.96 -13.64 2.40
C SER A 63 11.42 -14.11 1.04
N CYS A 64 11.53 -13.26 0.04
CA CYS A 64 11.06 -13.60 -1.30
C CYS A 64 12.14 -14.32 -2.10
N PRO A 65 11.73 -15.26 -2.98
CA PRO A 65 12.68 -16.02 -3.81
C PRO A 65 13.40 -15.14 -4.81
N GLU A 66 12.64 -14.33 -5.55
CA GLU A 66 13.21 -13.45 -6.55
C GLU A 66 12.27 -12.27 -6.82
N GLY A 67 12.65 -11.44 -7.79
CA GLY A 67 11.84 -10.29 -8.15
C GLY A 67 10.97 -10.54 -9.36
N LYS A 68 10.31 -11.70 -9.37
CA LYS A 68 9.43 -12.06 -10.47
C LYS A 68 7.96 -12.02 -10.05
N ALA A 69 7.18 -11.21 -10.76
CA ALA A 69 5.76 -11.07 -10.46
C ALA A 69 5.53 -10.38 -9.12
N ALA A 70 6.54 -9.68 -8.63
CA ALA A 70 6.43 -8.98 -7.35
C ALA A 70 5.30 -7.97 -7.38
N CYS A 71 4.30 -8.18 -6.53
CA CYS A 71 3.16 -7.28 -6.45
C CYS A 71 2.58 -7.24 -5.04
N ARG A 72 2.68 -6.07 -4.40
CA ARG A 72 2.17 -5.91 -3.04
C ARG A 72 1.61 -4.51 -2.83
N GLN A 73 0.84 -4.34 -1.76
CA GLN A 73 0.25 -3.05 -1.42
C GLN A 73 0.21 -2.86 0.09
N GLU A 74 0.68 -1.71 0.55
CA GLU A 74 0.70 -1.42 1.98
C GLU A 74 -0.36 -0.40 2.38
N TRP A 75 -0.57 -0.24 3.68
CA TRP A 75 -1.54 0.70 4.21
C TRP A 75 -0.83 1.81 4.98
N TRP A 76 -1.44 2.98 5.05
CA TRP A 76 -0.84 4.11 5.76
C TRP A 76 -1.73 4.61 6.87
N ALA A 77 -1.12 4.96 8.00
CA ALA A 77 -1.85 5.47 9.15
C ALA A 77 -1.01 6.47 9.94
N LEU A 78 -1.65 7.56 10.35
CA LEU A 78 -0.98 8.60 11.11
C LEU A 78 -1.34 8.51 12.59
N ARG A 79 -0.81 9.44 13.39
CA ARG A 79 -1.08 9.46 14.82
C ARG A 79 -2.31 10.32 15.13
N MET A 1 -1.08 11.42 -13.81
CA MET A 1 -0.32 10.37 -13.11
C MET A 1 -0.65 10.34 -11.62
N ALA A 2 -0.76 9.14 -11.06
CA ALA A 2 -1.08 8.99 -9.64
C ALA A 2 0.12 9.31 -8.77
N SER A 3 -0.10 10.14 -7.76
CA SER A 3 0.97 10.54 -6.84
C SER A 3 0.56 10.33 -5.39
N LEU A 4 1.54 10.30 -4.50
CA LEU A 4 1.29 10.11 -3.08
C LEU A 4 0.63 11.33 -2.45
N MET A 5 0.66 12.46 -3.16
CA MET A 5 0.07 13.69 -2.66
C MET A 5 -1.43 13.52 -2.42
N GLU A 6 -2.09 12.82 -3.34
CA GLU A 6 -3.53 12.58 -3.23
C GLU A 6 -3.85 11.86 -1.93
N VAL A 7 -3.33 10.64 -1.78
CA VAL A 7 -3.57 9.86 -0.57
C VAL A 7 -3.11 10.63 0.65
N ARG A 8 -1.97 11.31 0.52
CA ARG A 8 -1.43 12.12 1.60
C ARG A 8 -2.50 13.02 2.21
N ASP A 9 -3.12 13.84 1.37
CA ASP A 9 -4.17 14.74 1.84
C ASP A 9 -5.27 13.95 2.52
N MET A 10 -5.68 12.85 1.90
CA MET A 10 -6.73 12.00 2.45
C MET A 10 -6.39 11.60 3.89
N LEU A 11 -5.10 11.54 4.19
CA LEU A 11 -4.64 11.17 5.52
C LEU A 11 -4.81 12.33 6.50
N ALA A 12 -4.22 13.47 6.17
CA ALA A 12 -4.30 14.66 7.01
C ALA A 12 -5.75 15.01 7.34
N LEU A 13 -6.67 14.58 6.48
CA LEU A 13 -8.08 14.87 6.67
C LEU A 13 -8.86 13.63 7.12
N GLN A 14 -8.15 12.62 7.62
CA GLN A 14 -8.79 11.39 8.08
C GLN A 14 -7.91 10.64 9.07
N GLY A 15 -6.91 9.94 8.54
CA GLY A 15 -6.01 9.17 9.38
C GLY A 15 -5.78 7.77 8.84
N ARG A 16 -6.34 6.78 9.53
CA ARG A 16 -6.19 5.39 9.11
C ARG A 16 -6.75 5.19 7.70
N MET A 17 -5.91 4.68 6.81
CA MET A 17 -6.33 4.46 5.43
C MET A 17 -5.41 3.45 4.73
N GLU A 18 -5.74 3.12 3.49
CA GLU A 18 -4.96 2.18 2.71
C GLU A 18 -5.02 2.50 1.23
N ALA A 19 -3.90 2.34 0.53
CA ALA A 19 -3.85 2.62 -0.90
C ALA A 19 -4.53 1.51 -1.69
N LYS A 20 -4.62 0.33 -1.10
CA LYS A 20 -5.25 -0.81 -1.76
C LYS A 20 -6.61 -0.44 -2.32
N GLN A 21 -7.51 -0.01 -1.44
CA GLN A 21 -8.87 0.37 -1.85
C GLN A 21 -8.82 1.42 -2.96
N LEU A 22 -8.10 2.50 -2.72
CA LEU A 22 -7.99 3.57 -3.70
C LEU A 22 -7.41 3.05 -5.02
N SER A 23 -6.46 2.12 -4.92
CA SER A 23 -5.84 1.54 -6.11
C SER A 23 -6.84 0.73 -6.92
N ALA A 24 -7.65 -0.08 -6.23
CA ALA A 24 -8.64 -0.92 -6.90
C ALA A 24 -9.88 -0.11 -7.29
N ARG A 25 -10.08 1.02 -6.63
CA ARG A 25 -11.24 1.88 -6.90
C ARG A 25 -10.95 2.81 -8.07
N LEU A 26 -9.69 3.19 -8.22
CA LEU A 26 -9.29 4.09 -9.30
C LEU A 26 -8.48 3.36 -10.37
N GLN A 27 -8.27 2.06 -10.19
CA GLN A 27 -7.53 1.26 -11.16
C GLN A 27 -6.08 1.73 -11.24
N THR A 28 -5.19 1.00 -10.58
CA THR A 28 -3.78 1.34 -10.57
C THR A 28 -2.93 0.15 -10.11
N PRO A 29 -1.77 -0.08 -10.76
CA PRO A 29 -0.87 -1.18 -10.41
C PRO A 29 -0.68 -1.32 -8.90
N GLN A 30 -0.70 -2.55 -8.42
CA GLN A 30 -0.53 -2.83 -6.99
C GLN A 30 0.93 -2.69 -6.55
N PRO A 31 1.88 -3.24 -7.33
CA PRO A 31 3.30 -3.17 -6.99
C PRO A 31 3.76 -1.75 -6.70
N LEU A 32 3.38 -0.82 -7.58
CA LEU A 32 3.75 0.58 -7.42
C LEU A 32 3.34 1.10 -6.06
N ILE A 33 2.12 0.78 -5.65
CA ILE A 33 1.60 1.22 -4.35
C ILE A 33 2.61 0.96 -3.23
N ASP A 34 3.28 -0.20 -3.30
CA ASP A 34 4.27 -0.56 -2.29
C ASP A 34 5.29 0.56 -2.11
N ALA A 35 5.64 1.20 -3.21
CA ALA A 35 6.62 2.28 -3.17
C ALA A 35 5.98 3.59 -2.73
N MET A 36 4.70 3.76 -3.06
CA MET A 36 3.99 4.97 -2.71
C MET A 36 3.99 5.20 -1.19
N LEU A 37 3.60 4.18 -0.44
CA LEU A 37 3.58 4.29 1.02
C LEU A 37 4.97 4.11 1.61
N GLU A 38 5.69 3.10 1.15
CA GLU A 38 7.04 2.84 1.63
C GLU A 38 7.94 4.06 1.43
N ARG A 39 7.80 4.70 0.27
CA ARG A 39 8.61 5.88 -0.03
C ARG A 39 8.16 7.07 0.82
N MET A 40 6.87 7.39 0.73
CA MET A 40 6.33 8.50 1.50
C MET A 40 6.66 8.35 2.98
N GLU A 41 6.69 7.10 3.45
CA GLU A 41 7.01 6.81 4.84
C GLU A 41 8.51 6.72 5.04
N ALA A 42 9.23 6.36 3.98
CA ALA A 42 10.68 6.23 4.04
C ALA A 42 11.31 7.49 4.66
N MET A 43 10.60 8.61 4.55
CA MET A 43 11.10 9.87 5.10
C MET A 43 10.78 9.96 6.59
N GLY A 44 9.75 9.24 7.02
CA GLY A 44 9.37 9.26 8.42
C GLY A 44 7.97 9.82 8.64
N LYS A 45 6.98 9.22 7.98
CA LYS A 45 5.61 9.66 8.12
C LYS A 45 5.05 9.33 9.50
N VAL A 46 4.54 8.12 9.67
CA VAL A 46 3.99 7.69 10.95
C VAL A 46 3.97 6.16 11.05
N VAL A 47 3.00 5.53 10.41
CA VAL A 47 2.90 4.07 10.43
C VAL A 47 2.21 3.55 9.17
N ARG A 48 2.78 2.48 8.60
CA ARG A 48 2.23 1.87 7.39
C ARG A 48 2.15 0.36 7.54
N ILE A 49 1.36 -0.28 6.68
CA ILE A 49 1.20 -1.73 6.71
C ILE A 49 1.28 -2.32 5.31
N SER A 50 2.33 -3.09 5.06
CA SER A 50 2.52 -3.72 3.75
C SER A 50 1.78 -5.06 3.69
N GLU A 51 0.78 -5.14 2.81
CA GLU A 51 0.00 -6.36 2.66
C GLU A 51 -0.19 -6.72 1.18
N THR A 52 -0.45 -7.99 0.92
CA THR A 52 -0.66 -8.46 -0.45
C THR A 52 -2.08 -8.96 -0.65
N SER A 53 -2.54 -8.94 -1.90
CA SER A 53 -3.89 -9.38 -2.22
C SER A 53 -3.89 -10.86 -2.60
N GLU A 54 -4.68 -11.65 -1.88
CA GLU A 54 -4.76 -13.09 -2.15
C GLU A 54 -3.40 -13.75 -1.99
N GLY A 55 -3.40 -15.03 -1.64
CA GLY A 55 -2.16 -15.75 -1.46
C GLY A 55 -2.05 -16.96 -2.38
N CYS A 56 -3.18 -17.61 -2.62
CA CYS A 56 -3.22 -18.79 -3.48
C CYS A 56 -2.45 -19.95 -2.85
N LEU A 57 -1.14 -19.79 -2.73
CA LEU A 57 -0.30 -20.84 -2.15
C LEU A 57 -0.41 -20.82 -0.63
N SER A 58 0.14 -21.85 0.01
CA SER A 58 0.10 -21.95 1.46
C SER A 58 1.49 -21.71 2.05
N GLY A 59 2.53 -22.12 1.33
CA GLY A 59 3.89 -21.94 1.79
C GLY A 59 4.29 -20.48 1.86
N SER A 60 4.47 -19.86 0.70
CA SER A 60 4.86 -18.46 0.63
C SER A 60 3.64 -17.57 0.41
N CYS A 61 3.60 -16.45 1.11
CA CYS A 61 2.49 -15.50 0.99
C CYS A 61 2.77 -14.48 -0.10
N LYS A 62 3.79 -13.66 0.11
CA LYS A 62 4.16 -12.62 -0.85
C LYS A 62 5.09 -13.18 -1.92
N SER A 63 6.09 -13.95 -1.49
CA SER A 63 7.05 -14.53 -2.41
C SER A 63 6.38 -15.60 -3.28
N CYS A 64 6.85 -15.72 -4.52
CA CYS A 64 6.30 -16.70 -5.44
C CYS A 64 7.41 -17.36 -6.26
N PRO A 65 7.13 -18.54 -6.84
CA PRO A 65 8.11 -19.27 -7.65
C PRO A 65 8.83 -18.37 -8.65
N GLU A 66 8.07 -17.48 -9.28
CA GLU A 66 8.63 -16.55 -10.27
C GLU A 66 8.29 -15.11 -9.91
N GLY A 67 7.04 -14.88 -9.54
CA GLY A 67 6.61 -13.54 -9.18
C GLY A 67 5.66 -12.94 -10.19
N LYS A 68 4.98 -13.80 -10.94
CA LYS A 68 4.02 -13.35 -11.95
C LYS A 68 2.96 -12.46 -11.33
N ALA A 69 2.43 -11.53 -12.11
CA ALA A 69 1.40 -10.62 -11.64
C ALA A 69 1.96 -9.65 -10.60
N ALA A 70 2.33 -10.19 -9.44
CA ALA A 70 2.88 -9.38 -8.36
C ALA A 70 1.88 -8.32 -7.89
N CYS A 71 1.59 -8.32 -6.60
CA CYS A 71 0.64 -7.36 -6.03
C CYS A 71 0.95 -7.11 -4.56
N ARG A 72 1.57 -5.97 -4.27
CA ARG A 72 1.91 -5.60 -2.90
C ARG A 72 1.48 -4.17 -2.60
N GLN A 73 0.36 -4.03 -1.91
CA GLN A 73 -0.16 -2.72 -1.54
C GLN A 73 -0.05 -2.48 -0.04
N GLU A 74 0.47 -1.32 0.35
CA GLU A 74 0.63 -0.97 1.76
C GLU A 74 -0.56 -0.17 2.25
N TRP A 75 -0.61 0.05 3.56
CA TRP A 75 -1.70 0.81 4.16
C TRP A 75 -1.15 1.99 4.97
N TRP A 76 -1.93 3.07 5.03
CA TRP A 76 -1.54 4.25 5.79
C TRP A 76 -2.14 4.24 7.19
N ALA A 77 -1.40 4.81 8.14
CA ALA A 77 -1.86 4.88 9.52
C ALA A 77 -1.10 5.93 10.31
N LEU A 78 -1.83 6.84 10.95
CA LEU A 78 -1.23 7.90 11.73
C LEU A 78 -1.28 7.59 13.22
N ARG A 79 -0.82 8.52 14.05
CA ARG A 79 -0.82 8.33 15.49
C ARG A 79 -2.07 8.93 16.12
N MET A 1 -1.15 13.14 -13.58
CA MET A 1 -1.11 11.74 -13.09
C MET A 1 -1.38 11.69 -11.59
N ALA A 2 -1.32 10.49 -11.02
CA ALA A 2 -1.57 10.29 -9.59
C ALA A 2 -0.29 10.47 -8.79
N SER A 3 -0.40 11.11 -7.63
CA SER A 3 0.75 11.35 -6.76
C SER A 3 0.40 11.05 -5.31
N LEU A 4 1.42 10.73 -4.52
CA LEU A 4 1.22 10.42 -3.10
C LEU A 4 0.65 11.62 -2.35
N MET A 5 0.87 12.82 -2.90
CA MET A 5 0.39 14.05 -2.28
C MET A 5 -1.13 13.99 -2.08
N GLU A 6 -1.83 13.46 -3.07
CA GLU A 6 -3.29 13.36 -2.99
C GLU A 6 -3.71 12.48 -1.82
N VAL A 7 -3.34 11.20 -1.87
CA VAL A 7 -3.68 10.27 -0.81
C VAL A 7 -3.21 10.81 0.55
N ARG A 8 -2.04 11.44 0.53
CA ARG A 8 -1.46 12.02 1.73
C ARG A 8 -2.48 12.88 2.47
N ASP A 9 -2.98 13.91 1.79
CA ASP A 9 -3.96 14.82 2.38
C ASP A 9 -5.27 14.11 2.65
N MET A 10 -5.68 13.22 1.74
CA MET A 10 -6.92 12.49 1.88
C MET A 10 -7.02 11.83 3.25
N LEU A 11 -6.02 11.02 3.59
CA LEU A 11 -6.00 10.33 4.88
C LEU A 11 -5.67 11.30 6.01
N ALA A 12 -4.68 12.17 5.78
CA ALA A 12 -4.28 13.15 6.77
C ALA A 12 -5.48 13.91 7.33
N LEU A 13 -6.53 14.00 6.54
CA LEU A 13 -7.74 14.70 6.95
C LEU A 13 -8.92 13.74 7.12
N GLN A 14 -8.60 12.46 7.31
CA GLN A 14 -9.63 11.44 7.49
C GLN A 14 -9.27 10.48 8.61
N GLY A 15 -8.03 9.98 8.58
CA GLY A 15 -7.57 9.06 9.59
C GLY A 15 -6.72 7.94 9.03
N ARG A 16 -7.01 6.71 9.43
CA ARG A 16 -6.26 5.55 8.96
C ARG A 16 -6.84 5.01 7.65
N MET A 17 -5.97 4.61 6.74
CA MET A 17 -6.40 4.08 5.46
C MET A 17 -5.21 3.62 4.62
N GLU A 18 -5.50 3.03 3.46
CA GLU A 18 -4.45 2.55 2.58
C GLU A 18 -4.72 2.97 1.13
N ALA A 19 -3.70 2.90 0.29
CA ALA A 19 -3.83 3.27 -1.11
C ALA A 19 -4.49 2.16 -1.92
N LYS A 20 -4.39 0.94 -1.42
CA LYS A 20 -4.97 -0.22 -2.10
C LYS A 20 -6.41 0.07 -2.53
N GLN A 21 -7.24 0.49 -1.58
CA GLN A 21 -8.63 0.80 -1.87
C GLN A 21 -8.75 1.79 -3.02
N LEU A 22 -8.02 2.91 -2.92
CA LEU A 22 -8.04 3.93 -3.95
C LEU A 22 -7.45 3.40 -5.26
N SER A 23 -6.53 2.45 -5.13
CA SER A 23 -5.89 1.85 -6.30
C SER A 23 -6.80 0.83 -6.97
N ALA A 24 -7.69 0.25 -6.18
CA ALA A 24 -8.62 -0.75 -6.69
C ALA A 24 -9.82 -0.08 -7.37
N ARG A 25 -10.21 1.07 -6.85
CA ARG A 25 -11.34 1.81 -7.41
C ARG A 25 -11.07 2.22 -8.86
N LEU A 26 -9.78 2.33 -9.20
CA LEU A 26 -9.38 2.72 -10.55
C LEU A 26 -8.58 1.61 -11.24
N GLN A 27 -8.51 0.44 -10.61
CA GLN A 27 -7.77 -0.68 -11.19
C GLN A 27 -6.29 -0.36 -11.32
N THR A 28 -5.82 0.62 -10.55
CA THR A 28 -4.42 1.02 -10.58
C THR A 28 -3.52 -0.10 -10.06
N PRO A 29 -2.36 -0.30 -10.71
CA PRO A 29 -1.40 -1.34 -10.29
C PRO A 29 -1.12 -1.32 -8.80
N GLN A 30 -1.17 -2.50 -8.18
CA GLN A 30 -0.94 -2.62 -6.74
C GLN A 30 0.57 -2.69 -6.44
N PRO A 31 1.34 -3.48 -7.19
CA PRO A 31 2.79 -3.62 -6.97
C PRO A 31 3.47 -2.27 -6.81
N LEU A 32 3.04 -1.29 -7.61
CA LEU A 32 3.62 0.05 -7.56
C LEU A 32 3.29 0.74 -6.24
N ILE A 33 2.03 0.62 -5.82
CA ILE A 33 1.56 1.23 -4.58
C ILE A 33 2.52 0.93 -3.43
N ASP A 34 3.08 -0.28 -3.41
CA ASP A 34 4.00 -0.68 -2.36
C ASP A 34 5.06 0.40 -2.12
N ALA A 35 5.48 1.03 -3.21
CA ALA A 35 6.49 2.08 -3.15
C ALA A 35 5.84 3.41 -2.77
N MET A 36 4.58 3.58 -3.15
CA MET A 36 3.85 4.80 -2.85
C MET A 36 3.84 5.06 -1.35
N LEU A 37 3.50 4.04 -0.57
CA LEU A 37 3.45 4.16 0.87
C LEU A 37 4.85 4.05 1.46
N GLU A 38 5.61 3.07 0.99
CA GLU A 38 6.98 2.86 1.46
C GLU A 38 7.79 4.14 1.29
N ARG A 39 7.66 4.75 0.12
CA ARG A 39 8.38 6.00 -0.17
C ARG A 39 7.87 7.12 0.72
N MET A 40 6.55 7.28 0.78
CA MET A 40 5.95 8.31 1.60
C MET A 40 6.44 8.20 3.05
N GLU A 41 6.37 7.00 3.60
CA GLU A 41 6.81 6.75 4.96
C GLU A 41 8.34 6.73 5.06
N ALA A 42 9.01 6.56 3.92
CA ALA A 42 10.46 6.53 3.89
C ALA A 42 11.05 7.72 4.63
N MET A 43 10.30 8.81 4.69
CA MET A 43 10.76 10.01 5.38
C MET A 43 10.50 9.90 6.88
N GLY A 44 9.54 9.05 7.25
CA GLY A 44 9.22 8.87 8.65
C GLY A 44 7.89 9.50 9.02
N LYS A 45 6.87 9.29 8.18
CA LYS A 45 5.55 9.85 8.43
C LYS A 45 5.07 9.49 9.83
N VAL A 46 4.55 8.28 9.99
CA VAL A 46 4.05 7.83 11.29
C VAL A 46 4.07 6.30 11.37
N VAL A 47 3.13 5.66 10.68
CA VAL A 47 3.04 4.20 10.68
C VAL A 47 2.48 3.69 9.35
N ARG A 48 2.90 2.50 8.95
CA ARG A 48 2.43 1.90 7.71
C ARG A 48 2.60 0.38 7.74
N ILE A 49 1.61 -0.32 7.21
CA ILE A 49 1.64 -1.78 7.18
C ILE A 49 1.62 -2.31 5.74
N SER A 50 2.59 -3.16 5.41
CA SER A 50 2.67 -3.73 4.08
C SER A 50 2.00 -5.11 4.03
N GLU A 51 0.98 -5.23 3.18
CA GLU A 51 0.25 -6.49 3.04
C GLU A 51 0.05 -6.85 1.58
N THR A 52 0.10 -8.15 1.28
CA THR A 52 -0.09 -8.63 -0.08
C THR A 52 -1.47 -9.26 -0.26
N SER A 53 -2.17 -8.87 -1.32
CA SER A 53 -3.50 -9.40 -1.60
C SER A 53 -3.40 -10.79 -2.22
N GLU A 54 -3.52 -11.81 -1.39
CA GLU A 54 -3.45 -13.18 -1.86
C GLU A 54 -4.68 -13.98 -1.44
N GLY A 55 -4.79 -14.25 -0.14
CA GLY A 55 -5.93 -14.99 0.37
C GLY A 55 -5.57 -16.42 0.72
N CYS A 56 -4.90 -17.10 -0.20
CA CYS A 56 -4.50 -18.49 0.02
C CYS A 56 -3.02 -18.58 0.38
N LEU A 57 -2.17 -18.12 -0.53
CA LEU A 57 -0.73 -18.15 -0.31
C LEU A 57 -0.37 -17.47 1.01
N SER A 58 -0.61 -16.17 1.08
CA SER A 58 -0.31 -15.40 2.28
C SER A 58 -1.54 -15.30 3.18
N GLY A 59 -2.48 -16.23 3.01
CA GLY A 59 -3.68 -16.23 3.81
C GLY A 59 -3.39 -16.26 5.30
N SER A 60 -2.37 -17.03 5.68
CA SER A 60 -1.98 -17.15 7.08
C SER A 60 -0.66 -16.43 7.34
N CYS A 61 0.41 -16.93 6.70
CA CYS A 61 1.73 -16.34 6.87
C CYS A 61 2.02 -15.35 5.75
N LYS A 62 3.24 -14.84 5.72
CA LYS A 62 3.65 -13.88 4.70
C LYS A 62 5.10 -14.12 4.27
N SER A 63 5.26 -14.72 3.09
CA SER A 63 6.58 -15.01 2.55
C SER A 63 6.48 -15.61 1.15
N CYS A 64 7.26 -15.06 0.22
CA CYS A 64 7.25 -15.54 -1.15
C CYS A 64 8.67 -15.66 -1.69
N PRO A 65 8.94 -16.73 -2.46
CA PRO A 65 10.27 -16.97 -3.04
C PRO A 65 10.62 -15.95 -4.12
N GLU A 66 9.64 -15.65 -4.98
CA GLU A 66 9.85 -14.69 -6.05
C GLU A 66 8.54 -14.38 -6.77
N GLY A 67 8.63 -13.82 -7.97
CA GLY A 67 7.45 -13.48 -8.74
C GLY A 67 7.52 -12.10 -9.34
N LYS A 68 7.71 -12.04 -10.65
CA LYS A 68 7.81 -10.76 -11.35
C LYS A 68 6.60 -9.87 -11.04
N ALA A 69 6.87 -8.75 -10.37
CA ALA A 69 5.81 -7.81 -10.01
C ALA A 69 4.63 -8.54 -9.37
N ALA A 70 4.66 -8.69 -8.06
CA ALA A 70 3.60 -9.36 -7.33
C ALA A 70 2.67 -8.33 -6.67
N CYS A 71 1.36 -8.57 -6.79
CA CYS A 71 0.38 -7.66 -6.21
C CYS A 71 0.68 -7.39 -4.74
N ARG A 72 1.20 -6.20 -4.46
CA ARG A 72 1.54 -5.82 -3.09
C ARG A 72 1.18 -4.36 -2.82
N GLN A 73 0.43 -4.14 -1.74
CA GLN A 73 0.02 -2.79 -1.35
C GLN A 73 0.21 -2.57 0.13
N GLU A 74 0.55 -1.34 0.51
CA GLU A 74 0.77 -1.01 1.91
C GLU A 74 -0.41 -0.24 2.49
N TRP A 75 -0.32 0.07 3.78
CA TRP A 75 -1.37 0.82 4.46
C TRP A 75 -0.78 2.04 5.15
N TRP A 76 -1.51 3.16 5.08
CA TRP A 76 -1.05 4.39 5.71
C TRP A 76 -1.86 4.69 6.96
N ALA A 77 -1.19 4.68 8.12
CA ALA A 77 -1.86 4.96 9.38
C ALA A 77 -0.95 5.71 10.34
N LEU A 78 -1.56 6.35 11.33
CA LEU A 78 -0.81 7.12 12.32
C LEU A 78 -0.61 6.29 13.59
N ARG A 79 -0.09 6.93 14.63
CA ARG A 79 0.15 6.24 15.90
C ARG A 79 -1.16 5.78 16.54
N MET A 1 1.05 10.84 -13.76
CA MET A 1 -0.01 9.80 -13.75
C MET A 1 -0.72 9.74 -12.40
N ALA A 2 0.03 9.41 -11.37
CA ALA A 2 -0.52 9.33 -10.01
C ALA A 2 0.58 9.34 -8.96
N SER A 3 0.69 10.45 -8.24
CA SER A 3 1.71 10.59 -7.20
C SER A 3 1.12 10.33 -5.82
N LEU A 4 1.96 10.37 -4.80
CA LEU A 4 1.52 10.14 -3.42
C LEU A 4 0.75 11.34 -2.87
N MET A 5 0.83 12.48 -3.56
CA MET A 5 0.14 13.69 -3.13
C MET A 5 -1.32 13.40 -2.81
N GLU A 6 -2.01 12.75 -3.75
CA GLU A 6 -3.42 12.41 -3.56
C GLU A 6 -3.63 11.71 -2.23
N VAL A 7 -3.06 10.51 -2.11
CA VAL A 7 -3.18 9.74 -0.88
C VAL A 7 -2.73 10.56 0.32
N ARG A 8 -1.81 11.48 0.07
CA ARG A 8 -1.29 12.36 1.11
C ARG A 8 -2.43 13.07 1.82
N ASP A 9 -3.25 13.78 1.03
CA ASP A 9 -4.39 14.51 1.58
C ASP A 9 -5.38 13.55 2.22
N MET A 10 -5.57 12.40 1.60
CA MET A 10 -6.49 11.38 2.13
C MET A 10 -6.23 11.13 3.60
N LEU A 11 -5.00 10.73 3.93
CA LEU A 11 -4.63 10.45 5.31
C LEU A 11 -4.74 11.71 6.17
N ALA A 12 -4.36 12.85 5.60
CA ALA A 12 -4.42 14.11 6.32
C ALA A 12 -5.78 14.32 6.96
N LEU A 13 -6.83 13.95 6.23
CA LEU A 13 -8.20 14.10 6.72
C LEU A 13 -8.35 13.51 8.12
N GLN A 14 -8.06 12.21 8.25
CA GLN A 14 -8.16 11.54 9.53
C GLN A 14 -6.80 11.08 10.03
N GLY A 15 -6.27 10.04 9.40
CA GLY A 15 -4.97 9.51 9.80
C GLY A 15 -4.78 8.06 9.43
N ARG A 16 -5.85 7.27 9.54
CA ARG A 16 -5.79 5.86 9.23
C ARG A 16 -6.47 5.56 7.89
N MET A 17 -5.67 5.35 6.86
CA MET A 17 -6.18 5.06 5.53
C MET A 17 -5.15 4.29 4.70
N GLU A 18 -5.55 3.85 3.52
CA GLU A 18 -4.68 3.10 2.64
C GLU A 18 -5.02 3.35 1.17
N ALA A 19 -4.05 3.13 0.30
CA ALA A 19 -4.25 3.33 -1.14
C ALA A 19 -4.90 2.11 -1.79
N LYS A 20 -4.93 0.99 -1.07
CA LYS A 20 -5.53 -0.23 -1.59
C LYS A 20 -6.90 0.04 -2.22
N GLN A 21 -7.79 0.63 -1.45
CA GLN A 21 -9.13 0.94 -1.94
C GLN A 21 -9.06 1.83 -3.17
N LEU A 22 -8.33 2.93 -3.06
CA LEU A 22 -8.19 3.87 -4.17
C LEU A 22 -7.58 3.19 -5.39
N SER A 23 -6.75 2.18 -5.14
CA SER A 23 -6.10 1.44 -6.23
C SER A 23 -7.09 0.52 -6.92
N ALA A 24 -8.08 0.05 -6.18
CA ALA A 24 -9.10 -0.85 -6.71
C ALA A 24 -10.20 -0.06 -7.42
N ARG A 25 -10.41 1.17 -6.97
CA ARG A 25 -11.44 2.03 -7.55
C ARG A 25 -10.87 2.89 -8.67
N LEU A 26 -9.55 3.08 -8.67
CA LEU A 26 -8.90 3.89 -9.68
C LEU A 26 -8.10 3.02 -10.66
N GLN A 27 -7.84 1.76 -10.29
CA GLN A 27 -7.09 0.85 -11.14
C GLN A 27 -5.68 1.37 -11.37
N THR A 28 -4.73 0.86 -10.59
CA THR A 28 -3.34 1.28 -10.70
C THR A 28 -2.41 0.19 -10.21
N PRO A 29 -1.28 -0.03 -10.91
CA PRO A 29 -0.30 -1.05 -10.53
C PRO A 29 -0.09 -1.14 -9.02
N GLN A 30 -0.38 -2.30 -8.45
CA GLN A 30 -0.24 -2.52 -7.02
C GLN A 30 1.23 -2.44 -6.58
N PRO A 31 2.15 -3.07 -7.35
CA PRO A 31 3.58 -3.05 -7.01
C PRO A 31 4.11 -1.63 -6.80
N LEU A 32 3.39 -0.65 -7.33
CA LEU A 32 3.78 0.75 -7.18
C LEU A 32 3.21 1.32 -5.88
N ILE A 33 1.95 0.99 -5.60
CA ILE A 33 1.29 1.47 -4.40
C ILE A 33 2.15 1.24 -3.15
N ASP A 34 2.55 -0.01 -2.94
CA ASP A 34 3.37 -0.35 -1.77
C ASP A 34 4.55 0.61 -1.64
N ALA A 35 5.13 0.98 -2.76
CA ALA A 35 6.26 1.91 -2.77
C ALA A 35 5.79 3.33 -2.54
N MET A 36 4.54 3.61 -2.93
CA MET A 36 3.97 4.93 -2.75
C MET A 36 3.91 5.30 -1.28
N LEU A 37 3.19 4.50 -0.51
CA LEU A 37 3.06 4.73 0.92
C LEU A 37 4.42 4.58 1.60
N GLU A 38 5.11 3.48 1.30
CA GLU A 38 6.42 3.24 1.88
C GLU A 38 7.35 4.43 1.63
N ARG A 39 7.22 5.03 0.44
CA ARG A 39 8.03 6.18 0.08
C ARG A 39 7.79 7.34 1.03
N MET A 40 6.55 7.80 1.10
CA MET A 40 6.19 8.92 1.97
C MET A 40 6.57 8.62 3.42
N GLU A 41 6.42 7.36 3.82
CA GLU A 41 6.75 6.94 5.18
C GLU A 41 8.26 6.67 5.32
N ALA A 42 8.93 6.44 4.20
CA ALA A 42 10.36 6.16 4.21
C ALA A 42 11.12 7.19 5.02
N MET A 43 10.71 8.45 4.91
CA MET A 43 11.35 9.52 5.65
C MET A 43 11.11 9.38 7.15
N GLY A 44 9.99 8.74 7.50
CA GLY A 44 9.66 8.53 8.90
C GLY A 44 8.32 9.16 9.27
N LYS A 45 7.26 8.79 8.57
CA LYS A 45 5.94 9.32 8.84
C LYS A 45 5.44 8.87 10.21
N VAL A 46 4.92 7.64 10.27
CA VAL A 46 4.41 7.09 11.52
C VAL A 46 4.48 5.56 11.53
N VAL A 47 3.46 4.91 10.96
CA VAL A 47 3.42 3.46 10.90
C VAL A 47 2.79 2.98 9.58
N ARG A 48 3.36 1.93 9.01
CA ARG A 48 2.86 1.38 7.76
C ARG A 48 2.71 -0.13 7.86
N ILE A 49 1.94 -0.70 6.93
CA ILE A 49 1.72 -2.14 6.90
C ILE A 49 1.59 -2.65 5.48
N SER A 50 2.58 -3.42 5.03
CA SER A 50 2.59 -3.97 3.68
C SER A 50 1.97 -5.37 3.65
N GLU A 51 0.88 -5.51 2.92
CA GLU A 51 0.21 -6.80 2.80
C GLU A 51 0.12 -7.22 1.34
N THR A 52 0.03 -8.54 1.12
CA THR A 52 -0.06 -9.08 -0.22
C THR A 52 -1.51 -9.21 -0.67
N SER A 53 -1.71 -9.42 -1.97
CA SER A 53 -3.04 -9.57 -2.52
C SER A 53 -3.52 -11.02 -2.47
N GLU A 54 -4.37 -11.33 -1.50
CA GLU A 54 -4.88 -12.69 -1.34
C GLU A 54 -6.38 -12.67 -1.04
N GLY A 55 -7.13 -13.46 -1.80
CA GLY A 55 -8.57 -13.52 -1.60
C GLY A 55 -9.02 -14.85 -1.03
N CYS A 56 -9.05 -14.94 0.30
CA CYS A 56 -9.46 -16.16 0.98
C CYS A 56 -8.45 -17.28 0.74
N LEU A 57 -8.36 -17.75 -0.49
CA LEU A 57 -7.44 -18.82 -0.85
C LEU A 57 -5.99 -18.36 -0.70
N SER A 58 -5.22 -19.11 0.08
CA SER A 58 -3.81 -18.78 0.31
C SER A 58 -2.91 -19.95 -0.06
N GLY A 59 -3.38 -20.79 -0.98
CA GLY A 59 -2.60 -21.94 -1.41
C GLY A 59 -1.58 -21.59 -2.46
N SER A 60 -0.75 -20.59 -2.19
CA SER A 60 0.28 -20.15 -3.13
C SER A 60 1.63 -20.02 -2.43
N CYS A 61 2.70 -20.03 -3.21
CA CYS A 61 4.05 -19.90 -2.68
C CYS A 61 4.16 -18.67 -1.78
N LYS A 62 3.68 -17.54 -2.29
CA LYS A 62 3.71 -16.29 -1.55
C LYS A 62 5.14 -15.83 -1.27
N SER A 63 5.79 -16.47 -0.29
CA SER A 63 7.15 -16.12 0.07
C SER A 63 8.08 -16.24 -1.13
N CYS A 64 8.56 -15.10 -1.61
CA CYS A 64 9.46 -15.06 -2.75
C CYS A 64 10.64 -14.12 -2.50
N PRO A 65 11.80 -14.41 -3.12
CA PRO A 65 12.99 -13.58 -2.96
C PRO A 65 12.92 -12.27 -3.73
N GLU A 66 12.18 -12.28 -4.83
CA GLU A 66 12.01 -11.09 -5.66
C GLU A 66 10.54 -10.82 -5.95
N GLY A 67 9.89 -11.78 -6.60
CA GLY A 67 8.48 -11.63 -6.93
C GLY A 67 8.26 -10.86 -8.22
N LYS A 68 8.52 -11.51 -9.35
CA LYS A 68 8.36 -10.89 -10.65
C LYS A 68 6.95 -10.29 -10.79
N ALA A 69 6.90 -8.98 -10.98
CA ALA A 69 5.62 -8.29 -11.14
C ALA A 69 4.69 -8.55 -9.96
N ALA A 70 5.28 -8.94 -8.82
CA ALA A 70 4.49 -9.22 -7.63
C ALA A 70 3.64 -8.02 -7.23
N CYS A 71 2.33 -8.24 -7.13
CA CYS A 71 1.41 -7.18 -6.75
C CYS A 71 1.27 -7.09 -5.23
N ARG A 72 1.61 -5.94 -4.67
CA ARG A 72 1.51 -5.73 -3.24
C ARG A 72 1.09 -4.30 -2.92
N GLN A 73 0.42 -4.12 -1.77
CA GLN A 73 -0.03 -2.82 -1.35
C GLN A 73 -0.04 -2.73 0.17
N GLU A 74 0.47 -1.62 0.70
CA GLU A 74 0.53 -1.43 2.15
C GLU A 74 -0.52 -0.44 2.64
N TRP A 75 -0.52 -0.22 3.95
CA TRP A 75 -1.46 0.70 4.58
C TRP A 75 -0.71 1.83 5.29
N TRP A 76 -1.24 3.03 5.19
CA TRP A 76 -0.60 4.19 5.83
C TRP A 76 -1.45 4.69 7.00
N ALA A 77 -0.88 4.64 8.20
CA ALA A 77 -1.58 5.09 9.38
C ALA A 77 -0.68 5.95 10.26
N LEU A 78 -1.25 7.02 10.80
CA LEU A 78 -0.51 7.93 11.66
C LEU A 78 -0.95 7.79 13.11
N ARG A 79 -0.34 8.58 14.00
CA ARG A 79 -0.69 8.54 15.41
C ARG A 79 -1.31 9.87 15.86
N MET A 1 -2.06 8.35 -13.46
CA MET A 1 -0.99 8.62 -12.46
C MET A 1 -1.56 8.72 -11.05
N ALA A 2 -0.72 8.49 -10.06
CA ALA A 2 -1.14 8.56 -8.66
C ALA A 2 0.06 8.63 -7.73
N SER A 3 0.32 9.82 -7.20
CA SER A 3 1.44 10.03 -6.29
C SER A 3 1.01 9.88 -4.83
N LEU A 4 1.99 9.84 -3.93
CA LEU A 4 1.71 9.70 -2.51
C LEU A 4 0.88 10.87 -1.98
N MET A 5 0.84 11.96 -2.74
CA MET A 5 0.07 13.13 -2.34
C MET A 5 -1.41 12.79 -2.20
N GLU A 6 -1.87 11.82 -2.99
CA GLU A 6 -3.27 11.40 -2.95
C GLU A 6 -3.64 10.88 -1.56
N VAL A 7 -3.00 9.79 -1.15
CA VAL A 7 -3.26 9.18 0.13
C VAL A 7 -3.00 10.19 1.25
N ARG A 8 -2.04 11.07 1.01
CA ARG A 8 -1.68 12.10 1.98
C ARG A 8 -2.87 13.00 2.28
N ASP A 9 -3.38 13.67 1.25
CA ASP A 9 -4.52 14.55 1.39
C ASP A 9 -5.67 13.84 2.08
N MET A 10 -6.02 12.66 1.56
CA MET A 10 -7.10 11.86 2.13
C MET A 10 -6.80 11.53 3.58
N LEU A 11 -5.51 11.40 3.90
CA LEU A 11 -5.08 11.09 5.25
C LEU A 11 -5.43 12.23 6.21
N ALA A 12 -4.91 13.42 5.91
CA ALA A 12 -5.17 14.59 6.73
C ALA A 12 -6.65 14.87 6.84
N LEU A 13 -7.41 14.41 5.85
CA LEU A 13 -8.86 14.60 5.82
C LEU A 13 -9.60 13.39 6.39
N GLN A 14 -8.85 12.40 6.88
CA GLN A 14 -9.45 11.20 7.46
C GLN A 14 -8.54 10.58 8.52
N GLY A 15 -7.42 10.03 8.07
CA GLY A 15 -6.48 9.41 8.99
C GLY A 15 -6.61 7.91 9.04
N ARG A 16 -5.48 7.20 9.05
CA ARG A 16 -5.49 5.75 9.08
C ARG A 16 -6.30 5.18 7.93
N MET A 17 -5.62 4.85 6.85
CA MET A 17 -6.29 4.29 5.67
C MET A 17 -5.29 3.55 4.78
N GLU A 18 -5.81 2.91 3.73
CA GLU A 18 -4.96 2.17 2.80
C GLU A 18 -5.15 2.68 1.38
N ALA A 19 -4.08 2.59 0.59
CA ALA A 19 -4.12 3.06 -0.80
C ALA A 19 -4.75 2.01 -1.71
N LYS A 20 -4.78 0.76 -1.25
CA LYS A 20 -5.35 -0.33 -2.05
C LYS A 20 -6.76 0.02 -2.53
N GLN A 21 -7.57 0.59 -1.63
CA GLN A 21 -8.93 0.97 -1.98
C GLN A 21 -8.94 2.00 -3.09
N LEU A 22 -8.27 3.13 -2.86
CA LEU A 22 -8.21 4.20 -3.85
C LEU A 22 -7.61 3.70 -5.16
N SER A 23 -6.74 2.70 -5.07
CA SER A 23 -6.10 2.13 -6.25
C SER A 23 -7.07 1.23 -7.01
N ALA A 24 -8.04 0.67 -6.29
CA ALA A 24 -9.03 -0.21 -6.90
C ALA A 24 -10.05 0.59 -7.70
N ARG A 25 -10.48 1.71 -7.13
CA ARG A 25 -11.45 2.57 -7.79
C ARG A 25 -10.81 3.33 -8.95
N LEU A 26 -9.52 3.59 -8.83
CA LEU A 26 -8.78 4.30 -9.86
C LEU A 26 -8.06 3.34 -10.81
N GLN A 27 -7.92 2.08 -10.40
CA GLN A 27 -7.25 1.08 -11.21
C GLN A 27 -5.78 1.43 -11.42
N THR A 28 -4.92 0.91 -10.56
CA THR A 28 -3.49 1.16 -10.65
C THR A 28 -2.69 -0.01 -10.09
N PRO A 29 -1.58 -0.39 -10.75
CA PRO A 29 -0.74 -1.49 -10.31
C PRO A 29 -0.47 -1.46 -8.81
N GLN A 30 -0.63 -2.61 -8.16
CA GLN A 30 -0.41 -2.71 -6.73
C GLN A 30 1.06 -2.48 -6.37
N PRO A 31 2.01 -3.10 -7.09
CA PRO A 31 3.43 -2.94 -6.83
C PRO A 31 3.82 -1.47 -6.63
N LEU A 32 3.21 -0.60 -7.42
CA LEU A 32 3.49 0.83 -7.33
C LEU A 32 2.95 1.40 -6.01
N ILE A 33 1.67 1.13 -5.74
CA ILE A 33 1.03 1.62 -4.53
C ILE A 33 1.91 1.34 -3.30
N ASP A 34 2.41 0.11 -3.21
CA ASP A 34 3.26 -0.27 -2.10
C ASP A 34 4.50 0.63 -2.03
N ALA A 35 5.02 0.96 -3.20
CA ALA A 35 6.20 1.82 -3.29
C ALA A 35 5.83 3.27 -2.97
N MET A 36 4.57 3.62 -3.20
CA MET A 36 4.09 4.97 -2.93
C MET A 36 4.17 5.27 -1.44
N LEU A 37 3.46 4.47 -0.65
CA LEU A 37 3.46 4.64 0.79
C LEU A 37 4.83 4.30 1.35
N GLU A 38 5.40 3.18 0.89
CA GLU A 38 6.72 2.76 1.33
C GLU A 38 7.71 3.88 1.13
N ARG A 39 7.77 4.40 -0.08
CA ARG A 39 8.68 5.49 -0.41
C ARG A 39 8.47 6.66 0.55
N MET A 40 7.22 6.92 0.89
CA MET A 40 6.88 8.00 1.80
C MET A 40 7.45 7.72 3.19
N GLU A 41 6.99 6.63 3.81
CA GLU A 41 7.46 6.25 5.14
C GLU A 41 8.95 5.90 5.11
N ALA A 42 9.47 5.61 3.92
CA ALA A 42 10.88 5.26 3.76
C ALA A 42 11.78 6.26 4.48
N MET A 43 11.29 7.48 4.65
CA MET A 43 12.06 8.53 5.33
C MET A 43 11.83 8.47 6.84
N GLY A 44 10.69 7.92 7.24
CA GLY A 44 10.38 7.82 8.65
C GLY A 44 9.25 8.74 9.07
N LYS A 45 8.11 8.59 8.42
CA LYS A 45 6.94 9.43 8.74
C LYS A 45 6.34 9.03 10.08
N VAL A 46 5.50 8.00 10.08
CA VAL A 46 4.87 7.54 11.31
C VAL A 46 4.71 6.03 11.33
N VAL A 47 3.65 5.50 10.71
CA VAL A 47 3.43 4.07 10.70
C VAL A 47 2.76 3.61 9.40
N ARG A 48 3.18 2.45 8.91
CA ARG A 48 2.63 1.90 7.68
C ARG A 48 2.48 0.38 7.81
N ILE A 49 1.64 -0.21 6.97
CA ILE A 49 1.40 -1.65 7.01
C ILE A 49 1.45 -2.24 5.61
N SER A 50 2.47 -3.07 5.36
CA SER A 50 2.63 -3.70 4.06
C SER A 50 2.03 -5.10 4.04
N GLU A 51 1.04 -5.31 3.16
CA GLU A 51 0.38 -6.59 3.03
C GLU A 51 0.26 -6.99 1.56
N THR A 52 0.33 -8.28 1.30
CA THR A 52 0.23 -8.79 -0.07
C THR A 52 -1.11 -9.46 -0.31
N SER A 53 -1.48 -9.59 -1.58
CA SER A 53 -2.75 -10.21 -1.96
C SER A 53 -2.50 -11.49 -2.75
N GLU A 54 -3.39 -12.47 -2.58
CA GLU A 54 -3.27 -13.74 -3.28
C GLU A 54 -3.90 -13.66 -4.67
N GLY A 55 -5.21 -13.41 -4.69
CA GLY A 55 -5.92 -13.31 -5.96
C GLY A 55 -6.69 -14.57 -6.30
N CYS A 56 -7.08 -15.32 -5.26
CA CYS A 56 -7.82 -16.55 -5.46
C CYS A 56 -8.91 -16.71 -4.40
N LEU A 57 -8.50 -16.76 -3.13
CA LEU A 57 -9.44 -16.91 -2.03
C LEU A 57 -10.31 -18.14 -2.24
N SER A 58 -9.83 -19.08 -3.03
CA SER A 58 -10.57 -20.31 -3.30
C SER A 58 -10.38 -21.33 -2.18
N GLY A 59 -9.17 -21.36 -1.62
CA GLY A 59 -8.87 -22.30 -0.56
C GLY A 59 -7.77 -21.79 0.36
N SER A 60 -6.65 -21.40 -0.22
CA SER A 60 -5.52 -20.90 0.56
C SER A 60 -5.60 -19.39 0.73
N CYS A 61 -5.19 -18.91 1.90
CA CYS A 61 -5.21 -17.48 2.19
C CYS A 61 -3.81 -16.96 2.44
N LYS A 62 -3.25 -17.30 3.61
CA LYS A 62 -1.91 -16.87 3.97
C LYS A 62 -0.86 -17.58 3.13
N SER A 63 -1.05 -18.89 2.94
CA SER A 63 -0.12 -19.69 2.15
C SER A 63 1.32 -19.47 2.61
N CYS A 64 2.26 -20.04 1.88
CA CYS A 64 3.67 -19.90 2.21
C CYS A 64 4.21 -18.56 1.74
N PRO A 65 5.11 -17.94 2.53
CA PRO A 65 5.70 -16.64 2.18
C PRO A 65 6.45 -16.68 0.86
N GLU A 66 7.18 -17.78 0.63
CA GLU A 66 7.94 -17.94 -0.60
C GLU A 66 9.09 -16.95 -0.67
N GLY A 67 8.76 -15.67 -0.75
CA GLY A 67 9.78 -14.64 -0.82
C GLY A 67 9.55 -13.67 -1.97
N LYS A 68 9.41 -14.21 -3.17
CA LYS A 68 9.19 -13.38 -4.36
C LYS A 68 7.72 -13.07 -4.52
N ALA A 69 7.42 -11.82 -4.87
CA ALA A 69 6.03 -11.40 -5.07
C ALA A 69 5.97 -9.99 -5.64
N ALA A 70 5.45 -9.88 -6.86
CA ALA A 70 5.32 -8.58 -7.52
C ALA A 70 4.19 -7.76 -6.92
N CYS A 71 3.02 -8.39 -6.79
CA CYS A 71 1.85 -7.72 -6.24
C CYS A 71 2.06 -7.39 -4.76
N ARG A 72 2.04 -6.10 -4.44
CA ARG A 72 2.21 -5.64 -3.07
C ARG A 72 1.48 -4.33 -2.83
N GLN A 73 0.84 -4.21 -1.67
CA GLN A 73 0.10 -3.01 -1.32
C GLN A 73 0.10 -2.79 0.19
N GLU A 74 0.60 -1.63 0.63
CA GLU A 74 0.64 -1.33 2.06
C GLU A 74 -0.40 -0.27 2.43
N TRP A 75 -0.45 0.06 3.71
CA TRP A 75 -1.40 1.05 4.20
C TRP A 75 -0.67 2.16 4.98
N TRP A 76 -1.19 3.38 4.89
CA TRP A 76 -0.59 4.51 5.58
C TRP A 76 -1.39 4.86 6.83
N ALA A 77 -0.71 4.91 7.97
CA ALA A 77 -1.37 5.24 9.24
C ALA A 77 -0.47 6.04 10.17
N LEU A 78 -1.08 6.62 11.19
CA LEU A 78 -0.34 7.41 12.17
C LEU A 78 -0.24 6.68 13.51
N ARG A 79 0.30 7.35 14.51
CA ARG A 79 0.44 6.75 15.84
C ARG A 79 -0.92 6.39 16.43
N MET A 1 -0.55 9.67 -14.32
CA MET A 1 0.47 9.40 -13.27
C MET A 1 -0.15 9.53 -11.87
N ALA A 2 -0.17 8.41 -11.14
CA ALA A 2 -0.72 8.41 -9.79
C ALA A 2 0.36 8.64 -8.75
N SER A 3 0.42 9.86 -8.23
CA SER A 3 1.41 10.23 -7.23
C SER A 3 0.88 10.00 -5.82
N LEU A 4 1.78 9.83 -4.87
CA LEU A 4 1.39 9.59 -3.48
C LEU A 4 0.79 10.84 -2.85
N MET A 5 1.10 12.00 -3.44
CA MET A 5 0.59 13.27 -2.94
C MET A 5 -0.93 13.26 -2.83
N GLU A 6 -1.58 12.57 -3.77
CA GLU A 6 -3.03 12.48 -3.78
C GLU A 6 -3.53 11.80 -2.51
N VAL A 7 -3.16 10.53 -2.37
CA VAL A 7 -3.56 9.74 -1.21
C VAL A 7 -3.00 10.36 0.07
N ARG A 8 -1.86 11.03 -0.08
CA ARG A 8 -1.21 11.68 1.04
C ARG A 8 -2.16 12.62 1.77
N ASP A 9 -2.66 13.62 1.03
CA ASP A 9 -3.58 14.60 1.60
C ASP A 9 -4.88 13.94 2.04
N MET A 10 -5.43 13.08 1.19
CA MET A 10 -6.67 12.39 1.49
C MET A 10 -6.65 11.80 2.90
N LEU A 11 -5.65 10.96 3.18
CA LEU A 11 -5.51 10.33 4.48
C LEU A 11 -5.01 11.33 5.51
N ALA A 12 -4.30 12.35 5.03
CA ALA A 12 -3.76 13.39 5.91
C ALA A 12 -4.86 13.99 6.77
N LEU A 13 -6.02 14.20 6.17
CA LEU A 13 -7.15 14.78 6.89
C LEU A 13 -8.23 13.73 7.16
N GLN A 14 -7.80 12.47 7.26
CA GLN A 14 -8.73 11.37 7.52
C GLN A 14 -8.25 10.54 8.71
N GLY A 15 -7.15 9.83 8.53
CA GLY A 15 -6.61 9.00 9.59
C GLY A 15 -6.10 7.66 9.08
N ARG A 16 -6.58 6.58 9.68
CA ARG A 16 -6.17 5.24 9.27
C ARG A 16 -6.81 4.84 7.95
N MET A 17 -5.97 4.51 6.97
CA MET A 17 -6.45 4.13 5.65
C MET A 17 -5.33 3.56 4.79
N GLU A 18 -5.68 3.08 3.59
CA GLU A 18 -4.70 2.51 2.68
C GLU A 18 -5.01 2.91 1.24
N ALA A 19 -3.96 3.18 0.47
CA ALA A 19 -4.14 3.57 -0.94
C ALA A 19 -4.76 2.44 -1.75
N LYS A 20 -4.65 1.21 -1.24
CA LYS A 20 -5.20 0.05 -1.91
C LYS A 20 -6.64 0.29 -2.36
N GLN A 21 -7.47 0.74 -1.43
CA GLN A 21 -8.87 1.03 -1.73
C GLN A 21 -8.99 2.00 -2.88
N LEU A 22 -8.36 3.17 -2.74
CA LEU A 22 -8.38 4.19 -3.77
C LEU A 22 -7.72 3.70 -5.06
N SER A 23 -6.80 2.76 -4.92
CA SER A 23 -6.08 2.21 -6.07
C SER A 23 -7.05 1.52 -7.02
N ALA A 24 -7.90 0.66 -6.48
CA ALA A 24 -8.87 -0.07 -7.28
C ALA A 24 -10.04 0.83 -7.67
N ARG A 25 -10.41 1.74 -6.78
CA ARG A 25 -11.51 2.66 -7.04
C ARG A 25 -11.15 3.65 -8.14
N LEU A 26 -9.86 3.91 -8.29
CA LEU A 26 -9.39 4.85 -9.31
C LEU A 26 -8.44 4.16 -10.30
N GLN A 27 -8.38 2.83 -10.25
CA GLN A 27 -7.52 2.08 -11.15
C GLN A 27 -6.07 2.52 -11.01
N THR A 28 -5.26 1.67 -10.39
CA THR A 28 -3.84 1.97 -10.19
C THR A 28 -3.07 0.70 -9.84
N PRO A 29 -1.87 0.52 -10.42
CA PRO A 29 -1.04 -0.65 -10.18
C PRO A 29 -0.87 -0.94 -8.69
N GLN A 30 -0.85 -2.22 -8.35
CA GLN A 30 -0.70 -2.64 -6.96
C GLN A 30 0.75 -2.51 -6.47
N PRO A 31 1.73 -2.94 -7.28
CA PRO A 31 3.15 -2.87 -6.89
C PRO A 31 3.57 -1.45 -6.54
N LEU A 32 3.00 -0.48 -7.23
CA LEU A 32 3.31 0.92 -6.99
C LEU A 32 2.81 1.36 -5.61
N ILE A 33 1.64 0.85 -5.23
CA ILE A 33 1.05 1.19 -3.94
C ILE A 33 2.07 1.06 -2.80
N ASP A 34 2.68 -0.11 -2.70
CA ASP A 34 3.67 -0.35 -1.65
C ASP A 34 4.69 0.77 -1.59
N ALA A 35 5.09 1.23 -2.77
CA ALA A 35 6.07 2.31 -2.87
C ALA A 35 5.40 3.67 -2.61
N MET A 36 4.10 3.73 -2.85
CA MET A 36 3.35 4.96 -2.63
C MET A 36 3.34 5.33 -1.15
N LEU A 37 2.89 4.39 -0.32
CA LEU A 37 2.84 4.63 1.12
C LEU A 37 4.24 4.59 1.72
N GLU A 38 5.02 3.58 1.34
CA GLU A 38 6.38 3.44 1.84
C GLU A 38 7.17 4.71 1.57
N ARG A 39 6.96 5.30 0.39
CA ARG A 39 7.64 6.53 0.01
C ARG A 39 7.22 7.69 0.91
N MET A 40 5.92 7.90 1.01
CA MET A 40 5.38 8.98 1.84
C MET A 40 5.85 8.81 3.28
N GLU A 41 5.89 7.57 3.75
CA GLU A 41 6.32 7.27 5.11
C GLU A 41 7.84 7.21 5.19
N ALA A 42 8.48 6.99 4.04
CA ALA A 42 9.94 6.91 3.99
C ALA A 42 10.59 8.10 4.68
N MET A 43 9.94 9.25 4.60
CA MET A 43 10.46 10.46 5.24
C MET A 43 10.30 10.38 6.75
N GLY A 44 9.30 9.62 7.19
CA GLY A 44 9.07 9.47 8.62
C GLY A 44 7.68 9.94 9.04
N LYS A 45 6.65 9.39 8.42
CA LYS A 45 5.28 9.77 8.76
C LYS A 45 4.88 9.23 10.13
N VAL A 46 4.47 7.97 10.17
CA VAL A 46 4.08 7.33 11.42
C VAL A 46 4.28 5.82 11.37
N VAL A 47 3.31 5.10 10.80
CA VAL A 47 3.40 3.65 10.69
C VAL A 47 2.74 3.14 9.42
N ARG A 48 3.18 1.97 8.97
CA ARG A 48 2.61 1.36 7.76
C ARG A 48 2.68 -0.16 7.84
N ILE A 49 1.90 -0.82 6.99
CA ILE A 49 1.86 -2.28 6.97
C ILE A 49 1.75 -2.81 5.54
N SER A 50 2.78 -3.54 5.10
CA SER A 50 2.81 -4.09 3.75
C SER A 50 2.31 -5.53 3.74
N GLU A 51 1.22 -5.76 3.02
CA GLU A 51 0.63 -7.09 2.91
C GLU A 51 0.73 -7.62 1.48
N THR A 52 0.89 -8.93 1.34
CA THR A 52 0.98 -9.55 0.03
C THR A 52 -0.40 -9.77 -0.58
N SER A 53 -0.44 -10.13 -1.85
CA SER A 53 -1.70 -10.36 -2.56
C SER A 53 -2.61 -11.27 -1.73
N GLU A 54 -3.88 -11.33 -2.12
CA GLU A 54 -4.85 -12.15 -1.41
C GLU A 54 -5.06 -11.65 0.01
N GLY A 55 -6.25 -11.92 0.56
CA GLY A 55 -6.55 -11.48 1.91
C GLY A 55 -6.94 -12.62 2.83
N CYS A 56 -6.47 -12.56 4.07
CA CYS A 56 -6.76 -13.60 5.04
C CYS A 56 -6.14 -14.94 4.64
N LEU A 57 -6.35 -15.96 5.46
CA LEU A 57 -5.80 -17.29 5.19
C LEU A 57 -4.28 -17.26 5.24
N SER A 58 -3.73 -17.94 6.25
CA SER A 58 -2.27 -18.00 6.41
C SER A 58 -1.73 -19.34 5.92
N GLY A 59 -2.45 -19.96 4.98
CA GLY A 59 -2.02 -21.24 4.44
C GLY A 59 -0.89 -21.11 3.43
N SER A 60 -0.60 -19.89 3.01
CA SER A 60 0.47 -19.64 2.04
C SER A 60 1.72 -19.11 2.72
N CYS A 61 2.79 -19.90 2.71
CA CYS A 61 4.04 -19.50 3.32
C CYS A 61 4.84 -18.58 2.40
N LYS A 62 5.95 -18.07 2.91
CA LYS A 62 6.80 -17.17 2.12
C LYS A 62 7.83 -17.97 1.32
N SER A 63 7.56 -18.12 0.03
CA SER A 63 8.46 -18.86 -0.86
C SER A 63 8.12 -18.61 -2.31
N CYS A 64 8.98 -17.89 -3.01
CA CYS A 64 8.76 -17.57 -4.42
C CYS A 64 9.98 -17.96 -5.26
N PRO A 65 9.75 -18.35 -6.52
CA PRO A 65 10.84 -18.73 -7.43
C PRO A 65 11.74 -17.55 -7.80
N GLU A 66 11.12 -16.44 -8.16
CA GLU A 66 11.86 -15.24 -8.55
C GLU A 66 10.99 -14.00 -8.41
N GLY A 67 11.55 -12.85 -8.76
CA GLY A 67 10.82 -11.61 -8.68
C GLY A 67 10.13 -11.23 -9.98
N LYS A 68 9.22 -12.09 -10.42
CA LYS A 68 8.50 -11.85 -11.66
C LYS A 68 7.13 -11.22 -11.37
N ALA A 69 6.68 -10.38 -12.30
CA ALA A 69 5.39 -9.71 -12.15
C ALA A 69 5.42 -8.69 -11.01
N ALA A 70 5.63 -9.20 -9.79
CA ALA A 70 5.68 -8.33 -8.61
C ALA A 70 4.31 -7.73 -8.31
N CYS A 71 3.89 -7.82 -7.06
CA CYS A 71 2.60 -7.29 -6.65
C CYS A 71 2.49 -7.24 -5.12
N ARG A 72 2.32 -6.04 -4.58
CA ARG A 72 2.21 -5.85 -3.14
C ARG A 72 1.46 -4.56 -2.83
N GLN A 73 0.84 -4.51 -1.64
CA GLN A 73 0.09 -3.33 -1.22
C GLN A 73 0.18 -3.16 0.29
N GLU A 74 0.51 -1.95 0.75
CA GLU A 74 0.63 -1.70 2.17
C GLU A 74 -0.44 -0.71 2.66
N TRP A 75 -0.52 -0.58 3.98
CA TRP A 75 -1.48 0.32 4.60
C TRP A 75 -0.75 1.41 5.38
N TRP A 76 -1.30 2.62 5.36
CA TRP A 76 -0.69 3.74 6.07
C TRP A 76 -1.60 4.22 7.20
N ALA A 77 -1.02 4.40 8.39
CA ALA A 77 -1.77 4.86 9.54
C ALA A 77 -0.95 5.82 10.39
N LEU A 78 -1.64 6.76 11.03
CA LEU A 78 -0.99 7.74 11.89
C LEU A 78 -1.28 7.47 13.35
N ARG A 79 -0.58 8.16 14.24
CA ARG A 79 -0.76 7.99 15.67
C ARG A 79 -1.09 9.31 16.36
N MET A 1 -1.64 10.81 -14.35
CA MET A 1 -0.47 10.54 -13.48
C MET A 1 -0.81 10.67 -12.01
N ALA A 2 -0.77 9.56 -11.28
CA ALA A 2 -1.08 9.55 -9.86
C ALA A 2 0.19 9.41 -9.02
N SER A 3 0.22 10.13 -7.90
CA SER A 3 1.38 10.08 -7.00
C SER A 3 0.92 9.92 -5.56
N LEU A 4 1.88 9.98 -4.63
CA LEU A 4 1.57 9.85 -3.21
C LEU A 4 0.85 11.08 -2.68
N MET A 5 0.94 12.19 -3.41
CA MET A 5 0.28 13.42 -3.00
C MET A 5 -1.22 13.21 -2.82
N GLU A 6 -1.79 12.37 -3.67
CA GLU A 6 -3.22 12.07 -3.60
C GLU A 6 -3.56 11.45 -2.25
N VAL A 7 -3.00 10.27 -1.99
CA VAL A 7 -3.23 9.58 -0.74
C VAL A 7 -2.85 10.46 0.44
N ARG A 8 -1.79 11.24 0.25
CA ARG A 8 -1.31 12.14 1.29
C ARG A 8 -2.45 12.98 1.86
N ASP A 9 -3.12 13.72 0.99
CA ASP A 9 -4.24 14.56 1.40
C ASP A 9 -5.39 13.70 1.93
N MET A 10 -5.61 12.56 1.28
CA MET A 10 -6.68 11.65 1.68
C MET A 10 -6.56 11.30 3.17
N LEU A 11 -5.35 10.95 3.59
CA LEU A 11 -5.10 10.59 4.98
C LEU A 11 -4.96 11.83 5.85
N ALA A 12 -4.52 12.92 5.24
CA ALA A 12 -4.35 14.19 5.95
C ALA A 12 -5.68 14.73 6.46
N LEU A 13 -6.75 14.36 5.77
CA LEU A 13 -8.08 14.80 6.15
C LEU A 13 -8.86 13.69 6.85
N GLN A 14 -8.98 12.54 6.19
CA GLN A 14 -9.68 11.41 6.76
C GLN A 14 -9.02 10.91 8.04
N GLY A 15 -7.78 10.42 7.91
CA GLY A 15 -7.05 9.93 9.06
C GLY A 15 -6.31 8.64 8.76
N ARG A 16 -6.88 7.53 9.19
CA ARG A 16 -6.27 6.22 8.98
C ARG A 16 -6.95 5.49 7.82
N MET A 17 -6.16 5.12 6.81
CA MET A 17 -6.69 4.43 5.64
C MET A 17 -5.58 3.70 4.88
N GLU A 18 -5.97 2.95 3.85
CA GLU A 18 -5.02 2.21 3.04
C GLU A 18 -5.08 2.67 1.59
N ALA A 19 -4.01 2.39 0.83
CA ALA A 19 -3.94 2.79 -0.56
C ALA A 19 -4.67 1.80 -1.46
N LYS A 20 -4.79 0.55 -1.00
CA LYS A 20 -5.46 -0.49 -1.77
C LYS A 20 -6.90 -0.10 -2.05
N GLN A 21 -7.52 0.59 -1.10
CA GLN A 21 -8.92 1.02 -1.26
C GLN A 21 -9.07 1.96 -2.44
N LEU A 22 -8.32 3.06 -2.42
CA LEU A 22 -8.37 4.05 -3.49
C LEU A 22 -7.89 3.44 -4.81
N SER A 23 -6.71 2.83 -4.77
CA SER A 23 -6.13 2.22 -5.95
C SER A 23 -7.10 1.22 -6.58
N ALA A 24 -7.97 0.65 -5.75
CA ALA A 24 -8.96 -0.32 -6.21
C ALA A 24 -10.16 0.37 -6.83
N ARG A 25 -10.53 1.53 -6.30
CA ARG A 25 -11.66 2.29 -6.80
C ARG A 25 -11.25 3.17 -7.97
N LEU A 26 -9.99 3.60 -7.97
CA LEU A 26 -9.46 4.44 -9.04
C LEU A 26 -8.57 3.65 -10.00
N GLN A 27 -8.31 2.38 -9.66
CA GLN A 27 -7.47 1.53 -10.51
C GLN A 27 -6.05 2.09 -10.60
N THR A 28 -5.10 1.34 -10.05
CA THR A 28 -3.70 1.75 -10.07
C THR A 28 -2.79 0.57 -9.75
N PRO A 29 -1.65 0.46 -10.46
CA PRO A 29 -0.69 -0.63 -10.26
C PRO A 29 -0.32 -0.79 -8.78
N GLN A 30 -0.72 -1.90 -8.19
CA GLN A 30 -0.43 -2.19 -6.80
C GLN A 30 1.08 -2.12 -6.52
N PRO A 31 1.90 -2.76 -7.36
CA PRO A 31 3.36 -2.77 -7.18
C PRO A 31 3.90 -1.40 -6.78
N LEU A 32 3.32 -0.35 -7.34
CA LEU A 32 3.74 1.00 -7.04
C LEU A 32 3.14 1.48 -5.74
N ILE A 33 1.91 1.05 -5.46
CA ILE A 33 1.21 1.43 -4.25
C ILE A 33 2.08 1.22 -3.01
N ASP A 34 2.62 0.01 -2.85
CA ASP A 34 3.46 -0.31 -1.72
C ASP A 34 4.67 0.62 -1.65
N ALA A 35 5.30 0.84 -2.81
CA ALA A 35 6.46 1.71 -2.88
C ALA A 35 6.06 3.16 -2.69
N MET A 36 4.83 3.49 -3.07
CA MET A 36 4.33 4.85 -2.93
C MET A 36 4.22 5.22 -1.45
N LEU A 37 3.55 4.37 -0.70
CA LEU A 37 3.39 4.58 0.74
C LEU A 37 4.74 4.41 1.43
N GLU A 38 5.39 3.27 1.16
CA GLU A 38 6.69 2.97 1.74
C GLU A 38 7.64 4.16 1.58
N ARG A 39 7.57 4.81 0.43
CA ARG A 39 8.42 5.97 0.15
C ARG A 39 8.06 7.14 1.07
N MET A 40 6.78 7.52 1.07
CA MET A 40 6.31 8.60 1.90
C MET A 40 6.70 8.37 3.36
N GLU A 41 6.60 7.12 3.79
CA GLU A 41 6.95 6.75 5.16
C GLU A 41 8.44 6.47 5.29
N ALA A 42 9.10 6.21 4.16
CA ALA A 42 10.53 5.92 4.15
C ALA A 42 11.31 6.98 4.92
N MET A 43 10.73 8.18 5.02
CA MET A 43 11.36 9.27 5.74
C MET A 43 10.99 9.23 7.22
N GLY A 44 9.85 8.64 7.53
CA GLY A 44 9.40 8.55 8.90
C GLY A 44 8.12 9.33 9.15
N LYS A 45 7.06 8.99 8.43
CA LYS A 45 5.78 9.67 8.58
C LYS A 45 5.08 9.24 9.86
N VAL A 46 4.61 7.99 9.90
CA VAL A 46 3.93 7.47 11.08
C VAL A 46 4.00 5.94 11.13
N VAL A 47 3.01 5.26 10.55
CA VAL A 47 2.99 3.81 10.55
C VAL A 47 2.40 3.27 9.26
N ARG A 48 2.79 2.05 8.89
CA ARG A 48 2.31 1.43 7.66
C ARG A 48 2.28 -0.09 7.78
N ILE A 49 1.53 -0.73 6.89
CA ILE A 49 1.40 -2.19 6.88
C ILE A 49 1.36 -2.72 5.46
N SER A 50 2.41 -3.46 5.09
CA SER A 50 2.49 -4.02 3.75
C SER A 50 1.85 -5.40 3.66
N GLU A 51 1.04 -5.58 2.63
CA GLU A 51 0.35 -6.85 2.41
C GLU A 51 0.41 -7.25 0.94
N THR A 52 0.46 -8.56 0.68
CA THR A 52 0.53 -9.06 -0.68
C THR A 52 -0.62 -10.04 -0.96
N SER A 53 -1.33 -9.80 -2.05
CA SER A 53 -2.45 -10.66 -2.44
C SER A 53 -3.00 -10.25 -3.81
N GLU A 54 -3.57 -11.21 -4.52
CA GLU A 54 -4.13 -10.95 -5.84
C GLU A 54 -4.85 -12.18 -6.38
N GLY A 55 -4.28 -13.36 -6.13
CA GLY A 55 -4.89 -14.59 -6.60
C GLY A 55 -4.64 -15.76 -5.67
N CYS A 56 -3.68 -16.61 -6.03
CA CYS A 56 -3.35 -17.77 -5.23
C CYS A 56 -3.02 -17.38 -3.79
N LEU A 57 -2.78 -18.37 -2.95
CA LEU A 57 -2.46 -18.14 -1.55
C LEU A 57 -0.95 -18.17 -1.33
N SER A 58 -0.20 -17.85 -2.37
CA SER A 58 1.26 -17.85 -2.30
C SER A 58 1.78 -16.63 -1.54
N GLY A 59 0.95 -15.60 -1.46
CA GLY A 59 1.35 -14.39 -0.75
C GLY A 59 0.93 -14.41 0.72
N SER A 60 1.38 -15.43 1.43
CA SER A 60 1.05 -15.57 2.86
C SER A 60 1.89 -14.60 3.70
N CYS A 61 1.27 -14.07 4.74
CA CYS A 61 1.95 -13.14 5.64
C CYS A 61 2.40 -11.89 4.89
N LYS A 62 3.14 -11.02 5.59
CA LYS A 62 3.63 -9.79 5.00
C LYS A 62 4.95 -10.02 4.28
N SER A 63 5.78 -10.89 4.85
CA SER A 63 7.08 -11.20 4.26
C SER A 63 6.92 -11.76 2.85
N CYS A 64 7.92 -11.53 2.01
CA CYS A 64 7.89 -12.01 0.64
C CYS A 64 8.47 -13.42 0.53
N PRO A 65 7.99 -14.20 -0.45
CA PRO A 65 8.47 -15.58 -0.66
C PRO A 65 9.92 -15.62 -1.13
N GLU A 66 10.31 -14.61 -1.89
CA GLU A 66 11.68 -14.52 -2.40
C GLU A 66 12.17 -13.08 -2.41
N GLY A 67 11.88 -12.36 -3.50
CA GLY A 67 12.30 -10.98 -3.61
C GLY A 67 11.25 -10.11 -4.25
N LYS A 68 10.90 -10.41 -5.49
CA LYS A 68 9.89 -9.63 -6.22
C LYS A 68 8.50 -10.18 -5.94
N ALA A 69 7.71 -9.43 -5.17
CA ALA A 69 6.36 -9.85 -4.83
C ALA A 69 5.36 -9.33 -5.85
N ALA A 70 4.70 -10.25 -6.56
CA ALA A 70 3.71 -9.88 -7.56
C ALA A 70 2.61 -9.02 -6.95
N CYS A 71 2.57 -7.75 -7.35
CA CYS A 71 1.56 -6.83 -6.84
C CYS A 71 1.65 -6.72 -5.32
N ARG A 72 2.07 -5.56 -4.83
CA ARG A 72 2.21 -5.33 -3.41
C ARG A 72 1.65 -3.96 -3.01
N GLN A 73 0.91 -3.91 -1.92
CA GLN A 73 0.33 -2.67 -1.44
C GLN A 73 0.27 -2.64 0.09
N GLU A 74 0.63 -1.51 0.68
CA GLU A 74 0.62 -1.39 2.14
C GLU A 74 -0.43 -0.39 2.60
N TRP A 75 -0.56 -0.25 3.91
CA TRP A 75 -1.53 0.68 4.49
C TRP A 75 -0.84 1.88 5.11
N TRP A 76 -1.53 3.01 5.16
CA TRP A 76 -0.97 4.24 5.73
C TRP A 76 -1.86 4.76 6.86
N ALA A 77 -1.31 4.75 8.07
CA ALA A 77 -2.04 5.22 9.23
C ALA A 77 -1.16 6.05 10.15
N LEU A 78 -1.78 6.97 10.89
CA LEU A 78 -1.04 7.83 11.81
C LEU A 78 -1.16 7.32 13.25
N ARG A 79 -0.27 7.77 14.11
CA ARG A 79 -0.28 7.35 15.51
C ARG A 79 -0.79 8.48 16.41
N MET A 1 0.17 12.53 -13.45
CA MET A 1 0.79 11.35 -12.81
C MET A 1 0.32 11.21 -11.35
N ALA A 2 -0.46 10.17 -11.09
CA ALA A 2 -0.98 9.92 -9.75
C ALA A 2 0.16 9.84 -8.74
N SER A 3 0.25 10.84 -7.88
CA SER A 3 1.30 10.89 -6.86
C SER A 3 0.71 10.60 -5.47
N LEU A 4 1.55 10.67 -4.45
CA LEU A 4 1.13 10.41 -3.09
C LEU A 4 0.39 11.62 -2.50
N MET A 5 0.57 12.78 -3.12
CA MET A 5 -0.07 14.01 -2.65
C MET A 5 -1.57 13.78 -2.43
N GLU A 6 -2.21 13.10 -3.36
CA GLU A 6 -3.64 12.83 -3.27
C GLU A 6 -3.95 12.02 -2.02
N VAL A 7 -3.43 10.79 -1.97
CA VAL A 7 -3.65 9.92 -0.82
C VAL A 7 -3.10 10.55 0.45
N ARG A 8 -2.10 11.42 0.29
CA ARG A 8 -1.47 12.10 1.41
C ARG A 8 -2.49 12.94 2.17
N ASP A 9 -3.09 13.90 1.50
CA ASP A 9 -4.08 14.78 2.12
C ASP A 9 -5.36 14.02 2.44
N MET A 10 -5.84 13.25 1.46
CA MET A 10 -7.06 12.47 1.64
C MET A 10 -7.06 11.71 2.97
N LEU A 11 -5.96 10.99 3.24
CA LEU A 11 -5.84 10.23 4.47
C LEU A 11 -5.37 11.11 5.62
N ALA A 12 -4.46 12.04 5.32
CA ALA A 12 -3.94 12.95 6.35
C ALA A 12 -5.07 13.64 7.10
N LEU A 13 -6.23 13.73 6.46
CA LEU A 13 -7.39 14.36 7.07
C LEU A 13 -8.32 13.34 7.74
N GLN A 14 -8.08 12.06 7.48
CA GLN A 14 -8.89 11.00 8.05
C GLN A 14 -8.12 10.24 9.14
N GLY A 15 -7.26 9.33 8.71
CA GLY A 15 -6.47 8.55 9.66
C GLY A 15 -6.04 7.22 9.07
N ARG A 16 -6.20 6.15 9.85
CA ARG A 16 -5.83 4.82 9.40
C ARG A 16 -6.57 4.45 8.12
N MET A 17 -5.81 4.19 7.05
CA MET A 17 -6.40 3.81 5.77
C MET A 17 -5.38 3.09 4.89
N GLU A 18 -5.84 2.57 3.76
CA GLU A 18 -4.96 1.85 2.84
C GLU A 18 -5.06 2.43 1.43
N ALA A 19 -3.97 2.37 0.68
CA ALA A 19 -3.93 2.89 -0.68
C ALA A 19 -4.49 1.88 -1.68
N LYS A 20 -4.55 0.62 -1.28
CA LYS A 20 -5.08 -0.43 -2.16
C LYS A 20 -6.51 -0.13 -2.58
N GLN A 21 -7.30 0.39 -1.64
CA GLN A 21 -8.68 0.74 -1.90
C GLN A 21 -8.77 1.81 -2.99
N LEU A 22 -8.13 2.95 -2.73
CA LEU A 22 -8.13 4.05 -3.68
C LEU A 22 -7.49 3.63 -4.99
N SER A 23 -6.56 2.69 -4.92
CA SER A 23 -5.86 2.19 -6.09
C SER A 23 -6.79 1.35 -6.96
N ALA A 24 -7.61 0.54 -6.32
CA ALA A 24 -8.55 -0.33 -7.02
C ALA A 24 -9.61 0.50 -7.75
N ARG A 25 -10.11 1.54 -7.08
CA ARG A 25 -11.14 2.40 -7.66
C ARG A 25 -10.59 3.16 -8.86
N LEU A 26 -9.28 3.35 -8.89
CA LEU A 26 -8.63 4.07 -9.98
C LEU A 26 -7.90 3.11 -10.93
N GLN A 27 -7.87 1.83 -10.59
CA GLN A 27 -7.21 0.83 -11.42
C GLN A 27 -5.69 1.03 -11.42
N THR A 28 -5.19 1.63 -10.35
CA THR A 28 -3.76 1.88 -10.22
C THR A 28 -3.00 0.60 -9.84
N PRO A 29 -1.83 0.36 -10.46
CA PRO A 29 -1.02 -0.83 -10.18
C PRO A 29 -0.72 -0.99 -8.68
N GLN A 30 -1.27 -2.05 -8.10
CA GLN A 30 -1.06 -2.32 -6.68
C GLN A 30 0.43 -2.45 -6.33
N PRO A 31 1.21 -3.19 -7.15
CA PRO A 31 2.64 -3.37 -6.91
C PRO A 31 3.37 -2.04 -6.68
N LEU A 32 2.91 -1.00 -7.36
CA LEU A 32 3.50 0.32 -7.24
C LEU A 32 3.14 0.97 -5.91
N ILE A 33 1.89 0.80 -5.51
CA ILE A 33 1.40 1.38 -4.26
C ILE A 33 2.36 1.06 -3.11
N ASP A 34 2.99 -0.11 -3.18
CA ASP A 34 3.93 -0.53 -2.15
C ASP A 34 5.03 0.52 -1.97
N ALA A 35 5.43 1.13 -3.08
CA ALA A 35 6.47 2.15 -3.06
C ALA A 35 5.91 3.50 -2.63
N MET A 36 4.62 3.71 -2.89
CA MET A 36 3.96 4.96 -2.53
C MET A 36 4.00 5.17 -1.02
N LEU A 37 3.47 4.20 -0.28
CA LEU A 37 3.45 4.28 1.17
C LEU A 37 4.84 4.02 1.75
N GLU A 38 5.53 3.03 1.19
CA GLU A 38 6.87 2.69 1.64
C GLU A 38 7.81 3.88 1.50
N ARG A 39 7.74 4.55 0.36
CA ARG A 39 8.58 5.70 0.08
C ARG A 39 8.20 6.88 0.98
N MET A 40 6.95 7.29 0.90
CA MET A 40 6.45 8.41 1.70
C MET A 40 6.82 8.23 3.17
N GLU A 41 6.74 6.99 3.65
CA GLU A 41 7.07 6.70 5.04
C GLU A 41 8.56 6.41 5.21
N ALA A 42 9.22 6.04 4.11
CA ALA A 42 10.65 5.75 4.15
C ALA A 42 11.42 6.86 4.84
N MET A 43 10.87 8.07 4.80
CA MET A 43 11.52 9.23 5.41
C MET A 43 11.10 9.35 6.88
N GLY A 44 9.94 8.80 7.22
CA GLY A 44 9.46 8.87 8.58
C GLY A 44 8.28 9.80 8.73
N LYS A 45 7.20 9.52 8.00
CA LYS A 45 6.01 10.34 8.06
C LYS A 45 5.16 9.98 9.28
N VAL A 46 4.68 8.74 9.31
CA VAL A 46 3.86 8.26 10.41
C VAL A 46 3.97 6.75 10.59
N VAL A 47 3.08 6.00 9.93
CA VAL A 47 3.09 4.55 10.03
C VAL A 47 2.60 3.92 8.72
N ARG A 48 3.00 2.67 8.49
CA ARG A 48 2.59 1.95 7.28
C ARG A 48 2.51 0.45 7.53
N ILE A 49 1.63 -0.21 6.80
CA ILE A 49 1.46 -1.66 6.93
C ILE A 49 1.56 -2.35 5.57
N SER A 50 2.72 -2.90 5.28
CA SER A 50 2.94 -3.58 4.01
C SER A 50 2.22 -4.93 3.97
N GLU A 51 1.17 -4.99 3.16
CA GLU A 51 0.38 -6.21 3.03
C GLU A 51 0.36 -6.69 1.58
N THR A 52 0.08 -7.98 1.39
CA THR A 52 0.03 -8.54 0.05
C THR A 52 -1.34 -9.15 -0.24
N SER A 53 -1.58 -9.49 -1.51
CA SER A 53 -2.83 -10.09 -1.93
C SER A 53 -3.99 -9.12 -1.73
N GLU A 54 -5.05 -9.29 -2.50
CA GLU A 54 -6.23 -8.44 -2.41
C GLU A 54 -6.72 -8.33 -0.97
N GLY A 55 -7.00 -9.48 -0.36
CA GLY A 55 -7.48 -9.49 1.01
C GLY A 55 -7.92 -10.88 1.46
N CYS A 56 -7.02 -11.85 1.31
CA CYS A 56 -7.32 -13.22 1.71
C CYS A 56 -6.25 -13.76 2.66
N LEU A 57 -6.50 -14.94 3.21
CA LEU A 57 -5.56 -15.57 4.13
C LEU A 57 -5.15 -14.60 5.23
N SER A 58 -6.00 -13.62 5.51
CA SER A 58 -5.72 -12.62 6.54
C SER A 58 -6.46 -12.96 7.82
N GLY A 59 -6.83 -14.23 7.99
CA GLY A 59 -7.54 -14.66 9.18
C GLY A 59 -6.77 -14.39 10.45
N SER A 60 -5.50 -14.81 10.47
CA SER A 60 -4.65 -14.61 11.64
C SER A 60 -3.19 -14.91 11.31
N CYS A 61 -2.33 -13.92 11.50
CA CYS A 61 -0.91 -14.07 11.22
C CYS A 61 -0.68 -14.51 9.77
N LYS A 62 0.57 -14.43 9.32
CA LYS A 62 0.91 -14.82 7.97
C LYS A 62 0.85 -16.33 7.79
N SER A 63 0.52 -16.77 6.58
CA SER A 63 0.41 -18.20 6.28
C SER A 63 1.53 -18.64 5.33
N CYS A 64 2.08 -17.69 4.58
CA CYS A 64 3.15 -17.99 3.63
C CYS A 64 4.50 -17.96 4.32
N PRO A 65 5.43 -18.84 3.90
CA PRO A 65 6.77 -18.91 4.48
C PRO A 65 7.70 -17.84 3.93
N GLU A 66 7.56 -17.54 2.65
CA GLU A 66 8.39 -16.54 1.99
C GLU A 66 7.59 -15.30 1.64
N GLY A 67 6.52 -15.49 0.86
CA GLY A 67 5.68 -14.37 0.47
C GLY A 67 5.94 -13.93 -0.96
N LYS A 68 6.52 -14.82 -1.76
CA LYS A 68 6.82 -14.51 -3.15
C LYS A 68 5.54 -14.23 -3.93
N ALA A 69 5.31 -12.95 -4.22
CA ALA A 69 4.12 -12.55 -4.96
C ALA A 69 4.40 -11.33 -5.83
N ALA A 70 3.37 -10.85 -6.52
CA ALA A 70 3.51 -9.69 -7.39
C ALA A 70 2.74 -8.50 -6.84
N CYS A 71 1.42 -8.61 -6.79
CA CYS A 71 0.58 -7.54 -6.29
C CYS A 71 0.82 -7.31 -4.80
N ARG A 72 1.31 -6.12 -4.46
CA ARG A 72 1.59 -5.78 -3.07
C ARG A 72 1.20 -4.33 -2.78
N GLN A 73 0.47 -4.13 -1.68
CA GLN A 73 0.03 -2.81 -1.28
C GLN A 73 0.12 -2.64 0.23
N GLU A 74 0.51 -1.45 0.67
CA GLU A 74 0.64 -1.17 2.10
C GLU A 74 -0.56 -0.36 2.58
N TRP A 75 -0.65 -0.18 3.89
CA TRP A 75 -1.75 0.59 4.49
C TRP A 75 -1.20 1.75 5.29
N TRP A 76 -1.62 2.97 4.94
CA TRP A 76 -1.16 4.16 5.64
C TRP A 76 -1.86 4.32 6.98
N ALA A 77 -1.15 4.88 7.95
CA ALA A 77 -1.71 5.09 9.28
C ALA A 77 -0.96 6.19 10.03
N LEU A 78 -1.70 7.05 10.70
CA LEU A 78 -1.10 8.14 11.46
C LEU A 78 -1.12 7.83 12.96
N ARG A 79 -0.23 8.51 13.70
CA ARG A 79 -0.14 8.30 15.14
C ARG A 79 -0.12 9.63 15.87
N MET A 1 -0.67 9.84 -14.44
CA MET A 1 0.08 9.08 -13.41
C MET A 1 -0.27 9.55 -12.00
N ALA A 2 -1.06 8.76 -11.29
CA ALA A 2 -1.46 9.11 -9.94
C ALA A 2 -0.27 9.13 -8.99
N SER A 3 -0.20 10.16 -8.15
CA SER A 3 0.90 10.29 -7.19
C SER A 3 0.40 10.10 -5.76
N LEU A 4 1.30 10.21 -4.81
CA LEU A 4 0.95 10.05 -3.40
C LEU A 4 0.34 11.32 -2.82
N MET A 5 0.49 12.44 -3.55
CA MET A 5 -0.05 13.71 -3.11
C MET A 5 -1.55 13.60 -2.84
N GLU A 6 -2.27 12.98 -3.76
CA GLU A 6 -3.71 12.82 -3.63
C GLU A 6 -4.06 12.05 -2.35
N VAL A 7 -3.64 10.80 -2.28
CA VAL A 7 -3.91 9.97 -1.11
C VAL A 7 -3.36 10.64 0.15
N ARG A 8 -2.20 11.26 0.00
CA ARG A 8 -1.55 11.95 1.11
C ARG A 8 -2.53 12.88 1.82
N ASP A 9 -3.17 13.76 1.06
CA ASP A 9 -4.14 14.69 1.62
C ASP A 9 -5.33 13.95 2.20
N MET A 10 -5.85 12.99 1.44
CA MET A 10 -7.00 12.20 1.88
C MET A 10 -6.74 11.61 3.26
N LEU A 11 -5.56 11.00 3.43
CA LEU A 11 -5.18 10.41 4.70
C LEU A 11 -5.13 11.47 5.80
N ALA A 12 -4.48 12.59 5.50
CA ALA A 12 -4.35 13.68 6.45
C ALA A 12 -5.72 14.16 6.92
N LEU A 13 -6.74 13.94 6.08
CA LEU A 13 -8.09 14.35 6.41
C LEU A 13 -8.92 13.18 6.94
N GLN A 14 -8.50 11.96 6.62
CA GLN A 14 -9.20 10.76 7.07
C GLN A 14 -8.41 10.05 8.16
N GLY A 15 -7.31 9.40 7.78
CA GLY A 15 -6.49 8.69 8.73
C GLY A 15 -6.78 7.20 8.79
N ARG A 16 -5.72 6.41 8.87
CA ARG A 16 -5.85 4.95 8.94
C ARG A 16 -6.52 4.39 7.68
N MET A 17 -5.74 4.24 6.62
CA MET A 17 -6.27 3.71 5.37
C MET A 17 -5.13 3.20 4.47
N GLU A 18 -5.52 2.61 3.34
CA GLU A 18 -4.55 2.09 2.39
C GLU A 18 -4.77 2.68 1.01
N ALA A 19 -3.72 2.73 0.21
CA ALA A 19 -3.79 3.29 -1.13
C ALA A 19 -4.33 2.25 -2.12
N LYS A 20 -4.22 0.98 -1.77
CA LYS A 20 -4.70 -0.10 -2.64
C LYS A 20 -6.15 0.14 -3.05
N GLN A 21 -6.99 0.46 -2.06
CA GLN A 21 -8.41 0.71 -2.32
C GLN A 21 -8.60 1.97 -3.16
N LEU A 22 -8.09 3.09 -2.66
CA LEU A 22 -8.21 4.36 -3.37
C LEU A 22 -7.60 4.28 -4.76
N SER A 23 -6.52 3.52 -4.89
CA SER A 23 -5.84 3.35 -6.17
C SER A 23 -6.74 2.66 -7.18
N ALA A 24 -7.42 1.61 -6.73
CA ALA A 24 -8.32 0.85 -7.61
C ALA A 24 -9.47 1.72 -8.09
N ARG A 25 -10.02 2.53 -7.20
CA ARG A 25 -11.14 3.41 -7.54
C ARG A 25 -10.76 4.40 -8.63
N LEU A 26 -9.46 4.68 -8.75
CA LEU A 26 -8.96 5.61 -9.76
C LEU A 26 -8.15 4.90 -10.84
N GLN A 27 -8.08 3.57 -10.76
CA GLN A 27 -7.33 2.79 -11.74
C GLN A 27 -5.84 3.07 -11.64
N THR A 28 -5.11 2.19 -10.96
CA THR A 28 -3.67 2.34 -10.79
C THR A 28 -3.03 1.03 -10.35
N PRO A 29 -1.86 0.69 -10.90
CA PRO A 29 -1.14 -0.54 -10.55
C PRO A 29 -1.09 -0.77 -9.05
N GLN A 30 -1.77 -1.84 -8.60
CA GLN A 30 -1.80 -2.17 -7.17
C GLN A 30 -0.39 -2.38 -6.62
N PRO A 31 0.48 -3.10 -7.35
CA PRO A 31 1.85 -3.36 -6.90
C PRO A 31 2.60 -2.07 -6.57
N LEU A 32 2.70 -1.17 -7.54
CA LEU A 32 3.39 0.10 -7.36
C LEU A 32 2.98 0.77 -6.05
N ILE A 33 1.73 0.55 -5.64
CA ILE A 33 1.22 1.12 -4.40
C ILE A 33 2.14 0.82 -3.23
N ASP A 34 2.78 -0.35 -3.28
CA ASP A 34 3.70 -0.75 -2.21
C ASP A 34 4.71 0.36 -1.94
N ALA A 35 5.12 1.03 -3.01
CA ALA A 35 6.08 2.13 -2.90
C ALA A 35 5.40 3.41 -2.46
N MET A 36 4.13 3.54 -2.80
CA MET A 36 3.36 4.73 -2.45
C MET A 36 3.38 4.93 -0.93
N LEU A 37 2.99 3.90 -0.20
CA LEU A 37 2.97 3.97 1.26
C LEU A 37 4.39 3.83 1.82
N GLU A 38 5.14 2.89 1.27
CA GLU A 38 6.52 2.66 1.70
C GLU A 38 7.37 3.92 1.54
N ARG A 39 7.16 4.63 0.44
CA ARG A 39 7.90 5.85 0.16
C ARG A 39 7.47 6.98 1.07
N MET A 40 6.18 7.30 1.03
CA MET A 40 5.64 8.38 1.86
C MET A 40 6.08 8.23 3.32
N GLU A 41 6.09 7.00 3.81
CA GLU A 41 6.50 6.72 5.18
C GLU A 41 8.03 6.65 5.29
N ALA A 42 8.68 6.35 4.17
CA ALA A 42 10.13 6.25 4.14
C ALA A 42 10.79 7.49 4.75
N MET A 43 10.11 8.63 4.66
CA MET A 43 10.62 9.87 5.20
C MET A 43 10.34 9.97 6.70
N GLY A 44 9.26 9.32 7.13
CA GLY A 44 8.91 9.35 8.54
C GLY A 44 7.57 10.05 8.78
N LYS A 45 6.57 9.69 7.98
CA LYS A 45 5.24 10.28 8.12
C LYS A 45 4.60 9.86 9.44
N VAL A 46 4.27 8.58 9.54
CA VAL A 46 3.65 8.04 10.74
C VAL A 46 3.92 6.54 10.89
N VAL A 47 3.04 5.71 10.33
CA VAL A 47 3.21 4.26 10.40
C VAL A 47 2.80 3.60 9.09
N ARG A 48 3.58 2.61 8.66
CA ARG A 48 3.30 1.89 7.42
C ARG A 48 3.61 0.41 7.57
N ILE A 49 2.65 -0.43 7.20
CA ILE A 49 2.81 -1.88 7.28
C ILE A 49 2.58 -2.54 5.92
N SER A 50 3.62 -3.19 5.40
CA SER A 50 3.52 -3.86 4.12
C SER A 50 2.76 -5.18 4.24
N GLU A 51 1.68 -5.30 3.46
CA GLU A 51 0.87 -6.52 3.47
C GLU A 51 0.72 -7.08 2.07
N THR A 52 0.76 -8.40 1.95
CA THR A 52 0.63 -9.06 0.65
C THR A 52 -0.82 -9.41 0.37
N SER A 53 -1.27 -9.12 -0.85
CA SER A 53 -2.64 -9.42 -1.26
C SER A 53 -2.87 -10.92 -1.32
N GLU A 54 -3.67 -11.43 -0.39
CA GLU A 54 -3.98 -12.85 -0.33
C GLU A 54 -5.48 -13.08 -0.21
N GLY A 55 -6.27 -12.10 -0.65
CA GLY A 55 -7.71 -12.22 -0.58
C GLY A 55 -8.34 -12.36 -1.95
N CYS A 56 -7.66 -11.86 -2.97
CA CYS A 56 -8.16 -11.94 -4.34
C CYS A 56 -7.86 -13.30 -4.96
N LEU A 57 -6.58 -13.57 -5.20
CA LEU A 57 -6.17 -14.84 -5.79
C LEU A 57 -6.00 -15.91 -4.72
N SER A 58 -5.85 -17.15 -5.15
CA SER A 58 -5.68 -18.27 -4.24
C SER A 58 -4.23 -18.75 -4.24
N GLY A 59 -3.54 -18.53 -5.36
CA GLY A 59 -2.16 -18.94 -5.48
C GLY A 59 -1.31 -18.46 -4.32
N SER A 60 -1.53 -17.22 -3.90
CA SER A 60 -0.77 -16.65 -2.79
C SER A 60 -1.00 -17.43 -1.51
N CYS A 61 0.04 -17.51 -0.67
CA CYS A 61 -0.04 -18.24 0.59
C CYS A 61 0.73 -17.50 1.69
N LYS A 62 2.03 -17.33 1.47
CA LYS A 62 2.87 -16.64 2.45
C LYS A 62 4.28 -16.44 1.90
N SER A 63 4.79 -17.46 1.20
CA SER A 63 6.14 -17.39 0.62
C SER A 63 6.21 -18.22 -0.66
N CYS A 64 6.42 -17.53 -1.77
CA CYS A 64 6.51 -18.22 -3.07
C CYS A 64 7.95 -18.65 -3.36
N PRO A 65 8.12 -19.81 -4.02
CA PRO A 65 9.45 -20.34 -4.35
C PRO A 65 10.13 -19.52 -5.43
N GLU A 66 9.41 -19.24 -6.51
CA GLU A 66 9.94 -18.45 -7.61
C GLU A 66 9.49 -17.00 -7.51
N GLY A 67 8.21 -16.79 -7.26
CA GLY A 67 7.67 -15.46 -7.14
C GLY A 67 7.64 -14.72 -8.46
N LYS A 68 6.63 -15.00 -9.27
CA LYS A 68 6.49 -14.34 -10.57
C LYS A 68 6.00 -12.91 -10.41
N ALA A 69 6.78 -11.95 -10.89
CA ALA A 69 6.43 -10.55 -10.80
C ALA A 69 6.26 -10.12 -9.34
N ALA A 70 5.74 -8.91 -9.14
CA ALA A 70 5.54 -8.39 -7.79
C ALA A 70 4.21 -7.66 -7.68
N CYS A 71 3.49 -7.91 -6.58
CA CYS A 71 2.20 -7.28 -6.35
C CYS A 71 1.85 -7.29 -4.87
N ARG A 72 2.08 -6.16 -4.20
CA ARG A 72 1.79 -6.04 -2.78
C ARG A 72 1.30 -4.64 -2.44
N GLN A 73 0.61 -4.52 -1.31
CA GLN A 73 0.09 -3.22 -0.86
C GLN A 73 0.37 -3.01 0.62
N GLU A 74 0.76 -1.79 0.98
CA GLU A 74 1.06 -1.47 2.37
C GLU A 74 -0.16 -0.88 3.06
N TRP A 75 -0.02 -0.62 4.35
CA TRP A 75 -1.09 -0.05 5.15
C TRP A 75 -0.62 1.22 5.85
N TRP A 76 -1.23 2.35 5.53
CA TRP A 76 -0.85 3.62 6.13
C TRP A 76 -1.79 3.98 7.28
N ALA A 77 -1.21 4.54 8.34
CA ALA A 77 -1.98 4.93 9.51
C ALA A 77 -1.14 5.79 10.45
N LEU A 78 -1.80 6.42 11.43
CA LEU A 78 -1.11 7.28 12.38
C LEU A 78 -0.96 6.58 13.73
N ARG A 79 -0.04 7.07 14.54
CA ARG A 79 0.20 6.50 15.86
C ARG A 79 -0.98 6.74 16.78
N MET A 1 -0.74 10.46 -14.88
CA MET A 1 0.12 9.97 -13.77
C MET A 1 -0.35 10.52 -12.43
N ALA A 2 0.32 10.12 -11.35
CA ALA A 2 -0.04 10.58 -10.01
C ALA A 2 1.12 10.33 -9.04
N SER A 3 0.95 10.83 -7.81
CA SER A 3 1.97 10.66 -6.78
C SER A 3 1.32 10.45 -5.41
N LEU A 4 2.15 10.34 -4.39
CA LEU A 4 1.65 10.13 -3.03
C LEU A 4 0.88 11.35 -2.54
N MET A 5 1.05 12.49 -3.21
CA MET A 5 0.36 13.71 -2.84
C MET A 5 -1.14 13.48 -2.74
N GLU A 6 -1.66 12.64 -3.64
CA GLU A 6 -3.09 12.33 -3.65
C GLU A 6 -3.49 11.62 -2.36
N VAL A 7 -2.92 10.46 -2.12
CA VAL A 7 -3.21 9.69 -0.92
C VAL A 7 -2.82 10.49 0.32
N ARG A 8 -1.83 11.36 0.16
CA ARG A 8 -1.36 12.19 1.25
C ARG A 8 -2.50 13.03 1.84
N ASP A 9 -3.15 13.80 0.98
CA ASP A 9 -4.27 14.63 1.41
C ASP A 9 -5.41 13.79 1.93
N MET A 10 -5.77 12.75 1.17
CA MET A 10 -6.86 11.86 1.56
C MET A 10 -6.67 11.37 2.99
N LEU A 11 -5.54 10.71 3.24
CA LEU A 11 -5.24 10.20 4.57
C LEU A 11 -5.13 11.34 5.58
N ALA A 12 -4.58 12.46 5.15
CA ALA A 12 -4.43 13.62 6.02
C ALA A 12 -5.78 14.09 6.54
N LEU A 13 -6.83 13.79 5.78
CA LEU A 13 -8.18 14.17 6.15
C LEU A 13 -8.97 12.98 6.69
N GLN A 14 -8.61 11.78 6.23
CA GLN A 14 -9.27 10.56 6.66
C GLN A 14 -8.70 10.06 7.98
N GLY A 15 -7.48 9.52 7.93
CA GLY A 15 -6.84 9.02 9.13
C GLY A 15 -6.19 7.66 8.91
N ARG A 16 -6.85 6.61 9.38
CA ARG A 16 -6.33 5.25 9.24
C ARG A 16 -6.96 4.55 8.04
N MET A 17 -6.17 4.37 6.99
CA MET A 17 -6.65 3.71 5.78
C MET A 17 -5.49 3.11 4.98
N GLU A 18 -5.83 2.35 3.94
CA GLU A 18 -4.82 1.73 3.09
C GLU A 18 -4.96 2.20 1.66
N ALA A 19 -3.83 2.26 0.95
CA ALA A 19 -3.83 2.70 -0.45
C ALA A 19 -4.39 1.62 -1.36
N LYS A 20 -4.41 0.38 -0.88
CA LYS A 20 -4.94 -0.74 -1.65
C LYS A 20 -6.27 -0.39 -2.30
N GLN A 21 -7.27 -0.11 -1.46
CA GLN A 21 -8.59 0.25 -1.95
C GLN A 21 -8.55 1.53 -2.77
N LEU A 22 -7.88 2.55 -2.22
CA LEU A 22 -7.75 3.83 -2.90
C LEU A 22 -7.25 3.65 -4.33
N SER A 23 -6.30 2.74 -4.51
CA SER A 23 -5.74 2.47 -5.82
C SER A 23 -6.77 1.80 -6.73
N ALA A 24 -7.47 0.81 -6.20
CA ALA A 24 -8.48 0.09 -6.96
C ALA A 24 -9.66 1.00 -7.31
N ARG A 25 -10.06 1.84 -6.35
CA ARG A 25 -11.17 2.76 -6.56
C ARG A 25 -10.94 3.62 -7.81
N LEU A 26 -9.70 4.04 -8.00
CA LEU A 26 -9.34 4.87 -9.15
C LEU A 26 -8.60 4.06 -10.22
N GLN A 27 -8.29 2.80 -9.92
CA GLN A 27 -7.60 1.94 -10.87
C GLN A 27 -6.18 2.45 -11.12
N THR A 28 -5.20 1.75 -10.53
CA THR A 28 -3.80 2.14 -10.69
C THR A 28 -2.89 0.97 -10.32
N PRO A 29 -1.80 0.77 -11.09
CA PRO A 29 -0.85 -0.30 -10.83
C PRO A 29 -0.57 -0.49 -9.35
N GLN A 30 -0.96 -1.65 -8.83
CA GLN A 30 -0.76 -1.97 -7.42
C GLN A 30 0.72 -2.04 -7.06
N PRO A 31 1.55 -2.69 -7.89
CA PRO A 31 2.99 -2.83 -7.63
C PRO A 31 3.63 -1.50 -7.24
N LEU A 32 3.14 -0.41 -7.83
CA LEU A 32 3.66 0.92 -7.53
C LEU A 32 3.13 1.42 -6.20
N ILE A 33 1.85 1.18 -5.94
CA ILE A 33 1.21 1.61 -4.70
C ILE A 33 2.06 1.23 -3.50
N ASP A 34 2.56 0.00 -3.48
CA ASP A 34 3.39 -0.47 -2.38
C ASP A 34 4.55 0.49 -2.15
N ALA A 35 5.13 0.98 -3.24
CA ALA A 35 6.24 1.92 -3.16
C ALA A 35 5.74 3.31 -2.78
N MET A 36 4.49 3.59 -3.10
CA MET A 36 3.90 4.89 -2.80
C MET A 36 3.89 5.11 -1.29
N LEU A 37 3.27 4.18 -0.57
CA LEU A 37 3.20 4.27 0.88
C LEU A 37 4.58 4.09 1.50
N GLU A 38 5.28 3.05 1.06
CA GLU A 38 6.61 2.77 1.57
C GLU A 38 7.49 4.03 1.49
N ARG A 39 7.34 4.77 0.40
CA ARG A 39 8.11 5.99 0.19
C ARG A 39 7.68 7.06 1.20
N MET A 40 6.37 7.18 1.40
CA MET A 40 5.82 8.15 2.33
C MET A 40 6.48 8.00 3.71
N GLU A 41 6.61 6.76 4.15
CA GLU A 41 7.22 6.47 5.45
C GLU A 41 8.74 6.45 5.33
N ALA A 42 9.24 6.21 4.13
CA ALA A 42 10.68 6.16 3.89
C ALA A 42 11.36 7.40 4.45
N MET A 43 10.61 8.49 4.52
CA MET A 43 11.14 9.76 5.04
C MET A 43 10.93 9.84 6.56
N GLY A 44 9.93 9.11 7.05
CA GLY A 44 9.64 9.12 8.47
C GLY A 44 8.42 9.95 8.81
N LYS A 45 7.25 9.48 8.37
CA LYS A 45 6.00 10.19 8.64
C LYS A 45 5.21 9.49 9.75
N VAL A 46 4.40 8.50 9.36
CA VAL A 46 3.60 7.75 10.32
C VAL A 46 3.95 6.26 10.26
N VAL A 47 3.00 5.40 10.57
CA VAL A 47 3.25 3.95 10.53
C VAL A 47 2.62 3.32 9.30
N ARG A 48 3.45 2.62 8.52
CA ARG A 48 2.99 1.95 7.31
C ARG A 48 3.06 0.44 7.47
N ILE A 49 2.03 -0.24 6.97
CA ILE A 49 1.98 -1.69 7.06
C ILE A 49 1.84 -2.32 5.68
N SER A 50 2.88 -3.02 5.23
CA SER A 50 2.87 -3.67 3.94
C SER A 50 2.00 -4.93 3.96
N GLU A 51 0.91 -4.90 3.19
CA GLU A 51 -0.01 -6.04 3.14
C GLU A 51 -0.10 -6.60 1.72
N THR A 52 -0.27 -7.91 1.62
CA THR A 52 -0.38 -8.57 0.33
C THR A 52 -1.77 -9.15 0.12
N SER A 53 -2.34 -8.90 -1.05
CA SER A 53 -3.68 -9.39 -1.37
C SER A 53 -3.85 -9.57 -2.87
N GLU A 54 -4.44 -10.71 -3.26
CA GLU A 54 -4.66 -11.00 -4.67
C GLU A 54 -5.85 -10.21 -5.22
N GLY A 55 -7.04 -10.52 -4.70
CA GLY A 55 -8.24 -9.83 -5.14
C GLY A 55 -9.40 -10.78 -5.35
N CYS A 56 -9.13 -11.88 -6.06
CA CYS A 56 -10.17 -12.87 -6.34
C CYS A 56 -10.34 -13.81 -5.15
N LEU A 57 -9.26 -14.49 -4.77
CA LEU A 57 -9.29 -15.42 -3.65
C LEU A 57 -9.49 -14.67 -2.33
N SER A 58 -10.59 -14.97 -1.65
CA SER A 58 -10.89 -14.33 -0.38
C SER A 58 -10.17 -15.04 0.77
N GLY A 59 -9.91 -16.33 0.58
CA GLY A 59 -9.23 -17.10 1.61
C GLY A 59 -7.75 -17.28 1.30
N SER A 60 -7.03 -16.17 1.24
CA SER A 60 -5.59 -16.21 0.97
C SER A 60 -4.89 -17.19 1.89
N CYS A 61 -3.60 -17.40 1.65
CA CYS A 61 -2.82 -18.33 2.46
C CYS A 61 -1.34 -17.94 2.45
N LYS A 62 -0.59 -18.47 3.41
CA LYS A 62 0.84 -18.19 3.50
C LYS A 62 1.65 -19.14 2.64
N SER A 63 1.14 -20.35 2.45
CA SER A 63 1.82 -21.35 1.64
C SER A 63 1.44 -21.21 0.17
N CYS A 64 2.36 -20.66 -0.61
CA CYS A 64 2.12 -20.47 -2.04
C CYS A 64 2.59 -21.69 -2.85
N PRO A 65 1.78 -22.12 -3.83
CA PRO A 65 2.13 -23.27 -4.68
C PRO A 65 3.17 -22.93 -5.73
N GLU A 66 3.26 -21.65 -6.07
CA GLU A 66 4.23 -21.20 -7.07
C GLU A 66 4.79 -19.82 -6.70
N GLY A 67 3.94 -18.81 -6.79
CA GLY A 67 4.37 -17.46 -6.46
C GLY A 67 4.17 -16.48 -7.61
N LYS A 68 2.96 -16.47 -8.16
CA LYS A 68 2.63 -15.58 -9.27
C LYS A 68 1.53 -14.60 -8.87
N ALA A 69 1.92 -13.35 -8.61
CA ALA A 69 0.97 -12.32 -8.23
C ALA A 69 1.52 -10.93 -8.51
N ALA A 70 2.67 -10.63 -7.92
CA ALA A 70 3.31 -9.34 -8.10
C ALA A 70 2.47 -8.20 -7.54
N CYS A 71 1.53 -8.54 -6.66
CA CYS A 71 0.65 -7.54 -6.05
C CYS A 71 1.19 -7.13 -4.67
N ARG A 72 1.26 -5.82 -4.45
CA ARG A 72 1.76 -5.30 -3.18
C ARG A 72 1.10 -3.97 -2.84
N GLN A 73 0.51 -3.91 -1.64
CA GLN A 73 -0.16 -2.70 -1.18
C GLN A 73 0.01 -2.54 0.33
N GLU A 74 0.50 -1.37 0.75
CA GLU A 74 0.71 -1.11 2.17
C GLU A 74 -0.50 -0.41 2.79
N TRP A 75 -0.39 -0.12 4.08
CA TRP A 75 -1.46 0.56 4.79
C TRP A 75 -0.90 1.79 5.50
N TRP A 76 -1.49 2.95 5.22
CA TRP A 76 -1.04 4.19 5.82
C TRP A 76 -1.92 4.60 6.99
N ALA A 77 -1.33 4.71 8.17
CA ALA A 77 -2.06 5.10 9.37
C ALA A 77 -1.22 6.03 10.24
N LEU A 78 -1.80 7.17 10.61
CA LEU A 78 -1.10 8.14 11.44
C LEU A 78 -0.72 7.53 12.78
N ARG A 79 0.46 7.90 13.27
CA ARG A 79 0.95 7.40 14.55
C ARG A 79 1.28 8.54 15.50
N MET A 1 -0.56 10.43 -14.80
CA MET A 1 0.47 10.46 -13.73
C MET A 1 -0.17 10.70 -12.36
N ALA A 2 0.39 10.08 -11.33
CA ALA A 2 -0.12 10.23 -9.98
C ALA A 2 0.93 9.90 -8.94
N SER A 3 1.36 10.90 -8.19
CA SER A 3 2.37 10.71 -7.16
C SER A 3 1.71 10.41 -5.81
N LEU A 4 2.51 10.41 -4.75
CA LEU A 4 2.01 10.13 -3.41
C LEU A 4 1.27 11.34 -2.84
N MET A 5 1.47 12.50 -3.45
CA MET A 5 0.81 13.72 -2.98
C MET A 5 -0.71 13.52 -2.90
N GLU A 6 -1.26 12.81 -3.88
CA GLU A 6 -2.69 12.54 -3.92
C GLU A 6 -3.13 11.78 -2.66
N VAL A 7 -2.62 10.57 -2.50
CA VAL A 7 -2.95 9.75 -1.34
C VAL A 7 -2.49 10.43 -0.07
N ARG A 8 -1.39 11.18 -0.17
CA ARG A 8 -0.85 11.90 0.96
C ARG A 8 -1.92 12.74 1.66
N ASP A 9 -2.62 13.55 0.88
CA ASP A 9 -3.68 14.40 1.43
C ASP A 9 -4.89 13.57 1.85
N MET A 10 -5.29 12.63 0.99
CA MET A 10 -6.44 11.77 1.28
C MET A 10 -6.26 11.06 2.61
N LEU A 11 -5.09 10.45 2.81
CA LEU A 11 -4.80 9.73 4.04
C LEU A 11 -4.46 10.69 5.18
N ALA A 12 -3.84 11.81 4.84
CA ALA A 12 -3.47 12.81 5.83
C ALA A 12 -4.70 13.46 6.45
N LEU A 13 -5.84 13.35 5.77
CA LEU A 13 -7.09 13.93 6.25
C LEU A 13 -8.05 12.85 6.73
N GLN A 14 -7.52 11.67 7.04
CA GLN A 14 -8.33 10.56 7.51
C GLN A 14 -7.72 9.93 8.75
N GLY A 15 -6.54 9.32 8.58
CA GLY A 15 -5.87 8.69 9.70
C GLY A 15 -5.49 7.25 9.40
N ARG A 16 -6.35 6.31 9.79
CA ARG A 16 -6.10 4.89 9.57
C ARG A 16 -6.74 4.42 8.27
N MET A 17 -5.98 4.49 7.18
CA MET A 17 -6.46 4.06 5.87
C MET A 17 -5.31 3.64 4.97
N GLU A 18 -5.66 3.14 3.78
CA GLU A 18 -4.65 2.71 2.83
C GLU A 18 -5.07 3.08 1.41
N ALA A 19 -4.10 3.09 0.50
CA ALA A 19 -4.36 3.42 -0.90
C ALA A 19 -5.03 2.27 -1.64
N LYS A 20 -4.95 1.07 -1.06
CA LYS A 20 -5.56 -0.11 -1.67
C LYS A 20 -7.00 0.15 -2.07
N GLN A 21 -7.76 0.75 -1.16
CA GLN A 21 -9.16 1.05 -1.42
C GLN A 21 -9.31 1.85 -2.71
N LEU A 22 -8.67 3.00 -2.76
CA LEU A 22 -8.74 3.86 -3.95
C LEU A 22 -7.93 3.27 -5.11
N SER A 23 -7.02 2.36 -4.80
CA SER A 23 -6.20 1.72 -5.82
C SER A 23 -7.04 0.78 -6.69
N ALA A 24 -7.96 0.07 -6.05
CA ALA A 24 -8.82 -0.86 -6.77
C ALA A 24 -10.00 -0.13 -7.39
N ARG A 25 -10.56 0.83 -6.66
CA ARG A 25 -11.69 1.61 -7.15
C ARG A 25 -11.29 2.44 -8.36
N LEU A 26 -10.01 2.74 -8.47
CA LEU A 26 -9.50 3.54 -9.58
C LEU A 26 -8.73 2.67 -10.59
N GLN A 27 -8.44 1.43 -10.21
CA GLN A 27 -7.73 0.51 -11.08
C GLN A 27 -6.33 1.05 -11.41
N THR A 28 -5.42 0.94 -10.46
CA THR A 28 -4.06 1.42 -10.63
C THR A 28 -3.04 0.37 -10.18
N PRO A 29 -1.89 0.30 -10.84
CA PRO A 29 -0.84 -0.67 -10.50
C PRO A 29 -0.58 -0.72 -8.99
N GLN A 30 -0.80 -1.90 -8.42
CA GLN A 30 -0.60 -2.11 -6.99
C GLN A 30 0.88 -2.07 -6.61
N PRO A 31 1.76 -2.72 -7.41
CA PRO A 31 3.20 -2.74 -7.13
C PRO A 31 3.78 -1.36 -6.83
N LEU A 32 3.14 -0.32 -7.36
CA LEU A 32 3.58 1.05 -7.15
C LEU A 32 3.00 1.62 -5.87
N ILE A 33 1.70 1.40 -5.66
CA ILE A 33 1.02 1.92 -4.46
C ILE A 33 1.82 1.61 -3.21
N ASP A 34 2.24 0.36 -3.05
CA ASP A 34 3.01 -0.03 -1.88
C ASP A 34 4.20 0.90 -1.67
N ALA A 35 4.83 1.30 -2.77
CA ALA A 35 5.97 2.21 -2.69
C ALA A 35 5.52 3.63 -2.41
N MET A 36 4.28 3.93 -2.81
CA MET A 36 3.72 5.25 -2.60
C MET A 36 3.63 5.56 -1.11
N LEU A 37 3.09 4.60 -0.36
CA LEU A 37 2.95 4.73 1.08
C LEU A 37 4.32 4.66 1.75
N GLU A 38 5.06 3.60 1.44
CA GLU A 38 6.40 3.41 2.00
C GLU A 38 7.23 4.67 1.79
N ARG A 39 7.06 5.28 0.62
CA ARG A 39 7.78 6.50 0.28
C ARG A 39 7.42 7.63 1.24
N MET A 40 6.12 7.84 1.42
CA MET A 40 5.64 8.89 2.32
C MET A 40 6.12 8.65 3.75
N GLU A 41 6.05 7.40 4.19
CA GLU A 41 6.47 7.04 5.54
C GLU A 41 7.99 6.86 5.61
N ALA A 42 8.62 6.70 4.45
CA ALA A 42 10.08 6.52 4.40
C ALA A 42 10.79 7.59 5.21
N MET A 43 10.16 8.75 5.35
CA MET A 43 10.74 9.85 6.12
C MET A 43 10.52 9.65 7.61
N GLY A 44 9.48 8.88 7.96
CA GLY A 44 9.17 8.63 9.35
C GLY A 44 7.87 9.28 9.78
N LYS A 45 6.83 9.11 8.97
CA LYS A 45 5.52 9.68 9.28
C LYS A 45 4.97 9.12 10.58
N VAL A 46 4.44 7.90 10.53
CA VAL A 46 3.89 7.26 11.72
C VAL A 46 4.02 5.73 11.65
N VAL A 47 3.06 5.08 10.99
CA VAL A 47 3.09 3.63 10.88
C VAL A 47 2.69 3.17 9.47
N ARG A 48 3.20 2.01 9.07
CA ARG A 48 2.90 1.44 7.76
C ARG A 48 2.89 -0.08 7.83
N ILE A 49 2.05 -0.71 7.00
CA ILE A 49 1.96 -2.16 6.97
C ILE A 49 1.77 -2.68 5.55
N SER A 50 2.78 -3.38 5.03
CA SER A 50 2.71 -3.91 3.68
C SER A 50 2.06 -5.28 3.64
N GLU A 51 1.07 -5.43 2.78
CA GLU A 51 0.36 -6.68 2.62
C GLU A 51 0.24 -7.05 1.14
N THR A 52 0.43 -8.33 0.84
CA THR A 52 0.34 -8.80 -0.54
C THR A 52 -0.64 -9.96 -0.67
N SER A 53 -1.30 -10.04 -1.81
CA SER A 53 -2.28 -11.10 -2.06
C SER A 53 -1.58 -12.45 -2.23
N GLU A 54 -1.99 -13.42 -1.41
CA GLU A 54 -1.40 -14.76 -1.48
C GLU A 54 -2.44 -15.77 -1.94
N GLY A 55 -2.05 -17.03 -1.95
CA GLY A 55 -2.95 -18.10 -2.37
C GLY A 55 -2.63 -19.42 -1.71
N CYS A 56 -1.35 -19.78 -1.69
CA CYS A 56 -0.92 -21.03 -1.09
C CYS A 56 0.33 -20.81 -0.24
N LEU A 57 0.91 -21.90 0.25
CA LEU A 57 2.12 -21.82 1.07
C LEU A 57 2.83 -23.17 1.11
N SER A 58 3.89 -23.29 0.31
CA SER A 58 4.67 -24.52 0.24
C SER A 58 5.93 -24.41 1.08
N GLY A 59 6.40 -23.17 1.28
CA GLY A 59 7.60 -22.95 2.06
C GLY A 59 8.24 -21.61 1.75
N SER A 60 8.17 -21.18 0.49
CA SER A 60 8.74 -19.91 0.08
C SER A 60 8.02 -18.75 0.77
N CYS A 61 8.77 -17.68 1.04
CA CYS A 61 8.19 -16.50 1.69
C CYS A 61 8.44 -15.24 0.86
N LYS A 62 9.70 -14.84 0.78
CA LYS A 62 10.08 -13.66 0.01
C LYS A 62 11.09 -14.00 -1.08
N SER A 63 11.08 -15.27 -1.51
CA SER A 63 12.00 -15.71 -2.55
C SER A 63 11.76 -14.93 -3.85
N CYS A 64 12.79 -14.23 -4.30
CA CYS A 64 12.69 -13.44 -5.52
C CYS A 64 13.07 -14.27 -6.74
N PRO A 65 12.31 -14.13 -7.85
CA PRO A 65 12.57 -14.88 -9.07
C PRO A 65 13.70 -14.25 -9.90
N GLU A 66 13.66 -12.94 -10.04
CA GLU A 66 14.68 -12.21 -10.80
C GLU A 66 14.71 -10.73 -10.42
N GLY A 67 13.81 -9.95 -11.00
CA GLY A 67 13.76 -8.54 -10.72
C GLY A 67 12.35 -8.02 -10.58
N LYS A 68 11.48 -8.41 -11.51
CA LYS A 68 10.09 -7.98 -11.51
C LYS A 68 9.44 -8.25 -10.15
N ALA A 69 8.47 -7.41 -9.78
CA ALA A 69 7.78 -7.56 -8.51
C ALA A 69 6.33 -8.02 -8.73
N ALA A 70 5.55 -8.03 -7.66
CA ALA A 70 4.17 -8.46 -7.73
C ALA A 70 3.24 -7.40 -7.13
N CYS A 71 1.95 -7.55 -7.37
CA CYS A 71 0.95 -6.60 -6.85
C CYS A 71 0.99 -6.56 -5.33
N ARG A 72 1.43 -5.43 -4.78
CA ARG A 72 1.50 -5.27 -3.34
C ARG A 72 1.07 -3.86 -2.92
N GLN A 73 0.48 -3.77 -1.73
CA GLN A 73 0.01 -2.48 -1.20
C GLN A 73 0.02 -2.50 0.32
N GLU A 74 0.50 -1.41 0.92
CA GLU A 74 0.56 -1.33 2.37
C GLU A 74 -0.51 -0.39 2.94
N TRP A 75 -0.65 -0.42 4.26
CA TRP A 75 -1.62 0.42 4.96
C TRP A 75 -0.91 1.54 5.71
N TRP A 76 -1.42 2.76 5.56
CA TRP A 76 -0.82 3.91 6.24
C TRP A 76 -1.72 4.42 7.36
N ALA A 77 -1.17 4.46 8.57
CA ALA A 77 -1.92 4.93 9.73
C ALA A 77 -1.10 5.92 10.54
N LEU A 78 -1.76 6.97 11.04
CA LEU A 78 -1.09 7.99 11.83
C LEU A 78 -1.45 7.85 13.31
N ARG A 79 -0.87 8.70 14.13
CA ARG A 79 -1.12 8.69 15.57
C ARG A 79 -2.43 9.39 15.91
N MET A 1 0.69 13.16 -15.16
CA MET A 1 1.53 13.53 -13.99
C MET A 1 0.79 13.26 -12.68
N ALA A 2 1.14 12.16 -12.02
CA ALA A 2 0.52 11.79 -10.76
C ALA A 2 1.57 11.36 -9.74
N SER A 3 1.37 11.76 -8.49
CA SER A 3 2.30 11.42 -7.42
C SER A 3 1.54 11.03 -6.15
N LEU A 4 2.29 10.79 -5.08
CA LEU A 4 1.70 10.41 -3.80
C LEU A 4 0.95 11.57 -3.17
N MET A 5 1.16 12.78 -3.68
CA MET A 5 0.50 13.97 -3.16
C MET A 5 -1.00 13.74 -3.02
N GLU A 6 -1.61 13.18 -4.06
CA GLU A 6 -3.04 12.90 -4.07
C GLU A 6 -3.40 11.91 -2.96
N VAL A 7 -2.88 10.70 -3.08
CA VAL A 7 -3.14 9.66 -2.09
C VAL A 7 -2.74 10.13 -0.70
N ARG A 8 -1.77 11.04 -0.65
CA ARG A 8 -1.30 11.59 0.61
C ARG A 8 -2.43 12.32 1.33
N ASP A 9 -3.13 13.18 0.60
CA ASP A 9 -4.25 13.92 1.17
C ASP A 9 -5.35 12.96 1.60
N MET A 10 -5.61 11.95 0.78
CA MET A 10 -6.63 10.95 1.08
C MET A 10 -6.42 10.39 2.48
N LEU A 11 -5.26 9.79 2.70
CA LEU A 11 -4.94 9.21 4.00
C LEU A 11 -4.72 10.30 5.04
N ALA A 12 -4.17 11.42 4.62
CA ALA A 12 -3.91 12.54 5.50
C ALA A 12 -5.17 12.89 6.31
N LEU A 13 -6.32 12.74 5.66
CA LEU A 13 -7.59 13.02 6.30
C LEU A 13 -8.09 11.80 7.06
N GLN A 14 -7.83 10.62 6.49
CA GLN A 14 -8.25 9.37 7.11
C GLN A 14 -7.05 8.64 7.72
N GLY A 15 -6.99 8.64 9.05
CA GLY A 15 -5.90 7.98 9.74
C GLY A 15 -5.62 6.59 9.23
N ARG A 16 -6.25 5.60 9.86
CA ARG A 16 -6.06 4.20 9.48
C ARG A 16 -6.77 3.88 8.17
N MET A 17 -5.99 3.75 7.10
CA MET A 17 -6.52 3.43 5.79
C MET A 17 -5.42 2.99 4.83
N GLU A 18 -5.79 2.25 3.80
CA GLU A 18 -4.82 1.77 2.80
C GLU A 18 -5.00 2.51 1.48
N ALA A 19 -3.96 2.49 0.66
CA ALA A 19 -3.99 3.15 -0.64
C ALA A 19 -4.66 2.28 -1.69
N LYS A 20 -4.72 0.98 -1.43
CA LYS A 20 -5.33 0.04 -2.37
C LYS A 20 -6.80 0.38 -2.60
N GLN A 21 -7.52 0.64 -1.51
CA GLN A 21 -8.94 0.97 -1.59
C GLN A 21 -9.18 2.11 -2.59
N LEU A 22 -8.49 3.22 -2.38
CA LEU A 22 -8.64 4.38 -3.25
C LEU A 22 -7.98 4.14 -4.61
N SER A 23 -6.94 3.30 -4.62
CA SER A 23 -6.23 3.00 -5.85
C SER A 23 -7.03 2.03 -6.71
N ALA A 24 -7.85 1.20 -6.07
CA ALA A 24 -8.67 0.24 -6.77
C ALA A 24 -9.91 0.90 -7.36
N ARG A 25 -10.50 1.82 -6.61
CA ARG A 25 -11.69 2.52 -7.06
C ARG A 25 -11.36 3.58 -8.12
N LEU A 26 -10.07 3.87 -8.28
CA LEU A 26 -9.63 4.87 -9.25
C LEU A 26 -8.72 4.24 -10.31
N GLN A 27 -8.64 2.92 -10.32
CA GLN A 27 -7.80 2.22 -11.30
C GLN A 27 -6.38 2.78 -11.28
N THR A 28 -5.51 2.13 -10.50
CA THR A 28 -4.12 2.56 -10.40
C THR A 28 -3.21 1.37 -10.15
N PRO A 29 -2.02 1.35 -10.79
CA PRO A 29 -1.04 0.27 -10.63
C PRO A 29 -0.79 -0.06 -9.17
N GLN A 30 -1.14 -1.28 -8.79
CA GLN A 30 -0.95 -1.74 -7.41
C GLN A 30 0.52 -1.69 -7.00
N PRO A 31 1.44 -2.17 -7.86
CA PRO A 31 2.87 -2.17 -7.57
C PRO A 31 3.33 -0.84 -6.99
N LEU A 32 3.07 0.24 -7.71
CA LEU A 32 3.45 1.58 -7.28
C LEU A 32 2.93 1.86 -5.88
N ILE A 33 1.69 1.46 -5.61
CA ILE A 33 1.07 1.67 -4.31
C ILE A 33 2.01 1.26 -3.18
N ASP A 34 2.57 0.06 -3.29
CA ASP A 34 3.49 -0.46 -2.28
C ASP A 34 4.60 0.55 -2.00
N ALA A 35 5.13 1.13 -3.07
CA ALA A 35 6.21 2.11 -2.97
C ALA A 35 5.67 3.47 -2.56
N MET A 36 4.40 3.74 -2.86
CA MET A 36 3.79 5.01 -2.52
C MET A 36 3.78 5.21 -1.01
N LEU A 37 3.27 4.22 -0.29
CA LEU A 37 3.21 4.28 1.16
C LEU A 37 4.59 4.07 1.76
N GLU A 38 5.27 3.01 1.31
CA GLU A 38 6.61 2.70 1.80
C GLU A 38 7.53 3.90 1.66
N ARG A 39 7.46 4.58 0.51
CA ARG A 39 8.30 5.76 0.27
C ARG A 39 7.89 6.91 1.18
N MET A 40 6.60 7.19 1.25
CA MET A 40 6.10 8.27 2.09
C MET A 40 6.57 8.10 3.53
N GLU A 41 6.40 6.88 4.04
CA GLU A 41 6.81 6.57 5.42
C GLU A 41 8.33 6.42 5.51
N ALA A 42 8.97 6.15 4.37
CA ALA A 42 10.41 5.99 4.33
C ALA A 42 11.12 7.16 5.02
N MET A 43 10.44 8.30 5.07
CA MET A 43 10.99 9.49 5.70
C MET A 43 10.73 9.47 7.21
N GLY A 44 9.65 8.80 7.60
CA GLY A 44 9.30 8.70 9.00
C GLY A 44 8.01 9.42 9.33
N LYS A 45 6.93 9.02 8.66
CA LYS A 45 5.62 9.63 8.89
C LYS A 45 5.08 9.29 10.27
N VAL A 46 4.49 8.10 10.40
CA VAL A 46 3.95 7.66 11.68
C VAL A 46 3.91 6.13 11.77
N VAL A 47 3.02 5.51 11.01
CA VAL A 47 2.91 4.05 11.00
C VAL A 47 2.56 3.53 9.61
N ARG A 48 3.32 2.55 9.15
CA ARG A 48 3.09 1.96 7.83
C ARG A 48 3.23 0.43 7.89
N ILE A 49 2.15 -0.26 7.53
CA ILE A 49 2.15 -1.72 7.54
C ILE A 49 1.97 -2.29 6.13
N SER A 50 2.98 -3.00 5.65
CA SER A 50 2.92 -3.59 4.31
C SER A 50 2.03 -4.83 4.30
N GLU A 51 1.04 -4.82 3.43
CA GLU A 51 0.11 -5.95 3.33
C GLU A 51 0.05 -6.48 1.89
N THR A 52 0.21 -7.80 1.75
CA THR A 52 0.18 -8.43 0.45
C THR A 52 -1.06 -9.30 0.29
N SER A 53 -1.32 -9.72 -0.94
CA SER A 53 -2.49 -10.55 -1.24
C SER A 53 -2.18 -12.02 -0.95
N GLU A 54 -2.93 -12.61 -0.03
CA GLU A 54 -2.74 -14.01 0.33
C GLU A 54 -3.92 -14.86 -0.14
N GLY A 55 -5.13 -14.34 0.04
CA GLY A 55 -6.32 -15.06 -0.37
C GLY A 55 -7.22 -15.42 0.80
N CYS A 56 -6.94 -16.55 1.43
CA CYS A 56 -7.74 -17.01 2.57
C CYS A 56 -6.84 -17.54 3.68
N LEU A 57 -7.43 -17.83 4.83
CA LEU A 57 -6.68 -18.34 5.97
C LEU A 57 -6.98 -19.82 6.20
N SER A 58 -7.48 -20.49 5.17
CA SER A 58 -7.81 -21.91 5.26
C SER A 58 -6.67 -22.77 4.71
N GLY A 59 -5.87 -22.18 3.82
CA GLY A 59 -4.76 -22.91 3.24
C GLY A 59 -3.69 -23.24 4.26
N SER A 60 -2.62 -22.45 4.28
CA SER A 60 -1.53 -22.67 5.21
C SER A 60 -1.05 -21.36 5.81
N CYS A 61 -0.77 -20.38 4.94
CA CYS A 61 -0.30 -19.08 5.37
C CYS A 61 -0.07 -18.16 4.18
N LYS A 62 0.65 -18.66 3.18
CA LYS A 62 0.94 -17.90 1.98
C LYS A 62 0.75 -18.75 0.73
N SER A 63 1.59 -19.77 0.59
CA SER A 63 1.52 -20.68 -0.55
C SER A 63 1.37 -19.91 -1.86
N CYS A 64 2.48 -19.69 -2.56
CA CYS A 64 2.47 -18.98 -3.83
C CYS A 64 2.98 -19.88 -4.95
N PRO A 65 2.28 -19.90 -6.09
CA PRO A 65 2.68 -20.72 -7.24
C PRO A 65 3.91 -20.18 -7.94
N GLU A 66 3.90 -18.89 -8.25
CA GLU A 66 5.03 -18.25 -8.92
C GLU A 66 5.24 -16.83 -8.39
N GLY A 67 4.17 -16.04 -8.41
CA GLY A 67 4.26 -14.67 -7.94
C GLY A 67 4.46 -13.67 -9.08
N LYS A 68 3.63 -13.79 -10.11
CA LYS A 68 3.71 -12.91 -11.26
C LYS A 68 3.57 -11.46 -10.85
N ALA A 69 4.61 -10.67 -11.10
CA ALA A 69 4.61 -9.25 -10.77
C ALA A 69 4.42 -9.03 -9.27
N ALA A 70 4.38 -7.76 -8.87
CA ALA A 70 4.21 -7.41 -7.46
C ALA A 70 3.16 -6.32 -7.30
N CYS A 71 1.99 -6.70 -6.79
CA CYS A 71 0.90 -5.76 -6.59
C CYS A 71 0.69 -5.48 -5.09
N ARG A 72 1.79 -5.40 -4.36
CA ARG A 72 1.74 -5.14 -2.93
C ARG A 72 0.91 -3.90 -2.62
N GLN A 73 0.41 -3.85 -1.38
CA GLN A 73 -0.40 -2.74 -0.92
C GLN A 73 -0.17 -2.50 0.58
N GLU A 74 0.49 -1.40 0.92
CA GLU A 74 0.78 -1.10 2.32
C GLU A 74 -0.40 -0.40 2.99
N TRP A 75 -0.28 -0.21 4.29
CA TRP A 75 -1.31 0.45 5.07
C TRP A 75 -0.71 1.65 5.81
N TRP A 76 -1.29 2.83 5.61
CA TRP A 76 -0.80 4.04 6.26
C TRP A 76 -1.70 4.42 7.44
N ALA A 77 -1.07 4.59 8.61
CA ALA A 77 -1.80 4.96 9.81
C ALA A 77 -1.00 5.95 10.66
N LEU A 78 -1.70 6.92 11.23
CA LEU A 78 -1.05 7.93 12.06
C LEU A 78 -1.53 7.82 13.52
N ARG A 79 -0.70 7.22 14.37
CA ARG A 79 -1.05 7.07 15.77
C ARG A 79 -0.38 8.15 16.62
N MET A 1 1.49 11.88 -14.40
CA MET A 1 1.58 10.66 -13.56
C MET A 1 1.07 10.94 -12.15
N ALA A 2 0.46 9.93 -11.53
CA ALA A 2 -0.08 10.08 -10.19
C ALA A 2 1.04 10.09 -9.16
N SER A 3 0.79 10.76 -8.04
CA SER A 3 1.77 10.84 -6.96
C SER A 3 1.14 10.55 -5.61
N LEU A 4 1.93 10.64 -4.54
CA LEU A 4 1.44 10.38 -3.20
C LEU A 4 0.70 11.58 -2.63
N MET A 5 0.93 12.76 -3.23
CA MET A 5 0.28 13.98 -2.77
C MET A 5 -1.23 13.78 -2.67
N GLU A 6 -1.80 13.14 -3.69
CA GLU A 6 -3.23 12.88 -3.71
C GLU A 6 -3.63 12.06 -2.49
N VAL A 7 -3.02 10.89 -2.33
CA VAL A 7 -3.31 10.02 -1.20
C VAL A 7 -3.04 10.74 0.12
N ARG A 8 -1.98 11.55 0.12
CA ARG A 8 -1.61 12.30 1.31
C ARG A 8 -2.80 13.03 1.90
N ASP A 9 -3.38 13.93 1.12
CA ASP A 9 -4.54 14.69 1.56
C ASP A 9 -5.66 13.75 1.99
N MET A 10 -5.94 12.76 1.14
CA MET A 10 -6.98 11.79 1.44
C MET A 10 -6.80 11.20 2.83
N LEU A 11 -5.67 10.54 3.04
CA LEU A 11 -5.38 9.94 4.34
C LEU A 11 -5.42 10.98 5.45
N ALA A 12 -4.91 12.18 5.15
CA ALA A 12 -4.89 13.27 6.12
C ALA A 12 -6.29 13.58 6.63
N LEU A 13 -7.28 13.32 5.78
CA LEU A 13 -8.67 13.58 6.13
C LEU A 13 -9.41 12.29 6.46
N GLN A 14 -8.66 11.26 6.83
CA GLN A 14 -9.24 9.97 7.17
C GLN A 14 -8.50 9.32 8.33
N GLY A 15 -7.25 8.91 8.08
CA GLY A 15 -6.45 8.29 9.12
C GLY A 15 -5.94 6.92 8.72
N ARG A 16 -6.07 5.95 9.63
CA ARG A 16 -5.62 4.59 9.37
C ARG A 16 -6.35 4.00 8.17
N MET A 17 -5.67 3.97 7.03
CA MET A 17 -6.26 3.42 5.82
C MET A 17 -5.18 3.03 4.81
N GLU A 18 -5.56 2.23 3.83
CA GLU A 18 -4.63 1.78 2.79
C GLU A 18 -4.90 2.50 1.48
N ALA A 19 -3.89 2.57 0.63
CA ALA A 19 -4.02 3.23 -0.67
C ALA A 19 -4.67 2.29 -1.69
N LYS A 20 -4.60 1.00 -1.42
CA LYS A 20 -5.17 0.00 -2.32
C LYS A 20 -6.63 0.33 -2.63
N GLN A 21 -7.30 0.95 -1.66
CA GLN A 21 -8.71 1.32 -1.82
C GLN A 21 -8.88 2.34 -2.93
N LEU A 22 -8.21 3.48 -2.79
CA LEU A 22 -8.29 4.54 -3.79
C LEU A 22 -7.68 4.10 -5.11
N SER A 23 -6.84 3.07 -5.07
CA SER A 23 -6.20 2.55 -6.27
C SER A 23 -7.20 1.78 -7.13
N ALA A 24 -7.99 0.93 -6.49
CA ALA A 24 -8.98 0.13 -7.19
C ALA A 24 -10.19 0.97 -7.59
N ARG A 25 -10.42 2.03 -6.83
CA ARG A 25 -11.55 2.93 -7.10
C ARG A 25 -11.35 3.68 -8.41
N LEU A 26 -10.10 3.97 -8.75
CA LEU A 26 -9.78 4.68 -9.97
C LEU A 26 -8.87 3.86 -10.89
N GLN A 27 -8.72 2.57 -10.58
CA GLN A 27 -7.88 1.68 -11.39
C GLN A 27 -6.43 2.16 -11.38
N THR A 28 -5.59 1.46 -10.61
CA THR A 28 -4.18 1.81 -10.52
C THR A 28 -3.34 0.61 -10.08
N PRO A 29 -2.17 0.41 -10.70
CA PRO A 29 -1.28 -0.71 -10.37
C PRO A 29 -1.06 -0.84 -8.87
N GLN A 30 -1.15 -2.06 -8.37
CA GLN A 30 -0.96 -2.33 -6.94
C GLN A 30 0.53 -2.32 -6.57
N PRO A 31 1.39 -2.97 -7.37
CA PRO A 31 2.83 -3.02 -7.10
C PRO A 31 3.40 -1.63 -6.79
N LEU A 32 2.95 -0.63 -7.54
CA LEU A 32 3.41 0.74 -7.34
C LEU A 32 3.03 1.24 -5.96
N ILE A 33 1.79 0.98 -5.55
CA ILE A 33 1.30 1.40 -4.25
C ILE A 33 2.29 1.05 -3.15
N ASP A 34 2.84 -0.16 -3.21
CA ASP A 34 3.81 -0.61 -2.22
C ASP A 34 4.91 0.42 -2.02
N ALA A 35 5.33 1.03 -3.11
CA ALA A 35 6.38 2.04 -3.08
C ALA A 35 5.84 3.39 -2.64
N MET A 36 4.55 3.62 -2.89
CA MET A 36 3.92 4.87 -2.53
C MET A 36 3.93 5.07 -1.01
N LEU A 37 3.42 4.07 -0.29
CA LEU A 37 3.37 4.13 1.16
C LEU A 37 4.76 3.89 1.74
N GLU A 38 5.48 2.94 1.17
CA GLU A 38 6.83 2.63 1.63
C GLU A 38 7.75 3.83 1.47
N ARG A 39 7.69 4.47 0.31
CA ARG A 39 8.51 5.66 0.04
C ARG A 39 8.10 6.81 0.95
N MET A 40 6.80 7.00 1.12
CA MET A 40 6.29 8.07 1.96
C MET A 40 6.85 7.96 3.37
N GLU A 41 6.81 6.75 3.93
CA GLU A 41 7.32 6.50 5.27
C GLU A 41 8.84 6.43 5.27
N ALA A 42 9.42 6.16 4.10
CA ALA A 42 10.87 6.07 3.96
C ALA A 42 11.55 7.29 4.57
N MET A 43 10.81 8.40 4.62
CA MET A 43 11.34 9.64 5.19
C MET A 43 11.18 9.65 6.70
N GLY A 44 10.16 8.94 7.18
CA GLY A 44 9.90 8.87 8.61
C GLY A 44 8.64 9.61 9.01
N LYS A 45 7.54 9.32 8.33
CA LYS A 45 6.26 9.96 8.62
C LYS A 45 5.74 9.50 9.98
N VAL A 46 5.19 8.29 10.03
CA VAL A 46 4.66 7.75 11.28
C VAL A 46 4.75 6.22 11.30
N VAL A 47 3.74 5.54 10.77
CA VAL A 47 3.74 4.08 10.74
C VAL A 47 2.95 3.55 9.57
N ARG A 48 3.40 2.42 9.02
CA ARG A 48 2.74 1.79 7.89
C ARG A 48 2.85 0.27 7.98
N ILE A 49 1.96 -0.44 7.29
CA ILE A 49 1.97 -1.90 7.30
C ILE A 49 1.87 -2.47 5.89
N SER A 50 2.94 -3.12 5.45
CA SER A 50 2.97 -3.72 4.11
C SER A 50 2.19 -5.03 4.09
N GLU A 51 1.15 -5.07 3.26
CA GLU A 51 0.31 -6.26 3.16
C GLU A 51 0.35 -6.82 1.73
N THR A 52 0.55 -8.13 1.62
CA THR A 52 0.60 -8.79 0.32
C THR A 52 -0.38 -9.95 0.26
N SER A 53 -0.63 -10.44 -0.94
CA SER A 53 -1.56 -11.56 -1.14
C SER A 53 -1.59 -11.99 -2.59
N GLU A 54 -1.52 -13.30 -2.82
CA GLU A 54 -1.54 -13.85 -4.17
C GLU A 54 -2.91 -14.43 -4.51
N GLY A 55 -3.24 -15.56 -3.89
CA GLY A 55 -4.51 -16.20 -4.13
C GLY A 55 -4.38 -17.67 -4.44
N CYS A 56 -3.52 -18.36 -3.68
CA CYS A 56 -3.30 -19.79 -3.89
C CYS A 56 -2.76 -20.44 -2.62
N LEU A 57 -1.56 -20.03 -2.21
CA LEU A 57 -0.93 -20.57 -1.01
C LEU A 57 -0.92 -22.09 -1.06
N SER A 58 -0.18 -22.64 -2.03
CA SER A 58 -0.07 -24.08 -2.19
C SER A 58 1.33 -24.57 -1.85
N GLY A 59 2.30 -23.67 -1.91
CA GLY A 59 3.68 -24.03 -1.61
C GLY A 59 3.91 -24.23 -0.13
N SER A 60 4.66 -23.32 0.47
CA SER A 60 4.97 -23.39 1.90
C SER A 60 4.38 -22.20 2.64
N CYS A 61 4.39 -21.04 2.00
CA CYS A 61 3.86 -19.83 2.61
C CYS A 61 3.67 -18.73 1.57
N LYS A 62 4.79 -18.28 0.98
CA LYS A 62 4.75 -17.24 -0.03
C LYS A 62 4.32 -17.79 -1.38
N SER A 63 4.91 -18.93 -1.77
CA SER A 63 4.58 -19.56 -3.03
C SER A 63 4.73 -18.57 -4.19
N CYS A 64 5.87 -18.63 -4.86
CA CYS A 64 6.14 -17.74 -5.99
C CYS A 64 6.77 -18.51 -7.15
N PRO A 65 5.94 -19.01 -8.09
CA PRO A 65 6.43 -19.76 -9.25
C PRO A 65 7.54 -19.03 -9.97
N GLU A 66 7.26 -17.79 -10.39
CA GLU A 66 8.24 -16.99 -11.10
C GLU A 66 7.81 -15.52 -11.15
N GLY A 67 6.93 -15.21 -12.09
CA GLY A 67 6.45 -13.85 -12.22
C GLY A 67 4.94 -13.77 -12.43
N LYS A 68 4.24 -14.84 -12.06
CA LYS A 68 2.80 -14.90 -12.21
C LYS A 68 2.13 -13.72 -11.50
N ALA A 69 1.86 -12.66 -12.26
CA ALA A 69 1.23 -11.47 -11.71
C ALA A 69 1.94 -11.02 -10.43
N ALA A 70 1.40 -9.97 -9.80
CA ALA A 70 1.96 -9.45 -8.57
C ALA A 70 1.15 -8.26 -8.05
N CYS A 71 0.62 -8.41 -6.84
CA CYS A 71 -0.17 -7.36 -6.21
C CYS A 71 0.24 -7.16 -4.76
N ARG A 72 0.73 -5.96 -4.44
CA ARG A 72 1.16 -5.64 -3.08
C ARG A 72 0.78 -4.21 -2.71
N GLN A 73 0.10 -4.06 -1.59
CA GLN A 73 -0.31 -2.75 -1.11
C GLN A 73 -0.06 -2.60 0.39
N GLU A 74 0.53 -1.48 0.78
CA GLU A 74 0.81 -1.24 2.19
C GLU A 74 -0.33 -0.49 2.86
N TRP A 75 -0.21 -0.28 4.17
CA TRP A 75 -1.20 0.43 4.93
C TRP A 75 -0.58 1.67 5.58
N TRP A 76 -1.22 2.82 5.38
CA TRP A 76 -0.70 4.05 5.95
C TRP A 76 -1.47 4.46 7.19
N ALA A 77 -0.75 4.96 8.19
CA ALA A 77 -1.39 5.38 9.44
C ALA A 77 -0.50 6.37 10.19
N LEU A 78 -1.13 7.44 10.68
CA LEU A 78 -0.42 8.48 11.41
C LEU A 78 -0.72 8.39 12.90
N ARG A 79 -0.14 9.31 13.67
CA ARG A 79 -0.35 9.34 15.11
C ARG A 79 -0.90 10.69 15.56
N MET A 1 1.32 14.39 -13.62
CA MET A 1 1.36 13.09 -12.90
C MET A 1 1.11 13.28 -11.42
N ALA A 2 0.46 12.30 -10.80
CA ALA A 2 0.16 12.35 -9.38
C ALA A 2 1.06 11.41 -8.58
N SER A 3 1.94 11.99 -7.78
CA SER A 3 2.87 11.21 -6.97
C SER A 3 2.19 10.72 -5.70
N LEU A 4 2.98 10.15 -4.79
CA LEU A 4 2.46 9.64 -3.52
C LEU A 4 1.71 10.72 -2.75
N MET A 5 1.98 11.98 -3.08
CA MET A 5 1.33 13.10 -2.42
C MET A 5 -0.19 12.98 -2.52
N GLU A 6 -0.66 12.34 -3.59
CA GLU A 6 -2.09 12.16 -3.81
C GLU A 6 -2.71 11.36 -2.67
N VAL A 7 -2.29 10.12 -2.51
CA VAL A 7 -2.80 9.26 -1.46
C VAL A 7 -2.52 9.87 -0.09
N ARG A 8 -1.39 10.55 0.02
CA ARG A 8 -0.99 11.19 1.26
C ARG A 8 -2.11 12.05 1.81
N ASP A 9 -2.55 13.01 1.03
CA ASP A 9 -3.63 13.91 1.44
C ASP A 9 -4.93 13.14 1.65
N MET A 10 -5.25 12.25 0.73
CA MET A 10 -6.47 11.44 0.82
C MET A 10 -6.60 10.82 2.21
N LEU A 11 -5.53 10.21 2.70
CA LEU A 11 -5.54 9.58 4.01
C LEU A 11 -5.48 10.62 5.11
N ALA A 12 -4.79 11.72 4.85
CA ALA A 12 -4.66 12.80 5.82
C ALA A 12 -6.04 13.26 6.31
N LEU A 13 -7.00 13.26 5.40
CA LEU A 13 -8.36 13.68 5.72
C LEU A 13 -8.89 12.91 6.93
N GLN A 14 -8.87 11.58 6.83
CA GLN A 14 -9.35 10.73 7.92
C GLN A 14 -8.19 10.06 8.65
N GLY A 15 -7.49 9.18 7.94
CA GLY A 15 -6.36 8.48 8.53
C GLY A 15 -6.65 7.01 8.77
N ARG A 16 -5.59 6.24 9.04
CA ARG A 16 -5.74 4.81 9.28
C ARG A 16 -6.43 4.12 8.12
N MET A 17 -5.72 4.03 6.99
CA MET A 17 -6.27 3.40 5.80
C MET A 17 -5.16 2.99 4.84
N GLU A 18 -5.55 2.31 3.76
CA GLU A 18 -4.60 1.87 2.74
C GLU A 18 -4.87 2.56 1.41
N ALA A 19 -3.85 2.61 0.55
CA ALA A 19 -3.99 3.24 -0.75
C ALA A 19 -4.61 2.29 -1.77
N LYS A 20 -4.59 0.99 -1.46
CA LYS A 20 -5.15 0.00 -2.35
C LYS A 20 -6.63 0.28 -2.63
N GLN A 21 -7.36 0.63 -1.57
CA GLN A 21 -8.79 0.94 -1.70
C GLN A 21 -9.02 1.96 -2.80
N LEU A 22 -8.39 3.13 -2.66
CA LEU A 22 -8.52 4.19 -3.64
C LEU A 22 -7.90 3.76 -4.98
N SER A 23 -7.04 2.76 -4.94
CA SER A 23 -6.39 2.25 -6.15
C SER A 23 -7.35 1.39 -6.95
N ALA A 24 -8.28 0.74 -6.26
CA ALA A 24 -9.26 -0.12 -6.91
C ALA A 24 -10.41 0.71 -7.48
N ARG A 25 -10.80 1.73 -6.74
CA ARG A 25 -11.89 2.61 -7.18
C ARG A 25 -11.54 3.29 -8.50
N LEU A 26 -10.27 3.64 -8.65
CA LEU A 26 -9.79 4.30 -9.87
C LEU A 26 -9.01 3.35 -10.75
N GLN A 27 -8.57 2.23 -10.18
CA GLN A 27 -7.80 1.23 -10.91
C GLN A 27 -6.44 1.79 -11.34
N THR A 28 -5.45 1.63 -10.48
CA THR A 28 -4.10 2.11 -10.76
C THR A 28 -3.06 1.05 -10.42
N PRO A 29 -1.95 0.99 -11.19
CA PRO A 29 -0.88 0.02 -10.96
C PRO A 29 -0.59 -0.19 -9.48
N GLN A 30 -1.02 -1.34 -8.96
CA GLN A 30 -0.80 -1.67 -7.55
C GLN A 30 0.67 -1.55 -7.16
N PRO A 31 1.60 -2.06 -8.01
CA PRO A 31 3.04 -2.00 -7.72
C PRO A 31 3.46 -0.62 -7.25
N LEU A 32 2.75 0.41 -7.70
CA LEU A 32 3.04 1.78 -7.32
C LEU A 32 2.50 2.08 -5.92
N ILE A 33 1.30 1.57 -5.64
CA ILE A 33 0.68 1.78 -4.35
C ILE A 33 1.64 1.44 -3.21
N ASP A 34 2.19 0.23 -3.26
CA ASP A 34 3.13 -0.22 -2.25
C ASP A 34 4.27 0.79 -2.11
N ALA A 35 4.58 1.45 -3.22
CA ALA A 35 5.64 2.45 -3.24
C ALA A 35 5.13 3.78 -2.70
N MET A 36 3.82 4.00 -2.80
CA MET A 36 3.21 5.23 -2.32
C MET A 36 3.35 5.34 -0.81
N LEU A 37 2.97 4.28 -0.11
CA LEU A 37 3.07 4.27 1.35
C LEU A 37 4.51 4.03 1.80
N GLU A 38 5.16 3.07 1.15
CA GLU A 38 6.54 2.75 1.48
C GLU A 38 7.43 3.99 1.37
N ARG A 39 7.20 4.79 0.34
CA ARG A 39 7.96 6.00 0.12
C ARG A 39 7.60 7.07 1.16
N MET A 40 6.31 7.28 1.34
CA MET A 40 5.82 8.26 2.31
C MET A 40 6.50 8.09 3.66
N GLU A 41 6.58 6.84 4.11
CA GLU A 41 7.21 6.53 5.40
C GLU A 41 8.72 6.35 5.25
N ALA A 42 9.16 6.09 4.02
CA ALA A 42 10.59 5.89 3.75
C ALA A 42 11.41 7.04 4.34
N MET A 43 10.78 8.20 4.51
CA MET A 43 11.45 9.36 5.07
C MET A 43 11.24 9.43 6.58
N GLY A 44 10.14 8.85 7.04
CA GLY A 44 9.82 8.86 8.46
C GLY A 44 8.57 9.65 8.78
N LYS A 45 7.45 9.24 8.20
CA LYS A 45 6.18 9.92 8.43
C LYS A 45 5.62 9.57 9.81
N VAL A 46 5.06 8.37 9.94
CA VAL A 46 4.50 7.93 11.21
C VAL A 46 4.54 6.41 11.34
N VAL A 47 3.48 5.72 10.90
CA VAL A 47 3.44 4.26 10.97
C VAL A 47 2.82 3.66 9.73
N ARG A 48 3.43 2.60 9.22
CA ARG A 48 2.91 1.92 8.03
C ARG A 48 2.93 0.41 8.21
N ILE A 49 2.16 -0.29 7.37
CA ILE A 49 2.08 -1.74 7.44
C ILE A 49 1.96 -2.35 6.05
N SER A 50 3.04 -2.99 5.58
CA SER A 50 3.06 -3.62 4.27
C SER A 50 2.30 -4.93 4.29
N GLU A 51 1.31 -5.05 3.40
CA GLU A 51 0.50 -6.27 3.31
C GLU A 51 0.41 -6.76 1.87
N THR A 52 0.43 -8.08 1.71
CA THR A 52 0.35 -8.69 0.38
C THR A 52 -0.82 -9.66 0.29
N SER A 53 -1.77 -9.36 -0.60
CA SER A 53 -2.93 -10.21 -0.79
C SER A 53 -3.41 -10.16 -2.24
N GLU A 54 -3.97 -11.26 -2.71
CA GLU A 54 -4.47 -11.34 -4.07
C GLU A 54 -5.33 -12.58 -4.27
N GLY A 55 -4.72 -13.76 -4.16
CA GLY A 55 -5.45 -14.99 -4.33
C GLY A 55 -5.63 -15.74 -3.03
N CYS A 56 -5.71 -15.00 -1.93
CA CYS A 56 -5.88 -15.59 -0.61
C CYS A 56 -4.74 -16.54 -0.29
N LEU A 57 -4.74 -17.07 0.94
CA LEU A 57 -3.69 -17.99 1.37
C LEU A 57 -4.02 -18.57 2.74
N SER A 58 -3.12 -19.41 3.25
CA SER A 58 -3.32 -20.04 4.55
C SER A 58 -3.01 -19.06 5.68
N GLY A 59 -2.15 -18.09 5.39
CA GLY A 59 -1.79 -17.10 6.39
C GLY A 59 -1.32 -17.74 7.69
N SER A 60 -0.45 -18.74 7.58
CA SER A 60 0.07 -19.43 8.75
C SER A 60 1.12 -18.59 9.46
N CYS A 61 1.81 -17.75 8.69
CA CYS A 61 2.86 -16.89 9.25
C CYS A 61 3.10 -15.69 8.35
N LYS A 62 4.05 -14.84 8.75
CA LYS A 62 4.38 -13.64 7.98
C LYS A 62 5.05 -14.02 6.66
N SER A 63 5.94 -14.99 6.72
CA SER A 63 6.67 -15.45 5.54
C SER A 63 5.69 -15.98 4.47
N CYS A 64 6.24 -16.40 3.34
CA CYS A 64 5.43 -16.91 2.25
C CYS A 64 5.85 -18.34 1.89
N PRO A 65 4.94 -19.13 1.28
CA PRO A 65 5.23 -20.51 0.89
C PRO A 65 6.29 -20.59 -0.19
N GLU A 66 6.43 -19.51 -0.97
CA GLU A 66 7.40 -19.47 -2.05
C GLU A 66 8.11 -18.12 -2.09
N GLY A 67 7.33 -17.06 -2.02
CA GLY A 67 7.89 -15.71 -2.05
C GLY A 67 7.52 -14.95 -3.31
N LYS A 68 7.41 -15.67 -4.42
CA LYS A 68 7.06 -15.06 -5.70
C LYS A 68 5.68 -14.44 -5.65
N ALA A 69 5.62 -13.11 -5.71
CA ALA A 69 4.34 -12.41 -5.68
C ALA A 69 4.43 -11.08 -6.41
N ALA A 70 3.30 -10.38 -6.49
CA ALA A 70 3.25 -9.09 -7.17
C ALA A 70 2.10 -8.23 -6.63
N CYS A 71 2.07 -6.98 -7.06
CA CYS A 71 1.02 -6.05 -6.62
C CYS A 71 0.93 -6.00 -5.10
N ARG A 72 1.77 -5.17 -4.50
CA ARG A 72 1.78 -5.01 -3.05
C ARG A 72 0.92 -3.83 -2.61
N GLN A 73 0.45 -3.87 -1.38
CA GLN A 73 -0.38 -2.81 -0.83
C GLN A 73 -0.14 -2.64 0.66
N GLU A 74 0.38 -1.49 1.07
CA GLU A 74 0.66 -1.24 2.48
C GLU A 74 -0.48 -0.46 3.13
N TRP A 75 -0.32 -0.20 4.42
CA TRP A 75 -1.33 0.56 5.17
C TRP A 75 -0.67 1.73 5.88
N TRP A 76 -1.08 2.94 5.53
CA TRP A 76 -0.52 4.14 6.15
C TRP A 76 -1.44 4.66 7.25
N ALA A 77 -0.85 4.93 8.41
CA ALA A 77 -1.61 5.42 9.55
C ALA A 77 -0.78 6.41 10.37
N LEU A 78 -1.46 7.39 10.94
CA LEU A 78 -0.79 8.40 11.76
C LEU A 78 -0.84 8.01 13.23
N ARG A 79 -0.34 8.90 14.08
CA ARG A 79 -0.33 8.65 15.53
C ARG A 79 -1.74 8.70 16.10
#